data_7XF0
#
_entry.id   7XF0
#
_cell.length_a   135.546
_cell.length_b   72.095
_cell.length_c   224.230
_cell.angle_alpha   90.000
_cell.angle_beta   90.840
_cell.angle_gamma   90.000
#
_symmetry.space_group_name_H-M   'I 1 2 1'
#
loop_
_entity.id
_entity.type
_entity.pdbx_description
1 polymer CasDinG
2 non-polymer "ADENOSINE-5'-TRIPHOSPHATE"
#
_entity_poly.entity_id   1
_entity_poly.type   'polypeptide(L)'
_entity_poly.pdbx_seq_one_letter_code
;MELPADALPGEGAVREVLRPLLKQAAEKTAAGKIVFAEAATGTGKGRMIASLAAAAAIKGDTVVVSAPLAVTWQLVNDMK
DIPEVRRVGLTLSLGRPNFISPQRTLEWAIDNERADLAAWIEGGGKPLSLRSMETSKVISHELCWLLEDALLLAEDLPAD
SLLLTSEDPADCPAQQLYVAMRSNYTEAGIILCSHFMLAAHTRMMQMRGLGNDEELDDEAPTGLSLPHFIDTLIVDEAHL
LEQAFASVYTHTLRLRPLMRTIEGLGSRGRKPALDALKELFTQMQVASARSTNTSLNVPLSDVPELIPALKDTVKTLGAL
PTKGMSRDARSVIRIATRAANDALSGHSRLRIEVTPVHSYPMLLSGRSNLQRALLGLWNATGGATLVSATLFTTGDNGSL
TRWKLEVPTERAAFLPPVHPAWTTAPVLLHKEFCAHEPDDSPEWATECAQTIQGVASTAQGGTLVLCTSYQNTELLAGRL
GAALGDRLIVQSKTSSAATCLAQFKAKHKAGIRPVWLGLGAAWTGIDLSDHSLPDNPELDRLLSDLVITRIPVGQNRSLT
HERRTAIGGFRIISQEAAWHFRQGLGRLVRRPGVTHKNLWVLDARIYGGAAWVAPFRQILDRYKKA
;
_entity_poly.pdbx_strand_id   C,A,B
#
loop_
_chem_comp.id
_chem_comp.type
_chem_comp.name
_chem_comp.formula
ATP non-polymer ADENOSINE-5'-TRIPHOSPHATE 'C10 H16 N5 O13 P3'
#
# COMPACT_ATOMS: atom_id res chain seq x y z
N ALA A 5 -25.64 15.11 -4.65
CA ALA A 5 -25.41 13.67 -4.47
C ALA A 5 -24.25 13.43 -3.51
N ASP A 6 -23.58 12.29 -3.69
CA ASP A 6 -22.41 11.97 -2.88
C ASP A 6 -21.18 12.77 -3.28
N ALA A 7 -21.17 13.31 -4.49
CA ALA A 7 -19.96 13.92 -5.04
C ALA A 7 -19.54 15.16 -4.26
N LEU A 8 -18.22 15.35 -4.17
CA LEU A 8 -17.65 16.52 -3.53
C LEU A 8 -17.76 17.74 -4.42
N PRO A 9 -17.71 18.94 -3.85
CA PRO A 9 -17.68 20.16 -4.66
C PRO A 9 -16.46 20.20 -5.56
N GLY A 10 -16.69 20.18 -6.87
CA GLY A 10 -15.63 20.24 -7.85
C GLY A 10 -15.21 18.91 -8.43
N GLU A 11 -15.85 17.80 -8.04
CA GLU A 11 -15.47 16.50 -8.56
C GLU A 11 -15.68 16.40 -10.06
N GLY A 12 -16.68 17.11 -10.60
CA GLY A 12 -16.92 17.08 -12.02
C GLY A 12 -15.71 17.54 -12.83
N ALA A 13 -15.01 18.57 -12.33
CA ALA A 13 -13.82 19.03 -13.03
C ALA A 13 -12.64 18.10 -12.82
N VAL A 14 -12.63 17.37 -11.71
CA VAL A 14 -11.52 16.46 -11.41
C VAL A 14 -11.46 15.35 -12.45
N ARG A 15 -10.26 15.02 -12.91
CA ARG A 15 -10.09 13.95 -13.88
C ARG A 15 -10.57 12.63 -13.31
N GLU A 16 -11.17 11.81 -14.19
CA GLU A 16 -11.77 10.56 -13.74
C GLU A 16 -10.73 9.62 -13.13
N VAL A 17 -9.53 9.60 -13.71
CA VAL A 17 -8.46 8.74 -13.21
C VAL A 17 -8.13 9.09 -11.76
N LEU A 18 -8.28 10.36 -11.39
CA LEU A 18 -8.03 10.82 -10.03
C LEU A 18 -9.24 10.74 -9.12
N ARG A 19 -10.40 10.33 -9.64
CA ARG A 19 -11.62 10.32 -8.83
C ARG A 19 -11.55 9.37 -7.63
N PRO A 20 -11.13 8.10 -7.77
CA PRO A 20 -11.06 7.25 -6.57
C PRO A 20 -10.13 7.79 -5.51
N LEU A 21 -8.88 8.08 -5.88
CA LEU A 21 -7.91 8.66 -4.95
C LEU A 21 -8.54 9.82 -4.17
N LEU A 22 -9.04 10.82 -4.89
CA LEU A 22 -9.75 11.94 -4.30
C LEU A 22 -10.71 11.49 -3.20
N LYS A 23 -11.63 10.58 -3.55
CA LYS A 23 -12.62 10.12 -2.59
C LYS A 23 -11.94 9.58 -1.34
N GLN A 24 -10.95 8.71 -1.52
CA GLN A 24 -10.21 8.19 -0.37
C GLN A 24 -9.61 9.32 0.43
N ALA A 25 -8.92 10.24 -0.25
CA ALA A 25 -8.30 11.37 0.45
C ALA A 25 -9.34 12.23 1.15
N ALA A 26 -10.59 12.20 0.68
CA ALA A 26 -11.63 12.96 1.36
C ALA A 26 -11.99 12.32 2.70
N GLU A 27 -12.05 10.99 2.74
CA GLU A 27 -12.54 10.31 3.95
C GLU A 27 -11.52 10.39 5.07
N LYS A 28 -10.31 9.89 4.82
CA LYS A 28 -9.29 9.80 5.86
C LYS A 28 -8.96 11.17 6.42
N THR A 29 -8.88 12.19 5.55
CA THR A 29 -8.63 13.54 6.01
C THR A 29 -9.74 14.03 6.93
N ALA A 30 -10.99 13.66 6.64
CA ALA A 30 -12.07 13.97 7.55
C ALA A 30 -11.91 13.22 8.87
N ALA A 31 -11.40 11.99 8.82
CA ALA A 31 -11.18 11.22 10.04
C ALA A 31 -10.14 11.87 10.93
N GLY A 32 -9.06 12.38 10.34
CA GLY A 32 -7.98 12.97 11.11
C GLY A 32 -6.64 12.45 10.66
N LYS A 33 -6.64 11.59 9.64
CA LYS A 33 -5.41 11.00 9.14
C LYS A 33 -4.64 12.03 8.33
N ILE A 34 -3.34 11.79 8.17
CA ILE A 34 -2.48 12.57 7.29
C ILE A 34 -2.22 11.72 6.06
N VAL A 35 -2.80 12.11 4.94
CA VAL A 35 -2.94 11.25 3.78
C VAL A 35 -1.79 11.49 2.81
N PHE A 36 -1.27 10.40 2.25
CA PHE A 36 -0.19 10.44 1.26
C PHE A 36 -0.78 10.04 -0.08
N ALA A 37 -1.10 11.04 -0.91
CA ALA A 37 -1.69 10.82 -2.22
C ALA A 37 -0.64 11.11 -3.29
N GLU A 38 -0.31 10.10 -4.09
CA GLU A 38 0.70 10.23 -5.14
C GLU A 38 0.03 9.95 -6.49
N ALA A 39 -0.10 10.99 -7.30
CA ALA A 39 -0.54 10.86 -8.68
C ALA A 39 0.59 11.35 -9.58
N ALA A 40 0.68 10.78 -10.77
CA ALA A 40 1.72 11.19 -11.71
C ALA A 40 1.48 12.62 -12.18
N THR A 41 2.58 13.32 -12.49
CA THR A 41 2.47 14.69 -12.98
C THR A 41 1.74 14.72 -14.31
N GLY A 42 0.80 15.65 -14.44
CA GLY A 42 -0.05 15.73 -15.61
C GLY A 42 -1.42 15.11 -15.46
N THR A 43 -1.79 14.68 -14.26
CA THR A 43 -3.08 14.05 -14.03
C THR A 43 -4.16 15.02 -13.58
N GLY A 44 -3.84 16.31 -13.50
CA GLY A 44 -4.79 17.28 -13.01
C GLY A 44 -4.94 17.25 -11.51
N LYS A 45 -3.81 17.24 -10.79
CA LYS A 45 -3.86 17.20 -9.34
C LYS A 45 -4.47 18.46 -8.75
N GLY A 46 -4.32 19.59 -9.46
CA GLY A 46 -4.84 20.85 -8.94
C GLY A 46 -6.34 20.83 -8.77
N ARG A 47 -7.05 20.19 -9.71
CA ARG A 47 -8.49 20.06 -9.57
C ARG A 47 -8.85 19.20 -8.36
N MET A 48 -8.07 18.13 -8.14
CA MET A 48 -8.27 17.31 -6.94
C MET A 48 -8.04 18.10 -5.66
N ILE A 49 -7.00 18.94 -5.64
CA ILE A 49 -6.70 19.76 -4.47
C ILE A 49 -7.82 20.76 -4.23
N ALA A 50 -8.31 21.39 -5.30
CA ALA A 50 -9.42 22.32 -5.17
C ALA A 50 -10.66 21.63 -4.64
N SER A 51 -10.95 20.43 -5.15
CA SER A 51 -12.12 19.69 -4.69
C SER A 51 -11.98 19.31 -3.22
N LEU A 52 -10.80 18.86 -2.80
CA LEU A 52 -10.58 18.50 -1.40
C LEU A 52 -10.74 19.71 -0.50
N ALA A 53 -10.14 20.84 -0.89
CA ALA A 53 -10.22 22.04 -0.08
C ALA A 53 -11.67 22.51 0.05
N ALA A 54 -12.43 22.46 -1.05
CA ALA A 54 -13.84 22.85 -0.99
C ALA A 54 -14.66 21.89 -0.14
N ALA A 55 -14.44 20.59 -0.30
CA ALA A 55 -15.20 19.61 0.48
C ALA A 55 -14.94 19.78 1.96
N ALA A 56 -13.72 20.15 2.34
CA ALA A 56 -13.46 20.45 3.74
C ALA A 56 -14.03 21.81 4.13
N ALA A 57 -14.11 22.75 3.19
CA ALA A 57 -14.40 24.13 3.53
C ALA A 57 -15.87 24.34 3.89
N ILE A 58 -16.79 23.75 3.13
CA ILE A 58 -18.22 24.00 3.37
C ILE A 58 -18.72 23.41 4.68
N LYS A 59 -17.89 22.62 5.36
CA LYS A 59 -18.23 22.10 6.67
C LYS A 59 -17.93 23.07 7.80
N GLY A 60 -17.45 24.27 7.47
CA GLY A 60 -16.98 25.21 8.47
C GLY A 60 -15.54 25.01 8.89
N ASP A 61 -14.83 24.07 8.27
CA ASP A 61 -13.44 23.81 8.62
C ASP A 61 -12.54 24.91 8.06
N THR A 62 -11.65 25.42 8.89
CA THR A 62 -10.60 26.30 8.38
C THR A 62 -9.60 25.47 7.58
N VAL A 63 -9.34 25.89 6.35
CA VAL A 63 -8.55 25.10 5.40
C VAL A 63 -7.36 25.92 4.95
N VAL A 64 -6.18 25.30 5.00
CA VAL A 64 -4.96 25.91 4.50
C VAL A 64 -4.37 25.01 3.41
N VAL A 65 -4.14 25.60 2.25
CA VAL A 65 -3.47 24.93 1.14
C VAL A 65 -2.09 25.55 1.02
N SER A 66 -1.07 24.76 1.36
CA SER A 66 0.32 25.19 1.26
C SER A 66 0.91 24.62 -0.03
N ALA A 67 1.30 25.50 -0.94
CA ALA A 67 1.85 25.10 -2.22
C ALA A 67 2.91 26.10 -2.64
N PRO A 68 3.86 25.69 -3.47
CA PRO A 68 4.80 26.67 -4.02
C PRO A 68 4.07 27.70 -4.85
N LEU A 69 4.58 28.95 -4.82
CA LEU A 69 3.94 30.04 -5.54
C LEU A 69 3.95 29.81 -7.05
N ALA A 70 4.85 28.96 -7.56
CA ALA A 70 4.93 28.71 -8.99
C ALA A 70 3.73 27.94 -9.53
N VAL A 71 2.94 27.30 -8.66
CA VAL A 71 1.73 26.59 -9.05
C VAL A 71 0.49 27.18 -8.39
N THR A 72 0.66 28.24 -7.60
CA THR A 72 -0.47 28.86 -6.92
C THR A 72 -1.47 29.44 -7.91
N TRP A 73 -0.98 29.98 -9.03
CA TRP A 73 -1.87 30.49 -10.07
C TRP A 73 -2.79 29.39 -10.58
N GLN A 74 -2.21 28.23 -10.90
CA GLN A 74 -3.03 27.12 -11.37
C GLN A 74 -4.02 26.67 -10.31
N LEU A 75 -3.58 26.66 -9.04
CA LEU A 75 -4.48 26.25 -7.97
C LEU A 75 -5.67 27.21 -7.83
N VAL A 76 -5.41 28.52 -7.89
CA VAL A 76 -6.51 29.47 -7.73
C VAL A 76 -7.44 29.41 -8.93
N ASN A 77 -6.90 29.17 -10.13
CA ASN A 77 -7.77 29.05 -11.29
C ASN A 77 -8.49 27.71 -11.37
N ASP A 78 -8.07 26.73 -10.57
CA ASP A 78 -8.88 25.54 -10.36
C ASP A 78 -9.92 25.72 -9.26
N MET A 79 -9.67 26.64 -8.31
CA MET A 79 -10.55 26.80 -7.16
C MET A 79 -11.66 27.82 -7.40
N LYS A 80 -11.33 28.95 -8.01
CA LYS A 80 -12.20 30.13 -7.98
C LYS A 80 -13.59 29.85 -8.55
N ASP A 81 -13.66 29.04 -9.62
CA ASP A 81 -14.89 28.93 -10.39
C ASP A 81 -15.98 28.11 -9.72
N ILE A 82 -15.62 27.23 -8.78
CA ILE A 82 -16.62 26.38 -8.14
C ILE A 82 -17.37 27.18 -7.07
N PRO A 83 -18.69 26.96 -6.92
CA PRO A 83 -19.49 27.85 -6.07
C PRO A 83 -19.08 27.85 -4.60
N GLU A 84 -18.64 26.71 -4.08
CA GLU A 84 -18.51 26.55 -2.63
C GLU A 84 -17.37 27.41 -2.07
N VAL A 85 -16.22 27.45 -2.75
CA VAL A 85 -15.13 28.28 -2.26
C VAL A 85 -15.48 29.76 -2.37
N ARG A 86 -16.28 30.13 -3.38
CA ARG A 86 -16.77 31.51 -3.43
C ARG A 86 -17.67 31.80 -2.24
N ARG A 87 -18.48 30.82 -1.84
CA ARG A 87 -19.33 30.98 -0.66
C ARG A 87 -18.49 31.21 0.59
N VAL A 88 -17.44 30.39 0.78
CA VAL A 88 -16.67 30.51 2.01
C VAL A 88 -15.59 31.57 1.88
N GLY A 89 -14.98 31.69 0.71
CA GLY A 89 -13.93 32.66 0.48
C GLY A 89 -12.61 31.98 0.18
N LEU A 90 -11.73 32.74 -0.49
CA LEU A 90 -10.41 32.25 -0.91
C LEU A 90 -9.43 33.41 -0.79
N THR A 91 -8.59 33.38 0.24
CA THR A 91 -7.56 34.38 0.42
C THR A 91 -6.19 33.75 0.28
N LEU A 92 -5.16 34.60 0.28
CA LEU A 92 -3.81 34.15 -0.06
C LEU A 92 -2.82 34.94 0.79
N SER A 93 -2.21 34.26 1.75
CA SER A 93 -1.38 34.91 2.76
C SER A 93 0.07 34.97 2.28
N LEU A 94 0.52 36.16 1.89
CA LEU A 94 1.90 36.39 1.47
C LEU A 94 2.64 37.05 2.62
N GLY A 95 3.20 36.23 3.50
CA GLY A 95 4.03 36.75 4.56
C GLY A 95 5.37 37.23 4.03
N ARG A 96 6.09 37.96 4.89
CA ARG A 96 7.42 38.44 4.51
C ARG A 96 8.38 37.34 4.08
N PRO A 97 8.43 36.13 4.71
CA PRO A 97 9.38 35.11 4.24
C PRO A 97 9.15 34.63 2.82
N ASN A 98 8.12 35.16 2.15
CA ASN A 98 7.91 34.88 0.73
C ASN A 98 8.72 35.81 -0.17
N PHE A 99 9.34 36.85 0.39
CA PHE A 99 9.99 37.90 -0.39
C PHE A 99 11.44 38.06 0.04
N ILE A 100 12.31 38.35 -0.93
CA ILE A 100 13.69 38.69 -0.66
C ILE A 100 13.83 40.20 -0.52
N SER A 101 14.96 40.62 0.04
CA SER A 101 15.31 42.03 0.05
C SER A 101 16.12 42.32 -1.22
N PRO A 102 15.61 43.13 -2.15
CA PRO A 102 16.35 43.35 -3.41
C PRO A 102 17.74 43.91 -3.19
N GLN A 103 17.90 44.81 -2.22
CA GLN A 103 19.20 45.43 -2.00
C GLN A 103 20.24 44.41 -1.56
N ARG A 104 19.93 43.63 -0.52
CA ARG A 104 20.88 42.65 -0.03
C ARG A 104 21.10 41.53 -1.03
N THR A 105 20.07 41.14 -1.78
CA THR A 105 20.26 40.06 -2.75
C THR A 105 21.11 40.52 -3.93
N LEU A 106 20.95 41.79 -4.34
CA LEU A 106 21.85 42.36 -5.34
C LEU A 106 23.28 42.43 -4.79
N GLU A 107 23.42 42.83 -3.53
CA GLU A 107 24.73 42.84 -2.89
C GLU A 107 25.38 41.46 -2.95
N TRP A 108 24.59 40.43 -2.64
CA TRP A 108 25.10 39.06 -2.71
C TRP A 108 25.48 38.69 -4.14
N ALA A 109 24.66 39.12 -5.11
CA ALA A 109 24.91 38.77 -6.51
C ALA A 109 26.22 39.36 -7.00
N ILE A 110 26.49 40.64 -6.69
CA ILE A 110 27.73 41.24 -7.18
C ILE A 110 28.94 40.60 -6.52
N ASP A 111 28.81 40.19 -5.25
CA ASP A 111 29.94 39.57 -4.55
C ASP A 111 30.22 38.17 -5.08
N ASN A 112 29.18 37.43 -5.45
CA ASN A 112 29.32 36.04 -5.87
C ASN A 112 29.34 35.87 -7.38
N GLU A 113 29.43 36.98 -8.13
CA GLU A 113 29.46 36.93 -9.59
C GLU A 113 28.23 36.23 -10.17
N ARG A 114 27.07 36.50 -9.57
CA ARG A 114 25.80 35.96 -10.03
C ARG A 114 25.18 36.95 -11.01
N ALA A 115 25.63 36.88 -12.26
CA ALA A 115 25.21 37.88 -13.24
C ALA A 115 23.71 37.84 -13.48
N ASP A 116 23.13 36.64 -13.59
CA ASP A 116 21.70 36.53 -13.91
C ASP A 116 20.83 37.00 -12.75
N LEU A 117 21.18 36.63 -11.52
CA LEU A 117 20.41 37.08 -10.37
C LEU A 117 20.49 38.59 -10.22
N ALA A 118 21.67 39.17 -10.45
CA ALA A 118 21.83 40.62 -10.42
C ALA A 118 20.95 41.28 -11.48
N ALA A 119 20.96 40.74 -12.70
CA ALA A 119 20.15 41.32 -13.77
C ALA A 119 18.66 41.23 -13.43
N TRP A 120 18.24 40.13 -12.83
CA TRP A 120 16.84 39.97 -12.41
C TRP A 120 16.46 41.02 -11.38
N ILE A 121 17.31 41.21 -10.38
CA ILE A 121 17.00 42.18 -9.33
C ILE A 121 16.94 43.58 -9.89
N GLU A 122 17.87 43.91 -10.78
CA GLU A 122 17.89 45.24 -11.37
C GLU A 122 16.67 45.48 -12.26
N GLY A 123 16.10 44.42 -12.84
CA GLY A 123 14.93 44.56 -13.67
C GLY A 123 13.61 44.74 -12.92
N GLY A 124 13.63 44.61 -11.60
CA GLY A 124 12.43 44.72 -10.79
C GLY A 124 11.95 43.44 -10.16
N GLY A 125 12.72 42.36 -10.22
CA GLY A 125 12.30 41.10 -9.66
C GLY A 125 11.09 40.51 -10.33
N LYS A 126 10.95 40.70 -11.64
CA LYS A 126 9.77 40.23 -12.34
C LYS A 126 9.69 38.71 -12.27
N PRO A 127 8.48 38.16 -12.20
CA PRO A 127 8.34 36.70 -12.09
C PRO A 127 8.96 35.99 -13.29
N LEU A 128 9.60 34.86 -13.02
CA LEU A 128 10.12 34.02 -14.11
C LEU A 128 9.03 33.13 -14.69
N SER A 129 8.01 32.80 -13.89
CA SER A 129 6.92 31.94 -14.31
C SER A 129 5.62 32.73 -14.25
N LEU A 130 4.92 32.79 -15.37
CA LEU A 130 3.68 33.55 -15.46
C LEU A 130 2.52 32.78 -14.86
N VAL A 138 -8.18 37.93 -7.27
CA VAL A 138 -7.65 37.31 -6.08
C VAL A 138 -6.23 37.78 -5.80
N ILE A 139 -5.43 37.84 -6.87
CA ILE A 139 -4.07 38.37 -6.80
C ILE A 139 -4.14 39.84 -7.20
N SER A 140 -3.85 40.73 -6.25
CA SER A 140 -4.05 42.16 -6.47
C SER A 140 -2.94 42.76 -7.32
N HIS A 141 -1.71 42.73 -6.81
CA HIS A 141 -0.56 43.24 -7.53
C HIS A 141 0.28 42.09 -8.07
N GLU A 142 1.14 42.40 -9.04
CA GLU A 142 2.03 41.40 -9.59
C GLU A 142 3.11 41.04 -8.57
N LEU A 143 3.30 39.73 -8.36
CA LEU A 143 4.21 39.24 -7.33
C LEU A 143 5.63 39.28 -7.85
N CYS A 144 6.39 40.29 -7.41
CA CYS A 144 7.82 40.38 -7.67
C CYS A 144 8.58 40.10 -6.37
N TRP A 145 9.91 40.05 -6.50
CA TRP A 145 10.82 39.91 -5.37
C TRP A 145 10.64 38.58 -4.65
N LEU A 146 10.11 37.56 -5.33
CA LEU A 146 9.83 36.29 -4.68
C LEU A 146 11.11 35.52 -4.40
N LEU A 147 11.18 34.93 -3.20
CA LEU A 147 12.31 34.08 -2.86
C LEU A 147 12.40 32.87 -3.78
N GLU A 148 11.25 32.36 -4.23
CA GLU A 148 11.24 31.18 -5.08
C GLU A 148 11.94 31.44 -6.42
N ASP A 149 11.68 32.60 -7.02
CA ASP A 149 12.33 32.94 -8.27
C ASP A 149 13.84 33.13 -8.08
N ALA A 150 14.24 33.77 -6.99
CA ALA A 150 15.66 33.93 -6.69
C ALA A 150 16.33 32.57 -6.49
N LEU A 151 15.63 31.64 -5.86
CA LEU A 151 16.14 30.27 -5.73
C LEU A 151 16.30 29.64 -7.10
N LEU A 152 15.35 29.87 -8.01
CA LEU A 152 15.51 29.38 -9.38
C LEU A 152 16.74 29.98 -10.04
N LEU A 153 17.02 31.25 -9.76
CA LEU A 153 18.19 31.91 -10.36
C LEU A 153 19.48 31.56 -9.64
N ALA A 154 19.42 31.25 -8.35
CA ALA A 154 20.57 30.83 -7.59
C ALA A 154 20.12 29.72 -6.65
N GLU A 155 20.53 28.49 -6.95
CA GLU A 155 20.09 27.34 -6.15
C GLU A 155 20.53 27.47 -4.70
N ASP A 156 21.70 28.06 -4.46
CA ASP A 156 22.34 28.01 -3.15
C ASP A 156 22.32 29.34 -2.40
N LEU A 157 21.47 30.28 -2.80
CA LEU A 157 21.53 31.60 -2.18
C LEU A 157 21.14 31.51 -0.71
N PRO A 158 21.80 32.24 0.17
CA PRO A 158 21.43 32.16 1.59
C PRO A 158 20.11 32.84 1.89
N ALA A 159 18.98 32.13 1.70
CA ALA A 159 17.66 32.76 1.78
C ALA A 159 17.45 33.52 3.10
N ASP A 160 17.95 32.97 4.19
CA ASP A 160 17.66 33.51 5.52
C ASP A 160 18.25 34.90 5.70
N SER A 161 19.46 35.12 5.19
CA SER A 161 20.07 36.44 5.30
C SER A 161 19.62 37.39 4.21
N LEU A 162 18.82 36.91 3.25
CA LEU A 162 18.31 37.75 2.16
C LEU A 162 16.81 37.93 2.22
N LEU A 163 16.11 37.29 3.15
CA LEU A 163 14.66 37.45 3.25
C LEU A 163 14.32 38.87 3.68
N LEU A 164 13.14 39.32 3.24
CA LEU A 164 12.63 40.64 3.62
C LEU A 164 12.28 40.62 5.10
N THR A 165 13.10 41.28 5.91
CA THR A 165 12.86 41.35 7.34
C THR A 165 11.81 42.41 7.65
N SER A 166 11.30 42.37 8.89
CA SER A 166 10.25 43.28 9.30
C SER A 166 10.71 44.73 9.35
N GLU A 167 12.00 44.98 9.56
CA GLU A 167 12.52 46.34 9.68
C GLU A 167 13.28 46.79 8.43
N ASP A 168 13.02 46.18 7.28
CA ASP A 168 13.52 46.73 6.04
C ASP A 168 12.77 48.02 5.72
N PRO A 169 13.42 48.98 5.07
CA PRO A 169 12.84 50.32 4.95
C PRO A 169 11.55 50.30 4.15
N ALA A 170 10.65 51.23 4.49
CA ALA A 170 9.38 51.31 3.80
C ALA A 170 9.53 51.62 2.32
N ASP A 171 10.63 52.26 1.91
CA ASP A 171 10.83 52.59 0.51
C ASP A 171 11.32 51.41 -0.32
N CYS A 172 11.67 50.30 0.31
CA CYS A 172 12.08 49.11 -0.42
C CYS A 172 10.92 48.59 -1.25
N PRO A 173 11.13 48.29 -2.54
CA PRO A 173 10.01 47.81 -3.37
C PRO A 173 9.39 46.52 -2.84
N ALA A 174 10.21 45.62 -2.31
CA ALA A 174 9.66 44.39 -1.72
C ALA A 174 8.80 44.70 -0.51
N GLN A 175 9.25 45.61 0.35
CA GLN A 175 8.47 46.00 1.51
C GLN A 175 7.15 46.65 1.09
N GLN A 176 7.21 47.53 0.09
CA GLN A 176 5.99 48.17 -0.41
C GLN A 176 5.01 47.15 -0.95
N LEU A 177 5.50 46.20 -1.76
CA LEU A 177 4.62 45.19 -2.33
C LEU A 177 4.04 44.29 -1.24
N TYR A 178 4.84 43.95 -0.23
CA TYR A 178 4.33 43.15 0.87
C TYR A 178 3.23 43.88 1.62
N VAL A 179 3.41 45.17 1.89
CA VAL A 179 2.39 45.94 2.60
C VAL A 179 1.12 46.05 1.76
N ALA A 180 1.27 46.27 0.45
CA ALA A 180 0.11 46.36 -0.42
C ALA A 180 -0.66 45.06 -0.46
N MET A 181 0.06 43.92 -0.54
CA MET A 181 -0.61 42.62 -0.52
C MET A 181 -1.23 42.33 0.85
N ARG A 182 -0.59 42.81 1.92
CA ARG A 182 -1.14 42.67 3.27
C ARG A 182 -2.46 43.42 3.41
N SER A 183 -2.56 44.58 2.78
CA SER A 183 -3.78 45.39 2.85
C SER A 183 -5.01 44.66 2.29
N ASN A 184 -4.83 43.51 1.64
CA ASN A 184 -5.93 42.74 1.10
C ASN A 184 -6.24 41.48 1.88
N TYR A 185 -5.41 41.11 2.86
CA TYR A 185 -5.57 39.84 3.56
C TYR A 185 -6.78 39.89 4.48
N THR A 186 -7.75 39.02 4.22
CA THR A 186 -8.95 38.87 5.04
C THR A 186 -9.10 37.40 5.39
N GLU A 187 -9.63 37.13 6.59
CA GLU A 187 -9.90 35.75 6.95
C GLU A 187 -11.05 35.24 6.10
N ALA A 188 -10.76 34.27 5.23
CA ALA A 188 -11.71 33.85 4.20
C ALA A 188 -11.99 32.36 4.20
N GLY A 189 -11.62 31.64 5.26
CA GLY A 189 -11.93 30.21 5.30
C GLY A 189 -10.94 29.32 4.58
N ILE A 190 -10.68 29.57 3.31
CA ILE A 190 -9.65 28.87 2.54
C ILE A 190 -8.48 29.82 2.36
N ILE A 191 -7.31 29.39 2.80
CA ILE A 191 -6.11 30.23 2.83
C ILE A 191 -5.02 29.53 2.04
N LEU A 192 -4.55 30.16 0.97
CA LEU A 192 -3.41 29.65 0.23
C LEU A 192 -2.13 30.30 0.76
N CYS A 193 -1.12 29.47 1.01
CA CYS A 193 0.17 29.95 1.47
C CYS A 193 1.25 29.09 0.81
N SER A 194 2.50 29.47 1.04
CA SER A 194 3.64 28.75 0.50
C SER A 194 4.20 27.78 1.54
N HIS A 195 5.08 26.90 1.08
CA HIS A 195 5.78 26.01 2.00
C HIS A 195 6.65 26.81 2.97
N PHE A 196 7.35 27.82 2.46
CA PHE A 196 8.21 28.63 3.31
C PHE A 196 7.39 29.39 4.34
N MET A 197 6.24 29.94 3.94
CA MET A 197 5.36 30.61 4.89
C MET A 197 4.85 29.64 5.95
N LEU A 198 4.48 28.43 5.55
CA LEU A 198 4.02 27.42 6.50
C LEU A 198 5.11 27.10 7.52
N ALA A 199 6.33 26.88 7.04
CA ALA A 199 7.43 26.54 7.94
C ALA A 199 7.76 27.69 8.87
N ALA A 200 7.74 28.93 8.34
CA ALA A 200 8.01 30.09 9.19
C ALA A 200 6.94 30.26 10.26
N HIS A 201 5.67 30.03 9.91
CA HIS A 201 4.61 30.14 10.90
C HIS A 201 4.72 29.05 11.95
N THR A 202 5.09 27.83 11.53
CA THR A 202 5.29 26.75 12.50
C THR A 202 6.45 27.07 13.43
N ARG A 203 7.53 27.66 12.90
CA ARG A 203 8.65 28.08 13.74
C ARG A 203 8.21 29.16 14.71
N MET A 204 7.36 30.08 14.26
CA MET A 204 6.81 31.10 15.16
C MET A 204 6.03 30.47 16.30
N MET A 205 5.15 29.51 15.97
CA MET A 205 4.34 28.88 17.00
C MET A 205 5.18 28.06 17.97
N GLN A 206 6.21 27.39 17.46
CA GLN A 206 7.12 26.64 18.34
C GLN A 206 7.84 27.56 19.31
N MET A 207 8.06 28.82 18.92
CA MET A 207 8.59 29.82 19.83
C MET A 207 7.46 30.46 20.63
N LEU A 224 1.83 39.11 9.53
CA LEU A 224 0.92 38.14 8.93
C LEU A 224 1.16 36.75 9.52
N SER A 225 0.09 35.96 9.60
CA SER A 225 0.17 34.61 10.16
C SER A 225 -1.02 33.80 9.69
N LEU A 226 -0.97 32.51 10.00
CA LEU A 226 -2.00 31.53 9.69
C LEU A 226 -2.86 31.26 10.91
N PRO A 227 -3.96 30.52 10.76
CA PRO A 227 -4.69 30.08 11.95
C PRO A 227 -3.82 29.22 12.85
N HIS A 228 -4.00 29.40 14.16
CA HIS A 228 -3.18 28.66 15.12
C HIS A 228 -3.45 27.17 15.06
N PHE A 229 -4.66 26.77 14.68
CA PHE A 229 -5.00 25.37 14.44
C PHE A 229 -5.64 25.27 13.08
N ILE A 230 -5.08 24.41 12.23
CA ILE A 230 -5.57 24.21 10.86
C ILE A 230 -6.45 22.97 10.86
N ASP A 231 -7.73 23.14 10.54
CA ASP A 231 -8.64 22.00 10.52
C ASP A 231 -8.30 21.03 9.40
N THR A 232 -7.99 21.55 8.21
CA THR A 232 -7.62 20.71 7.07
C THR A 232 -6.49 21.38 6.31
N LEU A 233 -5.41 20.63 6.09
CA LEU A 233 -4.21 21.13 5.45
C LEU A 233 -3.95 20.32 4.19
N ILE A 234 -3.98 20.98 3.04
CA ILE A 234 -3.62 20.36 1.77
C ILE A 234 -2.24 20.87 1.39
N VAL A 235 -1.25 19.99 1.39
CA VAL A 235 0.10 20.33 0.99
C VAL A 235 0.30 19.84 -0.44
N ASP A 236 0.62 20.76 -1.35
CA ASP A 236 0.91 20.42 -2.73
C ASP A 236 2.41 20.37 -2.94
N GLU A 237 2.86 19.45 -3.79
CA GLU A 237 4.29 19.18 -3.98
C GLU A 237 4.94 18.92 -2.63
N ALA A 238 4.32 18.04 -1.84
CA ALA A 238 4.73 17.80 -0.46
C ALA A 238 6.17 17.34 -0.38
N HIS A 239 6.68 16.71 -1.44
CA HIS A 239 8.07 16.27 -1.48
C HIS A 239 9.05 17.43 -1.30
N LEU A 240 8.57 18.67 -1.30
CA LEU A 240 9.41 19.84 -1.09
C LEU A 240 9.29 20.43 0.32
N LEU A 241 8.22 20.09 1.05
CA LEU A 241 7.94 20.75 2.32
C LEU A 241 9.13 20.68 3.27
N GLU A 242 9.80 19.53 3.32
CA GLU A 242 10.92 19.37 4.23
C GLU A 242 11.99 20.41 3.97
N GLN A 243 12.35 20.62 2.69
CA GLN A 243 13.32 21.65 2.37
C GLN A 243 12.89 23.00 2.93
N ALA A 244 11.61 23.34 2.75
CA ALA A 244 11.12 24.63 3.24
C ALA A 244 11.36 24.76 4.74
N PHE A 245 11.20 23.65 5.48
CA PHE A 245 11.49 23.71 6.90
C PHE A 245 12.98 23.85 7.16
N ALA A 246 13.81 23.10 6.41
CA ALA A 246 15.25 23.19 6.59
C ALA A 246 15.76 24.61 6.41
N SER A 247 15.38 25.24 5.29
CA SER A 247 15.74 26.63 5.05
C SER A 247 15.27 27.54 6.17
N VAL A 248 14.13 27.22 6.79
CA VAL A 248 13.63 28.10 7.84
C VAL A 248 14.46 27.97 9.11
N TYR A 249 15.08 26.80 9.33
CA TYR A 249 15.94 26.61 10.50
C TYR A 249 17.42 26.73 10.18
N THR A 250 17.77 27.15 8.98
CA THR A 250 19.14 27.49 8.65
C THR A 250 19.45 28.89 9.19
N HIS A 251 20.73 29.17 9.37
CA HIS A 251 21.22 30.51 9.66
C HIS A 251 22.58 30.68 9.00
N THR A 252 22.79 31.83 8.40
CA THR A 252 23.98 32.07 7.60
C THR A 252 24.65 33.35 8.09
N LEU A 253 25.92 33.25 8.44
CA LEU A 253 26.73 34.41 8.79
C LEU A 253 27.67 34.69 7.62
N ARG A 254 27.43 35.81 6.94
CA ARG A 254 28.23 36.27 5.81
C ARG A 254 29.10 37.43 6.26
N LEU A 255 30.40 37.32 6.04
CA LEU A 255 31.33 38.26 6.66
C LEU A 255 31.59 39.51 5.83
N ARG A 256 31.71 39.40 4.51
CA ARG A 256 31.99 40.59 3.71
C ARG A 256 30.90 41.64 3.81
N PRO A 257 29.61 41.33 3.62
CA PRO A 257 28.59 42.37 3.84
C PRO A 257 28.52 42.87 5.26
N LEU A 258 28.77 42.00 6.24
CA LEU A 258 28.74 42.43 7.63
C LEU A 258 29.83 43.44 7.92
N MET A 259 31.05 43.17 7.47
CA MET A 259 32.14 44.13 7.62
C MET A 259 31.85 45.41 6.86
N ARG A 260 31.32 45.29 5.64
CA ARG A 260 30.93 46.47 4.87
C ARG A 260 29.98 47.35 5.68
N THR A 261 28.98 46.73 6.31
CA THR A 261 28.03 47.49 7.11
C THR A 261 28.70 48.12 8.33
N ILE A 262 29.57 47.38 9.01
CA ILE A 262 30.19 47.89 10.23
C ILE A 262 31.07 49.10 9.94
N GLU A 263 31.87 49.03 8.87
CA GLU A 263 32.86 50.08 8.63
C GLU A 263 32.21 51.45 8.42
N GLY A 264 31.03 51.49 7.82
CA GLY A 264 30.33 52.74 7.61
C GLY A 264 29.26 53.09 8.64
N LEU A 265 29.11 52.26 9.69
CA LEU A 265 27.99 52.40 10.61
C LEU A 265 28.19 53.55 11.59
N GLY A 266 29.38 53.67 12.15
CA GLY A 266 29.69 54.64 13.18
C GLY A 266 30.95 54.23 13.91
N SER A 267 31.29 55.01 14.94
CA SER A 267 32.48 54.70 15.71
C SER A 267 32.18 54.17 17.12
N ARG A 268 30.92 54.16 17.53
CA ARG A 268 30.53 53.72 18.86
C ARG A 268 30.51 52.18 18.88
N GLY A 269 31.70 51.61 19.09
CA GLY A 269 31.86 50.17 19.09
C GLY A 269 32.21 49.55 17.76
N ARG A 270 32.81 50.30 16.84
CA ARG A 270 33.10 49.78 15.51
C ARG A 270 34.36 48.91 15.50
N LYS A 271 35.51 49.48 15.85
CA LYS A 271 36.77 48.77 15.74
C LYS A 271 36.79 47.44 16.49
N PRO A 272 36.29 47.33 17.72
CA PRO A 272 36.18 46.00 18.34
C PRO A 272 35.34 45.03 17.53
N ALA A 273 34.25 45.51 16.90
CA ALA A 273 33.43 44.62 16.08
C ALA A 273 34.17 44.16 14.84
N LEU A 274 34.88 45.07 14.17
CA LEU A 274 35.65 44.70 12.99
C LEU A 274 36.74 43.69 13.35
N ASP A 275 37.43 43.90 14.46
CA ASP A 275 38.49 42.96 14.84
C ASP A 275 37.94 41.65 15.37
N ALA A 276 36.76 41.67 16.00
CA ALA A 276 36.11 40.41 16.37
C ALA A 276 35.71 39.63 15.13
N LEU A 277 35.23 40.32 14.10
CA LEU A 277 34.91 39.65 12.84
C LEU A 277 36.16 39.10 12.17
N LYS A 278 37.26 39.84 12.23
CA LYS A 278 38.52 39.33 11.67
C LYS A 278 39.02 38.11 12.46
N GLU A 279 38.90 38.14 13.78
CA GLU A 279 39.25 36.98 14.60
C GLU A 279 38.37 35.79 14.26
N LEU A 280 37.07 36.02 14.08
CA LEU A 280 36.17 34.95 13.65
C LEU A 280 36.58 34.39 12.30
N PHE A 281 36.95 35.26 11.37
CA PHE A 281 37.37 34.82 10.05
C PHE A 281 38.63 33.96 10.13
N THR A 282 39.61 34.38 10.95
CA THR A 282 40.83 33.60 11.09
C THR A 282 40.57 32.25 11.76
N GLN A 283 39.68 32.23 12.76
CA GLN A 283 39.37 30.96 13.42
C GLN A 283 38.61 30.02 12.49
N MET A 284 37.69 30.56 11.69
CA MET A 284 37.04 29.74 10.66
C MET A 284 38.05 29.21 9.67
N GLN A 285 39.02 30.03 9.28
CA GLN A 285 40.07 29.60 8.37
C GLN A 285 40.87 28.45 8.97
N VAL A 286 41.22 28.55 10.24
CA VAL A 286 41.96 27.49 10.92
C VAL A 286 41.13 26.21 10.95
N ALA A 287 39.85 26.33 11.34
CA ALA A 287 39.00 25.15 11.47
C ALA A 287 38.81 24.45 10.12
N SER A 288 38.63 25.23 9.06
CA SER A 288 38.47 24.64 7.73
C SER A 288 39.77 24.01 7.25
N ALA A 289 40.91 24.63 7.56
CA ALA A 289 42.19 24.06 7.18
C ALA A 289 42.43 22.72 7.87
N ARG A 290 42.04 22.62 9.15
CA ARG A 290 42.27 21.39 9.89
C ARG A 290 41.35 20.25 9.45
N SER A 291 40.20 20.57 8.85
CA SER A 291 39.23 19.55 8.49
C SER A 291 39.76 18.62 7.42
N THR A 292 39.36 17.34 7.52
CA THR A 292 39.74 16.37 6.50
C THR A 292 39.14 16.74 5.14
N ASN A 293 37.88 17.20 5.13
CA ASN A 293 37.27 17.76 3.94
C ASN A 293 36.30 18.84 4.37
N THR A 294 36.09 19.82 3.49
CA THR A 294 35.33 21.01 3.85
C THR A 294 33.83 20.84 3.79
N SER A 295 33.32 19.77 3.16
CA SER A 295 31.88 19.62 2.97
C SER A 295 31.16 19.16 4.23
N LEU A 296 31.81 18.34 5.07
CA LEU A 296 31.14 17.75 6.21
C LEU A 296 30.64 18.80 7.18
N ASN A 297 29.40 18.64 7.63
CA ASN A 297 28.76 19.56 8.57
C ASN A 297 29.11 19.11 9.98
N VAL A 298 30.18 19.68 10.53
CA VAL A 298 30.65 19.33 11.87
C VAL A 298 29.81 20.04 12.91
N PRO A 299 29.61 19.46 14.09
CA PRO A 299 28.90 20.17 15.16
C PRO A 299 29.80 21.19 15.84
N LEU A 300 29.18 21.97 16.73
CA LEU A 300 29.91 23.04 17.42
C LEU A 300 31.03 22.48 18.29
N SER A 301 30.76 21.39 19.01
CA SER A 301 31.77 20.82 19.89
C SER A 301 32.98 20.34 19.11
N ASP A 302 32.79 19.98 17.84
CA ASP A 302 33.90 19.49 17.03
C ASP A 302 34.93 20.59 16.74
N VAL A 303 34.50 21.85 16.76
CA VAL A 303 35.39 22.96 16.43
C VAL A 303 35.32 24.02 17.52
N PRO A 304 35.98 23.81 18.66
CA PRO A 304 35.83 24.76 19.78
C PRO A 304 36.47 26.12 19.53
N GLU A 305 37.34 26.26 18.53
CA GLU A 305 37.99 27.55 18.29
C GLU A 305 36.96 28.63 18.01
N LEU A 306 35.82 28.27 17.45
CA LEU A 306 34.77 29.24 17.15
C LEU A 306 34.09 29.76 18.40
N ILE A 307 34.13 29.01 19.50
CA ILE A 307 33.38 29.39 20.70
C ILE A 307 33.80 30.77 21.21
N PRO A 308 35.09 31.11 21.35
CA PRO A 308 35.42 32.49 21.73
C PRO A 308 34.87 33.50 20.74
N ALA A 309 35.33 33.38 19.49
CA ALA A 309 35.02 34.38 18.46
C ALA A 309 33.53 34.68 18.42
N LEU A 310 32.72 33.66 18.08
CA LEU A 310 31.27 33.79 18.07
C LEU A 310 30.78 34.58 19.29
N LYS A 311 31.11 34.10 20.49
CA LYS A 311 30.62 34.75 21.69
C LYS A 311 30.99 36.23 21.68
N ASP A 312 32.27 36.53 21.50
CA ASP A 312 32.69 37.93 21.48
C ASP A 312 32.01 38.66 20.34
N THR A 313 31.94 38.02 19.17
CA THR A 313 31.21 38.59 18.05
C THR A 313 29.80 38.98 18.48
N VAL A 314 29.08 38.02 19.09
CA VAL A 314 27.74 38.31 19.57
C VAL A 314 27.76 39.53 20.45
N LYS A 315 28.67 39.52 21.43
CA LYS A 315 28.71 40.62 22.39
C LYS A 315 28.99 41.93 21.68
N THR A 316 29.94 41.92 20.74
CA THR A 316 30.29 43.18 20.11
C THR A 316 29.28 43.59 19.05
N LEU A 317 28.41 42.67 18.65
CA LEU A 317 27.28 43.06 17.82
C LEU A 317 26.12 43.61 18.66
N GLY A 318 26.15 43.40 19.98
CA GLY A 318 25.21 44.05 20.86
C GLY A 318 25.66 45.39 21.38
N ALA A 319 26.92 45.74 21.14
CA ALA A 319 27.50 47.01 21.58
C ALA A 319 27.37 48.09 20.52
N LEU A 320 26.38 47.98 19.64
CA LEU A 320 26.24 48.92 18.54
C LEU A 320 24.95 49.70 18.71
N PRO A 321 25.00 51.04 18.81
CA PRO A 321 23.78 51.81 19.07
C PRO A 321 22.75 51.62 17.97
N THR A 322 21.48 51.54 18.38
CA THR A 322 20.40 51.31 17.42
C THR A 322 19.94 52.62 16.78
N LYS A 323 19.64 53.63 17.59
CA LYS A 323 19.19 54.91 17.06
C LYS A 323 20.31 55.57 16.27
N GLY A 324 19.98 55.99 15.04
CA GLY A 324 20.95 56.53 14.11
C GLY A 324 21.37 55.55 13.04
N MET A 325 21.25 54.25 13.30
CA MET A 325 21.56 53.25 12.30
C MET A 325 20.62 53.37 11.11
N SER A 326 21.14 53.11 9.92
CA SER A 326 20.29 53.03 8.75
C SER A 326 19.34 51.85 8.89
N ARG A 327 18.20 51.93 8.21
CA ARG A 327 17.15 50.94 8.37
C ARG A 327 17.65 49.54 7.99
N ASP A 328 18.52 49.47 6.97
CA ASP A 328 19.11 48.23 6.48
C ASP A 328 20.19 47.67 7.41
N ALA A 329 21.04 48.55 7.94
CA ALA A 329 22.09 48.10 8.84
C ALA A 329 21.51 47.45 10.09
N ARG A 330 20.37 47.94 10.57
CA ARG A 330 19.72 47.32 11.72
C ARG A 330 19.38 45.86 11.45
N SER A 331 18.72 45.60 10.33
CA SER A 331 18.35 44.22 9.99
C SER A 331 19.59 43.37 9.74
N VAL A 332 20.61 43.93 9.09
CA VAL A 332 21.83 43.17 8.83
C VAL A 332 22.48 42.73 10.15
N ILE A 333 22.63 43.68 11.07
CA ILE A 333 23.25 43.39 12.36
C ILE A 333 22.42 42.37 13.14
N ARG A 334 21.10 42.54 13.14
CA ARG A 334 20.24 41.64 13.89
C ARG A 334 20.29 40.22 13.33
N ILE A 335 20.32 40.10 12.00
CA ILE A 335 20.39 38.78 11.39
C ILE A 335 21.75 38.14 11.66
N ALA A 336 22.82 38.93 11.67
CA ALA A 336 24.13 38.40 12.03
C ALA A 336 24.14 37.88 13.46
N THR A 337 23.53 38.63 14.38
CA THR A 337 23.44 38.17 15.76
C THR A 337 22.62 36.89 15.86
N ARG A 338 21.53 36.79 15.09
CA ARG A 338 20.73 35.57 15.08
C ARG A 338 21.55 34.38 14.62
N ALA A 339 22.31 34.56 13.52
CA ALA A 339 23.13 33.47 13.01
C ALA A 339 24.18 33.04 14.01
N ALA A 340 24.85 34.01 14.65
CA ALA A 340 25.87 33.67 15.63
C ALA A 340 25.27 32.95 16.84
N ASN A 341 24.11 33.40 17.31
CA ASN A 341 23.47 32.74 18.44
C ASN A 341 23.01 31.34 18.09
N ASP A 342 22.53 31.13 16.86
CA ASP A 342 22.20 29.78 16.44
C ASP A 342 23.44 28.89 16.38
N ALA A 343 24.55 29.43 15.88
CA ALA A 343 25.79 28.67 15.87
C ALA A 343 26.29 28.36 17.27
N LEU A 344 25.95 29.21 18.24
CA LEU A 344 26.38 29.01 19.63
C LEU A 344 25.42 28.16 20.46
N SER A 345 24.18 27.96 20.00
CA SER A 345 23.20 27.25 20.81
C SER A 345 23.64 25.82 21.10
N GLY A 346 24.43 25.22 20.21
CA GLY A 346 24.86 23.85 20.37
C GLY A 346 23.90 22.81 19.83
N HIS A 347 22.73 23.22 19.36
CA HIS A 347 21.74 22.31 18.80
C HIS A 347 21.89 22.14 17.29
N SER A 348 22.88 22.78 16.68
CA SER A 348 22.97 22.86 15.23
C SER A 348 24.34 22.41 14.74
N ARG A 349 24.35 21.90 13.51
CA ARG A 349 25.57 21.51 12.82
C ARG A 349 26.07 22.69 11.99
N LEU A 350 27.39 22.91 12.04
CA LEU A 350 28.01 24.05 11.39
C LEU A 350 28.74 23.64 10.12
N ARG A 351 28.95 24.62 9.25
CA ARG A 351 29.72 24.42 8.02
C ARG A 351 30.49 25.69 7.70
N ILE A 352 31.78 25.55 7.46
CA ILE A 352 32.68 26.66 7.18
C ILE A 352 33.02 26.65 5.70
N GLU A 353 32.97 27.82 5.06
CA GLU A 353 33.61 27.97 3.76
C GLU A 353 34.34 29.30 3.73
N VAL A 354 35.63 29.27 3.41
CA VAL A 354 36.55 30.37 3.66
C VAL A 354 37.43 30.61 2.44
N THR A 355 38.37 31.54 2.62
CA THR A 355 39.14 32.09 1.50
C THR A 355 39.91 31.06 0.67
N PRO A 356 40.56 30.04 1.24
CA PRO A 356 41.31 29.12 0.36
C PRO A 356 40.47 28.49 -0.73
N VAL A 357 39.20 28.20 -0.47
CA VAL A 357 38.32 27.56 -1.43
C VAL A 357 37.26 28.53 -1.94
N HIS A 358 36.59 29.24 -1.03
CA HIS A 358 35.44 30.07 -1.36
C HIS A 358 35.78 31.54 -1.17
N SER A 359 35.54 32.35 -2.20
CA SER A 359 35.83 33.78 -2.13
C SER A 359 34.95 34.47 -1.11
N TYR A 360 33.67 34.09 -1.05
CA TYR A 360 32.70 34.71 -0.15
C TYR A 360 32.71 33.94 1.16
N PRO A 361 33.19 34.51 2.27
CA PRO A 361 33.32 33.74 3.50
C PRO A 361 31.96 33.54 4.16
N MET A 362 31.64 32.29 4.49
CA MET A 362 30.32 31.99 5.05
C MET A 362 30.44 30.97 6.16
N LEU A 363 29.61 31.15 7.19
CA LEU A 363 29.43 30.18 8.27
C LEU A 363 27.96 29.80 8.32
N LEU A 364 27.66 28.56 7.95
CA LEU A 364 26.30 28.04 7.92
C LEU A 364 26.01 27.23 9.17
N SER A 365 24.75 27.27 9.62
CA SER A 365 24.32 26.57 10.82
C SER A 365 22.93 26.03 10.60
N GLY A 366 22.75 24.72 10.70
CA GLY A 366 21.47 24.11 10.41
C GLY A 366 21.08 23.07 11.45
N ARG A 367 19.81 22.70 11.43
CA ARG A 367 19.28 21.66 12.30
C ARG A 367 19.24 20.34 11.56
N SER A 368 19.85 19.31 12.14
CA SER A 368 19.78 17.97 11.58
C SER A 368 18.52 17.23 11.94
N ASN A 369 17.76 17.73 12.92
CA ASN A 369 16.53 17.09 13.40
C ASN A 369 15.42 18.12 13.41
N LEU A 370 14.44 17.96 12.52
CA LEU A 370 13.28 18.84 12.43
C LEU A 370 12.05 18.25 13.09
N GLN A 371 12.23 17.30 14.02
CA GLN A 371 11.10 16.58 14.59
C GLN A 371 10.21 17.48 15.43
N ARG A 372 10.81 18.35 16.26
CA ARG A 372 10.00 19.19 17.14
C ARG A 372 9.09 20.12 16.33
N ALA A 373 9.65 20.76 15.31
CA ALA A 373 8.85 21.70 14.51
C ALA A 373 7.78 21.00 13.70
N LEU A 374 8.14 19.89 13.04
CA LEU A 374 7.16 19.16 12.25
C LEU A 374 6.05 18.59 13.13
N LEU A 375 6.39 18.13 14.33
CA LEU A 375 5.38 17.73 15.28
C LEU A 375 4.47 18.91 15.61
N GLY A 376 5.05 20.05 16.03
CA GLY A 376 4.25 21.23 16.29
C GLY A 376 3.35 21.62 15.13
N LEU A 377 3.75 21.26 13.91
CA LEU A 377 2.86 21.44 12.76
C LEU A 377 1.69 20.46 12.82
N TRP A 378 1.97 19.15 12.84
CA TRP A 378 0.90 18.17 12.71
C TRP A 378 -0.03 18.15 13.92
N ASN A 379 0.48 18.52 15.11
CA ASN A 379 -0.37 18.61 16.29
C ASN A 379 -1.41 19.72 16.18
N ALA A 380 -1.18 20.71 15.33
CA ALA A 380 -2.15 21.75 15.03
C ALA A 380 -2.84 21.51 13.69
N THR A 381 -3.06 20.25 13.34
CA THR A 381 -3.69 19.89 12.06
C THR A 381 -4.73 18.83 12.33
N GLY A 382 -6.00 19.16 12.11
CA GLY A 382 -7.06 18.16 12.25
C GLY A 382 -6.90 17.03 11.25
N GLY A 383 -6.57 17.36 10.01
CA GLY A 383 -6.30 16.37 8.99
C GLY A 383 -5.51 17.00 7.87
N ALA A 384 -4.83 16.16 7.09
CA ALA A 384 -3.99 16.68 6.03
C ALA A 384 -3.96 15.72 4.85
N THR A 385 -3.70 16.28 3.67
CA THR A 385 -3.47 15.52 2.46
C THR A 385 -2.18 16.02 1.82
N LEU A 386 -1.19 15.15 1.72
CA LEU A 386 0.07 15.45 1.07
C LEU A 386 0.00 14.95 -0.36
N VAL A 387 0.25 15.83 -1.32
CA VAL A 387 0.07 15.54 -2.75
C VAL A 387 1.38 15.82 -3.45
N SER A 388 1.82 14.87 -4.26
CA SER A 388 3.03 15.02 -5.07
C SER A 388 3.07 13.88 -6.08
N ALA A 389 3.91 14.04 -7.09
CA ALA A 389 4.19 12.95 -8.02
C ALA A 389 5.21 11.97 -7.46
N THR A 390 5.92 12.34 -6.40
CA THR A 390 6.96 11.50 -5.80
C THR A 390 6.81 11.58 -4.28
N LEU A 391 6.05 10.64 -3.73
CA LEU A 391 5.91 10.50 -2.28
C LEU A 391 6.27 9.11 -1.77
N PHE A 392 6.50 8.15 -2.66
CA PHE A 392 6.67 6.76 -2.29
C PHE A 392 8.01 6.25 -2.82
N THR A 393 8.74 5.53 -1.97
CA THR A 393 10.00 4.92 -2.42
C THR A 393 9.73 3.84 -3.46
N THR A 394 8.83 2.92 -3.15
CA THR A 394 8.39 1.89 -4.09
C THR A 394 6.92 1.60 -3.78
N GLY A 395 6.14 1.37 -4.85
CA GLY A 395 4.72 1.12 -4.71
C GLY A 395 4.03 2.16 -3.85
N ASP A 396 3.41 1.70 -2.75
CA ASP A 396 2.73 2.58 -1.81
C ASP A 396 3.52 2.77 -0.51
N ASN A 397 4.83 2.60 -0.55
CA ASN A 397 5.68 2.71 0.64
C ASN A 397 6.02 4.18 0.87
N GLY A 398 5.32 4.81 1.81
CA GLY A 398 5.59 6.19 2.16
C GLY A 398 6.44 6.30 3.40
N SER A 399 7.15 5.23 3.74
CA SER A 399 7.86 5.16 5.01
C SER A 399 8.89 6.29 5.15
N LEU A 400 9.74 6.46 4.13
CA LEU A 400 10.81 7.44 4.25
C LEU A 400 10.28 8.86 4.10
N THR A 401 9.27 9.07 3.26
CA THR A 401 8.59 10.36 3.22
C THR A 401 7.92 10.66 4.55
N ARG A 402 7.24 9.66 5.13
CA ARG A 402 6.66 9.83 6.45
C ARG A 402 7.73 10.17 7.49
N TRP A 403 8.94 9.66 7.31
CA TRP A 403 10.01 9.96 8.24
C TRP A 403 10.55 11.38 8.04
N LYS A 404 10.69 11.81 6.79
CA LYS A 404 11.15 13.18 6.52
C LYS A 404 10.19 14.20 7.09
N LEU A 405 8.90 14.04 6.82
CA LEU A 405 7.89 14.97 7.30
C LEU A 405 7.51 14.72 8.75
N GLU A 406 8.06 13.66 9.35
CA GLU A 406 7.80 13.31 10.76
C GLU A 406 6.32 13.14 11.04
N VAL A 407 5.58 12.62 10.06
CA VAL A 407 4.16 12.31 10.27
C VAL A 407 4.05 11.20 11.30
N PRO A 408 3.26 11.37 12.36
CA PRO A 408 3.05 10.27 13.30
C PRO A 408 2.49 9.05 12.58
N THR A 409 3.05 7.88 12.91
CA THR A 409 2.62 6.65 12.27
C THR A 409 1.14 6.38 12.54
N GLU A 410 0.62 6.89 13.66
CA GLU A 410 -0.79 6.72 13.97
C GLU A 410 -1.67 7.33 12.89
N ARG A 411 -1.34 8.55 12.46
CA ARG A 411 -2.17 9.30 11.53
C ARG A 411 -1.80 9.08 10.07
N ALA A 412 -0.63 8.50 9.79
CA ALA A 412 -0.22 8.29 8.41
C ALA A 412 -1.16 7.30 7.72
N ALA A 413 -1.42 7.57 6.44
CA ALA A 413 -2.30 6.71 5.64
C ALA A 413 -1.87 6.83 4.20
N PHE A 414 -1.29 5.76 3.66
CA PHE A 414 -0.78 5.75 2.30
C PHE A 414 -1.86 5.21 1.36
N LEU A 415 -2.25 6.02 0.39
CA LEU A 415 -3.21 5.60 -0.63
C LEU A 415 -2.49 5.09 -1.86
N PRO A 416 -3.11 4.19 -2.62
CA PRO A 416 -2.44 3.61 -3.80
C PRO A 416 -2.03 4.69 -4.79
N PRO A 417 -0.85 4.58 -5.38
CA PRO A 417 -0.39 5.60 -6.32
C PRO A 417 -1.19 5.56 -7.61
N VAL A 418 -1.23 6.71 -8.29
CA VAL A 418 -1.95 6.86 -9.54
C VAL A 418 -0.93 7.26 -10.60
N HIS A 419 -0.46 6.28 -11.38
CA HIS A 419 0.53 6.50 -12.43
C HIS A 419 0.00 5.87 -13.71
N PRO A 420 -0.75 6.61 -14.52
CA PRO A 420 -1.36 6.04 -15.72
C PRO A 420 -0.31 5.56 -16.72
N ALA A 421 -0.78 4.76 -17.67
CA ALA A 421 0.12 4.17 -18.67
C ALA A 421 0.72 5.22 -19.60
N TRP A 422 0.09 6.38 -19.77
CA TRP A 422 0.62 7.37 -20.69
C TRP A 422 1.89 8.03 -20.16
N THR A 423 2.26 7.77 -18.90
CA THR A 423 3.52 8.26 -18.38
C THR A 423 4.71 7.52 -18.99
N THR A 424 4.52 6.26 -19.41
CA THR A 424 5.61 5.45 -19.93
C THR A 424 5.40 4.92 -21.34
N ALA A 425 4.17 4.83 -21.83
CA ALA A 425 3.93 4.27 -23.15
C ALA A 425 4.60 5.07 -24.27
N PRO A 426 4.50 6.40 -24.34
CA PRO A 426 5.15 7.12 -25.45
C PRO A 426 6.65 6.96 -25.49
N VAL A 427 7.31 6.85 -24.34
CA VAL A 427 8.77 6.91 -24.30
C VAL A 427 9.36 5.53 -24.59
N LEU A 428 10.35 5.50 -25.49
CA LEU A 428 11.08 4.28 -25.83
C LEU A 428 12.42 4.29 -25.12
N LEU A 429 12.72 3.21 -24.39
CA LEU A 429 13.94 3.11 -23.60
C LEU A 429 15.05 2.54 -24.49
N HIS A 430 16.14 3.28 -24.62
CA HIS A 430 17.25 2.89 -25.48
C HIS A 430 18.25 2.05 -24.70
N LYS A 431 18.65 0.92 -25.29
CA LYS A 431 19.56 -0.01 -24.63
C LYS A 431 21.03 0.37 -24.78
N GLU A 432 21.36 1.32 -25.65
CA GLU A 432 22.73 1.78 -25.77
C GLU A 432 23.17 2.51 -24.50
N PHE A 433 24.44 2.35 -24.14
CA PHE A 433 24.96 2.97 -22.93
C PHE A 433 26.47 3.05 -23.04
N CYS A 434 27.06 3.86 -22.15
CA CYS A 434 28.50 4.03 -22.09
C CYS A 434 29.11 2.97 -21.17
N ALA A 435 30.02 2.16 -21.72
CA ALA A 435 30.56 1.03 -20.97
C ALA A 435 31.45 1.48 -19.83
N HIS A 436 32.16 2.60 -19.99
CA HIS A 436 33.01 3.11 -18.92
C HIS A 436 32.16 3.54 -17.73
N GLU A 437 32.58 3.12 -16.54
CA GLU A 437 31.87 3.51 -15.33
C GLU A 437 32.04 5.02 -15.08
N PRO A 438 31.08 5.64 -14.39
CA PRO A 438 31.20 7.08 -14.12
C PRO A 438 32.24 7.39 -13.06
N ASP A 439 33.50 7.51 -13.50
CA ASP A 439 34.64 7.65 -12.60
C ASP A 439 35.07 9.10 -12.40
N ASP A 440 34.30 10.07 -12.90
CA ASP A 440 34.65 11.49 -12.89
C ASP A 440 35.94 11.78 -13.66
N SER A 441 36.33 10.89 -14.56
CA SER A 441 37.62 10.99 -15.23
C SER A 441 37.45 11.32 -16.70
N PRO A 442 38.47 11.92 -17.33
CA PRO A 442 38.40 12.17 -18.77
C PRO A 442 38.17 10.90 -19.59
N GLU A 443 38.72 9.76 -19.15
CA GLU A 443 38.48 8.50 -19.86
C GLU A 443 36.99 8.21 -19.94
N TRP A 444 36.27 8.39 -18.83
CA TRP A 444 34.81 8.31 -18.88
C TRP A 444 34.23 9.39 -19.77
N ALA A 445 34.72 10.62 -19.61
CA ALA A 445 34.09 11.78 -20.22
C ALA A 445 34.05 11.68 -21.74
N THR A 446 35.16 11.24 -22.36
CA THR A 446 35.18 11.14 -23.81
C THR A 446 34.17 10.13 -24.34
N GLU A 447 34.05 8.97 -23.69
CA GLU A 447 33.11 7.96 -24.19
C GLU A 447 31.66 8.36 -23.91
N CYS A 448 31.40 8.95 -22.74
CA CYS A 448 30.06 9.46 -22.46
C CYS A 448 29.69 10.53 -23.47
N ALA A 449 30.65 11.41 -23.80
CA ALA A 449 30.44 12.42 -24.82
C ALA A 449 30.22 11.81 -26.20
N GLN A 450 30.87 10.68 -26.48
CA GLN A 450 30.68 10.01 -27.75
C GLN A 450 29.25 9.48 -27.89
N THR A 451 28.77 8.79 -26.85
CA THR A 451 27.39 8.30 -26.87
C THR A 451 26.40 9.45 -26.90
N ILE A 452 26.71 10.54 -26.18
CA ILE A 452 25.84 11.71 -26.19
C ILE A 452 25.83 12.34 -27.58
N GLN A 453 26.97 12.31 -28.27
CA GLN A 453 27.03 12.80 -29.65
C GLN A 453 26.15 11.97 -30.57
N GLY A 454 26.21 10.65 -30.42
CA GLY A 454 25.32 9.79 -31.18
C GLY A 454 23.86 10.10 -30.89
N VAL A 455 23.56 10.43 -29.63
CA VAL A 455 22.19 10.80 -29.26
C VAL A 455 21.80 12.13 -29.89
N ALA A 456 22.69 13.11 -29.86
CA ALA A 456 22.37 14.44 -30.36
C ALA A 456 22.26 14.45 -31.88
N SER A 457 22.92 13.51 -32.55
CA SER A 457 22.77 13.40 -34.00
C SER A 457 21.34 13.02 -34.38
N THR A 458 20.72 12.14 -33.59
CA THR A 458 19.39 11.63 -33.90
C THR A 458 18.26 12.39 -33.22
N ALA A 459 18.56 13.37 -32.38
CA ALA A 459 17.52 14.04 -31.62
C ALA A 459 16.59 14.81 -32.54
N GLN A 460 15.29 14.58 -32.38
CA GLN A 460 14.28 15.32 -33.14
C GLN A 460 13.99 16.69 -32.54
N GLY A 461 14.27 16.87 -31.26
CA GLY A 461 14.03 18.14 -30.59
C GLY A 461 15.09 18.42 -29.57
N GLY A 462 14.67 18.89 -28.40
CA GLY A 462 15.63 19.16 -27.35
C GLY A 462 16.14 17.89 -26.69
N THR A 463 17.37 17.98 -26.19
CA THR A 463 18.02 16.89 -25.47
C THR A 463 18.43 17.40 -24.10
N LEU A 464 18.10 16.64 -23.05
CA LEU A 464 18.44 17.00 -21.68
C LEU A 464 19.38 15.95 -21.11
N VAL A 465 20.65 16.30 -20.94
CA VAL A 465 21.64 15.41 -20.37
C VAL A 465 21.80 15.78 -18.90
N LEU A 466 21.31 14.92 -18.01
CA LEU A 466 21.37 15.16 -16.58
C LEU A 466 22.67 14.61 -16.01
N CYS A 467 23.41 15.45 -15.31
CA CYS A 467 24.63 15.07 -14.61
C CYS A 467 24.48 15.39 -13.14
N THR A 468 25.30 14.74 -12.31
CA THR A 468 25.21 14.91 -10.87
C THR A 468 26.14 15.98 -10.31
N SER A 469 27.23 16.30 -10.99
CA SER A 469 28.19 17.26 -10.48
C SER A 469 28.57 18.25 -11.57
N TYR A 470 29.01 19.44 -11.13
CA TYR A 470 29.57 20.41 -12.06
C TYR A 470 30.84 19.89 -12.70
N GLN A 471 31.59 19.06 -11.97
CA GLN A 471 32.80 18.48 -12.52
C GLN A 471 32.49 17.72 -13.81
N ASN A 472 31.49 16.83 -13.76
CA ASN A 472 31.09 16.10 -14.95
C ASN A 472 30.51 17.03 -16.02
N THR A 473 29.76 18.05 -15.60
CA THR A 473 29.15 18.95 -16.57
C THR A 473 30.20 19.67 -17.40
N GLU A 474 31.18 20.27 -16.74
CA GLU A 474 32.24 20.98 -17.46
C GLU A 474 33.16 20.02 -18.19
N LEU A 475 33.40 18.83 -17.64
CA LEU A 475 34.17 17.81 -18.35
C LEU A 475 33.51 17.45 -19.67
N LEU A 476 32.20 17.20 -19.64
CA LEU A 476 31.46 16.90 -20.86
C LEU A 476 31.48 18.08 -21.81
N ALA A 477 31.27 19.29 -21.30
CA ALA A 477 31.28 20.48 -22.14
C ALA A 477 32.61 20.63 -22.86
N GLY A 478 33.71 20.26 -22.20
CA GLY A 478 35.00 20.32 -22.84
C GLY A 478 35.10 19.44 -24.07
N ARG A 479 34.61 18.20 -23.97
CA ARG A 479 34.69 17.23 -25.06
C ARG A 479 33.48 17.30 -26.00
N LEU A 480 32.51 18.17 -25.72
CA LEU A 480 31.27 18.24 -26.46
C LEU A 480 31.02 19.59 -27.12
N GLY A 481 31.75 20.64 -26.74
CA GLY A 481 31.42 21.98 -27.21
C GLY A 481 31.61 22.16 -28.70
N ALA A 482 32.67 21.59 -29.26
CA ALA A 482 33.03 21.87 -30.65
C ALA A 482 31.95 21.39 -31.61
N ALA A 483 31.48 20.15 -31.42
CA ALA A 483 30.56 19.56 -32.39
C ALA A 483 29.17 20.20 -32.31
N LEU A 484 28.66 20.39 -31.10
CA LEU A 484 27.32 20.96 -30.95
C LEU A 484 27.28 22.46 -31.17
N GLY A 485 28.37 23.17 -30.90
CA GLY A 485 28.42 24.59 -31.21
C GLY A 485 27.37 25.37 -30.46
N ASP A 486 26.52 26.07 -31.21
CA ASP A 486 25.49 26.92 -30.60
C ASP A 486 24.38 26.09 -29.94
N ARG A 487 24.27 24.81 -30.27
CA ARG A 487 23.26 23.97 -29.64
C ARG A 487 23.52 23.82 -28.15
N LEU A 488 24.78 23.63 -27.77
CA LEU A 488 25.13 23.22 -26.41
C LEU A 488 24.82 24.31 -25.39
N ILE A 489 24.27 23.91 -24.25
CA ILE A 489 23.98 24.81 -23.14
C ILE A 489 24.56 24.19 -21.87
N VAL A 490 25.57 24.84 -21.30
CA VAL A 490 26.20 24.40 -20.05
C VAL A 490 25.45 25.04 -18.89
N GLN A 491 25.31 24.28 -17.80
CA GLN A 491 24.83 24.79 -16.53
C GLN A 491 26.01 24.92 -15.57
N SER A 492 26.08 26.05 -14.88
CA SER A 492 27.17 26.31 -13.96
C SER A 492 26.66 27.16 -12.80
N LYS A 493 27.55 27.46 -11.86
CA LYS A 493 27.25 28.49 -10.86
C LYS A 493 26.93 29.80 -11.56
N THR A 494 27.65 30.11 -12.64
CA THR A 494 27.43 31.36 -13.37
C THR A 494 26.14 31.31 -14.18
N SER A 495 25.84 30.17 -14.80
CA SER A 495 24.64 30.02 -15.64
C SER A 495 23.69 29.05 -14.95
N SER A 496 22.60 29.58 -14.41
CA SER A 496 21.73 28.83 -13.52
C SER A 496 20.75 27.95 -14.29
N ALA A 497 19.95 27.18 -13.54
CA ALA A 497 18.97 26.30 -14.15
C ALA A 497 17.87 27.08 -14.85
N ALA A 498 17.42 28.19 -14.26
CA ALA A 498 16.37 28.99 -14.89
C ALA A 498 16.88 29.65 -16.17
N THR A 499 18.10 30.19 -16.14
CA THR A 499 18.66 30.79 -17.34
C THR A 499 18.86 29.73 -18.43
N CYS A 500 19.32 28.54 -18.04
CA CYS A 500 19.47 27.47 -19.02
C CYS A 500 18.11 27.03 -19.57
N LEU A 501 17.07 27.05 -18.74
CA LEU A 501 15.73 26.75 -19.22
C LEU A 501 15.26 27.78 -20.26
N ALA A 502 15.50 29.06 -19.97
CA ALA A 502 15.12 30.10 -20.91
C ALA A 502 15.86 29.94 -22.23
N GLN A 503 17.17 29.69 -22.15
CA GLN A 503 17.96 29.48 -23.37
C GLN A 503 17.49 28.24 -24.12
N PHE A 504 17.16 27.17 -23.40
CA PHE A 504 16.70 25.94 -24.03
C PHE A 504 15.42 26.17 -24.81
N LYS A 505 14.46 26.84 -24.18
CA LYS A 505 13.20 27.14 -24.87
C LYS A 505 13.42 28.06 -26.06
N ALA A 506 14.25 29.09 -25.89
CA ALA A 506 14.49 30.03 -26.98
C ALA A 506 15.18 29.35 -28.16
N LYS A 507 16.15 28.48 -27.88
CA LYS A 507 16.85 27.76 -28.94
C LYS A 507 15.92 26.79 -29.64
N HIS A 508 15.05 26.10 -28.91
CA HIS A 508 14.11 25.20 -29.55
C HIS A 508 13.14 25.97 -30.43
N LYS A 509 12.70 27.15 -29.99
CA LYS A 509 11.84 27.99 -30.81
C LYS A 509 12.54 28.39 -32.11
N ALA A 510 13.87 28.51 -32.10
CA ALA A 510 14.63 28.95 -33.25
C ALA A 510 14.92 27.82 -34.24
N GLY A 511 14.54 26.58 -33.94
CA GLY A 511 14.72 25.48 -34.84
C GLY A 511 15.94 24.63 -34.58
N ILE A 512 16.97 25.18 -33.93
CA ILE A 512 18.09 24.36 -33.52
C ILE A 512 17.65 23.40 -32.42
N ARG A 513 18.38 22.29 -32.29
CA ARG A 513 18.02 21.21 -31.38
C ARG A 513 18.99 21.23 -30.20
N PRO A 514 18.71 22.04 -29.17
CA PRO A 514 19.70 22.24 -28.11
C PRO A 514 19.92 20.98 -27.29
N VAL A 515 21.13 20.86 -26.76
CA VAL A 515 21.46 19.86 -25.75
C VAL A 515 21.83 20.61 -24.48
N TRP A 516 21.22 20.22 -23.37
CA TRP A 516 21.32 20.90 -22.08
C TRP A 516 22.09 20.00 -21.14
N LEU A 517 23.36 20.34 -20.88
CA LEU A 517 24.13 19.66 -19.84
C LEU A 517 23.67 20.23 -18.51
N GLY A 518 22.60 19.67 -17.97
CA GLY A 518 21.94 20.18 -16.79
C GLY A 518 22.23 19.38 -15.54
N LEU A 519 21.91 20.00 -14.40
CA LEU A 519 22.13 19.38 -13.10
C LEU A 519 21.29 20.13 -12.08
N GLY A 520 21.19 19.55 -10.88
CA GLY A 520 20.46 20.16 -9.79
C GLY A 520 18.97 20.28 -10.06
N ALA A 521 18.49 21.52 -10.20
CA ALA A 521 17.07 21.74 -10.44
C ALA A 521 16.61 21.15 -11.76
N ALA A 522 17.53 20.87 -12.69
CA ALA A 522 17.15 20.17 -13.91
C ALA A 522 16.62 18.79 -13.61
N TRP A 523 17.16 18.14 -12.57
CA TRP A 523 16.67 16.82 -12.18
C TRP A 523 15.23 16.86 -11.68
N THR A 524 14.87 17.91 -10.93
CA THR A 524 13.64 17.88 -10.13
C THR A 524 12.75 19.10 -10.27
N GLY A 525 13.15 20.13 -10.99
CA GLY A 525 12.41 21.38 -10.89
C GLY A 525 12.08 22.12 -12.17
N ILE A 526 12.23 21.49 -13.34
CA ILE A 526 11.98 22.14 -14.61
C ILE A 526 10.88 21.40 -15.35
N ASP A 527 9.94 22.14 -15.91
CA ASP A 527 8.86 21.59 -16.74
C ASP A 527 9.24 21.84 -18.19
N LEU A 528 9.68 20.77 -18.87
CA LEU A 528 10.04 20.86 -20.28
C LEU A 528 8.82 20.54 -21.14
N SER A 529 7.85 21.45 -21.09
CA SER A 529 6.65 21.38 -21.91
C SER A 529 6.60 22.59 -22.81
N ASP A 530 6.44 22.36 -24.11
CA ASP A 530 6.26 23.47 -25.05
C ASP A 530 4.98 24.22 -24.71
N HIS A 531 5.11 25.51 -24.41
CA HIS A 531 3.95 26.33 -24.12
C HIS A 531 3.42 27.05 -25.35
N SER A 532 4.07 26.88 -26.49
CA SER A 532 3.49 27.23 -27.78
C SER A 532 2.65 26.11 -28.36
N LEU A 533 2.55 24.98 -27.64
CA LEU A 533 1.73 23.84 -28.06
C LEU A 533 0.90 23.34 -26.89
N PRO A 534 0.01 24.20 -26.33
CA PRO A 534 -0.72 23.80 -25.11
C PRO A 534 -1.74 22.69 -25.38
N ASP A 535 -2.52 22.84 -26.44
CA ASP A 535 -3.58 21.91 -26.77
C ASP A 535 -3.15 20.88 -27.81
N ASN A 536 -1.86 20.77 -28.09
CA ASN A 536 -1.33 19.83 -29.08
C ASN A 536 -0.16 19.06 -28.48
N PRO A 537 -0.44 18.19 -27.50
CA PRO A 537 0.65 17.43 -26.87
C PRO A 537 1.40 16.53 -27.84
N GLU A 538 0.74 16.06 -28.89
CA GLU A 538 1.36 15.11 -29.81
C GLU A 538 2.53 15.72 -30.56
N LEU A 539 2.52 17.03 -30.77
CA LEU A 539 3.57 17.70 -31.52
C LEU A 539 4.69 18.23 -30.62
N ASP A 540 4.59 18.04 -29.31
CA ASP A 540 5.55 18.61 -28.38
C ASP A 540 6.89 17.91 -28.52
N ARG A 541 7.91 18.64 -28.96
CA ARG A 541 9.27 18.11 -29.07
C ARG A 541 10.28 18.98 -28.32
N LEU A 542 9.82 19.75 -27.33
CA LEU A 542 10.75 20.59 -26.57
C LEU A 542 11.84 19.75 -25.93
N LEU A 543 11.48 18.58 -25.40
CA LEU A 543 12.42 17.61 -24.90
C LEU A 543 12.08 16.27 -25.54
N SER A 544 12.92 15.81 -26.46
CA SER A 544 12.71 14.54 -27.14
C SER A 544 13.57 13.42 -26.58
N ASP A 545 14.80 13.73 -26.18
CA ASP A 545 15.73 12.74 -25.64
C ASP A 545 16.19 13.19 -24.26
N LEU A 546 15.93 12.34 -23.25
CA LEU A 546 16.41 12.54 -21.89
C LEU A 546 17.51 11.51 -21.63
N VAL A 547 18.69 12.00 -21.24
CA VAL A 547 19.87 11.17 -21.09
C VAL A 547 20.40 11.30 -19.67
N ILE A 548 20.35 10.20 -18.93
CA ILE A 548 20.88 10.12 -17.57
C ILE A 548 22.31 9.63 -17.65
N THR A 549 23.28 10.50 -17.32
CA THR A 549 24.68 10.11 -17.38
C THR A 549 25.02 9.09 -16.32
N ARG A 550 24.52 9.27 -15.10
CA ARG A 550 24.83 8.34 -14.02
C ARG A 550 23.72 8.39 -12.98
N ILE A 551 23.65 7.32 -12.19
CA ILE A 551 22.67 7.23 -11.11
C ILE A 551 22.93 8.33 -10.10
N PRO A 552 21.90 9.07 -9.67
CA PRO A 552 22.13 10.20 -8.75
C PRO A 552 22.24 9.76 -7.29
N VAL A 553 23.27 8.96 -7.00
CA VAL A 553 23.55 8.53 -5.63
C VAL A 553 24.20 9.68 -4.87
N GLY A 554 23.79 9.85 -3.62
CA GLY A 554 24.40 10.87 -2.77
C GLY A 554 24.19 12.28 -3.27
N GLN A 555 23.08 12.54 -3.93
CA GLN A 555 22.80 13.90 -4.39
C GLN A 555 22.20 14.76 -3.29
N ASN A 556 21.46 14.15 -2.36
CA ASN A 556 20.86 14.88 -1.26
C ASN A 556 21.95 15.23 -0.24
N ARG A 557 22.04 16.52 0.09
CA ARG A 557 23.05 17.02 1.02
C ARG A 557 22.45 17.59 2.30
N SER A 558 21.17 17.34 2.55
CA SER A 558 20.51 17.91 3.72
C SER A 558 21.08 17.35 5.01
N LEU A 559 21.03 18.17 6.06
CA LEU A 559 21.43 17.69 7.38
C LEU A 559 20.53 16.56 7.85
N THR A 560 19.22 16.71 7.61
CA THR A 560 18.29 15.64 7.94
C THR A 560 18.61 14.36 7.18
N HIS A 561 19.10 14.48 5.95
CA HIS A 561 19.51 13.29 5.22
C HIS A 561 20.76 12.66 5.82
N GLU A 562 21.70 13.49 6.28
CA GLU A 562 22.86 12.94 7.00
C GLU A 562 22.42 12.13 8.20
N ARG A 563 21.52 12.70 9.02
CA ARG A 563 21.03 11.98 10.18
C ARG A 563 20.28 10.71 9.78
N ARG A 564 19.44 10.80 8.75
CA ARG A 564 18.65 9.66 8.33
C ARG A 564 19.52 8.53 7.81
N THR A 565 20.55 8.87 7.04
CA THR A 565 21.49 7.86 6.56
C THR A 565 22.26 7.24 7.72
N ALA A 566 22.70 8.05 8.68
CA ALA A 566 23.40 7.52 9.83
C ALA A 566 22.53 6.54 10.61
N ILE A 567 21.25 6.87 10.78
CA ILE A 567 20.37 6.01 11.56
C ILE A 567 19.99 4.75 10.78
N GLY A 568 19.66 4.89 9.50
CA GLY A 568 19.06 3.81 8.75
C GLY A 568 19.95 3.04 7.81
N GLY A 569 21.20 3.45 7.65
CA GLY A 569 22.13 2.72 6.80
C GLY A 569 21.99 3.07 5.33
N PHE A 570 22.57 2.21 4.49
CA PHE A 570 22.61 2.46 3.05
C PHE A 570 21.23 2.40 2.40
N ARG A 571 20.23 1.83 3.09
CA ARG A 571 18.89 1.80 2.51
C ARG A 571 18.35 3.21 2.28
N ILE A 572 18.65 4.13 3.21
CA ILE A 572 18.23 5.51 3.05
C ILE A 572 18.88 6.15 1.83
N ILE A 573 20.18 5.90 1.64
CA ILE A 573 20.89 6.43 0.48
C ILE A 573 20.27 5.88 -0.80
N SER A 574 20.03 4.56 -0.83
CA SER A 574 19.48 3.94 -2.04
C SER A 574 18.09 4.48 -2.35
N GLN A 575 17.26 4.68 -1.31
CA GLN A 575 15.90 5.16 -1.53
C GLN A 575 15.88 6.61 -2.02
N GLU A 576 16.69 7.47 -1.39
CA GLU A 576 16.76 8.86 -1.83
C GLU A 576 17.28 8.95 -3.26
N ALA A 577 18.31 8.17 -3.58
CA ALA A 577 18.81 8.14 -4.95
C ALA A 577 17.74 7.61 -5.91
N ALA A 578 16.94 6.63 -5.46
CA ALA A 578 15.92 6.06 -6.31
C ALA A 578 14.88 7.07 -6.71
N TRP A 579 14.41 7.89 -5.76
CA TRP A 579 13.39 8.84 -6.21
C TRP A 579 13.96 10.15 -6.74
N HIS A 580 15.24 10.45 -6.50
CA HIS A 580 15.89 11.47 -7.33
C HIS A 580 15.94 11.00 -8.78
N PHE A 581 16.24 9.72 -8.99
CA PHE A 581 16.15 9.09 -10.31
C PHE A 581 14.75 9.18 -10.87
N ARG A 582 13.73 8.91 -10.04
CA ARG A 582 12.32 8.95 -10.49
C ARG A 582 11.95 10.36 -10.93
N GLN A 583 12.35 11.39 -10.19
CA GLN A 583 12.06 12.76 -10.61
C GLN A 583 12.80 13.09 -11.90
N GLY A 584 14.06 12.65 -12.01
CA GLY A 584 14.80 12.86 -13.25
C GLY A 584 14.10 12.26 -14.45
N LEU A 585 13.60 11.04 -14.32
CA LEU A 585 12.81 10.46 -15.40
C LEU A 585 11.50 11.21 -15.61
N GLY A 586 10.91 11.71 -14.52
CA GLY A 586 9.71 12.52 -14.61
C GLY A 586 9.90 13.83 -15.34
N ARG A 587 11.15 14.23 -15.58
CA ARG A 587 11.40 15.35 -16.49
C ARG A 587 10.79 15.11 -17.87
N LEU A 588 10.68 13.84 -18.30
CA LEU A 588 10.43 13.54 -19.70
C LEU A 588 8.97 13.74 -20.10
N VAL A 589 8.07 12.97 -19.49
CA VAL A 589 6.64 13.03 -19.83
C VAL A 589 5.92 13.88 -18.80
N ARG A 590 5.24 14.93 -19.28
CA ARG A 590 4.60 15.89 -18.40
C ARG A 590 3.08 15.90 -18.51
N ARG A 591 2.52 15.25 -19.52
CA ARG A 591 1.09 15.29 -19.77
C ARG A 591 0.74 14.19 -20.76
N PRO A 592 -0.50 13.71 -20.75
CA PRO A 592 -0.89 12.72 -21.76
C PRO A 592 -0.91 13.32 -23.15
N GLY A 593 -0.58 12.49 -24.13
CA GLY A 593 -0.59 12.87 -25.52
C GLY A 593 0.78 13.00 -26.15
N VAL A 594 1.84 13.14 -25.36
CA VAL A 594 3.18 13.25 -25.93
C VAL A 594 3.54 11.94 -26.64
N THR A 595 4.52 12.03 -27.53
CA THR A 595 4.91 10.88 -28.33
C THR A 595 6.37 11.02 -28.75
N HIS A 596 6.94 9.90 -29.18
CA HIS A 596 8.31 9.85 -29.69
C HIS A 596 9.30 10.42 -28.68
N LYS A 597 9.08 10.12 -27.41
CA LYS A 597 10.03 10.47 -26.34
C LYS A 597 11.07 9.36 -26.24
N ASN A 598 12.33 9.75 -26.05
CA ASN A 598 13.43 8.82 -25.96
C ASN A 598 14.13 8.95 -24.63
N LEU A 599 14.45 7.81 -24.02
CA LEU A 599 15.11 7.77 -22.73
C LEU A 599 16.38 6.94 -22.85
N TRP A 600 17.52 7.57 -22.61
CA TRP A 600 18.81 6.90 -22.53
C TRP A 600 19.31 7.02 -21.10
N VAL A 601 19.79 5.92 -20.54
CA VAL A 601 20.46 5.92 -19.25
C VAL A 601 21.83 5.28 -19.44
N LEU A 602 22.87 6.11 -19.41
CA LEU A 602 24.20 5.70 -19.84
C LEU A 602 25.07 5.19 -18.70
N ASP A 603 24.54 5.12 -17.48
CA ASP A 603 25.33 4.64 -16.36
C ASP A 603 25.61 3.15 -16.55
N ALA A 604 26.89 2.79 -16.61
CA ALA A 604 27.26 1.39 -16.85
C ALA A 604 26.84 0.49 -15.70
N ARG A 605 26.82 1.01 -14.48
CA ARG A 605 26.46 0.20 -13.31
C ARG A 605 25.04 -0.31 -13.38
N ILE A 606 24.17 0.32 -14.17
CA ILE A 606 22.80 -0.16 -14.34
C ILE A 606 22.81 -1.53 -15.00
N TYR A 607 23.64 -1.72 -16.02
CA TYR A 607 23.68 -2.95 -16.79
C TYR A 607 24.67 -3.97 -16.23
N GLY A 608 25.37 -3.63 -15.15
CA GLY A 608 26.06 -4.63 -14.38
C GLY A 608 25.11 -5.45 -13.54
N GLY A 609 25.64 -6.49 -12.91
CA GLY A 609 24.80 -7.39 -12.14
C GLY A 609 24.59 -7.02 -10.70
N ALA A 610 25.08 -5.87 -10.25
CA ALA A 610 25.04 -5.52 -8.84
C ALA A 610 23.60 -5.42 -8.34
N ALA A 611 23.40 -5.87 -7.10
CA ALA A 611 22.07 -5.83 -6.49
C ALA A 611 21.68 -4.43 -6.02
N TRP A 612 22.65 -3.55 -5.76
CA TRP A 612 22.32 -2.22 -5.28
C TRP A 612 21.63 -1.36 -6.33
N VAL A 613 21.75 -1.72 -7.62
CA VAL A 613 21.00 -1.04 -8.66
C VAL A 613 19.64 -1.69 -8.90
N ALA A 614 19.30 -2.75 -8.16
CA ALA A 614 18.03 -3.44 -8.38
C ALA A 614 16.82 -2.53 -8.24
N PRO A 615 16.73 -1.60 -7.27
CA PRO A 615 15.60 -0.65 -7.29
C PRO A 615 15.52 0.13 -8.59
N PHE A 616 16.63 0.71 -9.03
CA PHE A 616 16.61 1.54 -10.24
C PHE A 616 16.14 0.74 -11.45
N ARG A 617 16.70 -0.46 -11.64
CA ARG A 617 16.24 -1.32 -12.71
C ARG A 617 14.73 -1.52 -12.64
N GLN A 618 14.21 -1.73 -11.43
CA GLN A 618 12.77 -1.88 -11.25
C GLN A 618 12.02 -0.71 -11.90
N ILE A 619 12.45 0.51 -11.59
CA ILE A 619 11.84 1.69 -12.21
C ILE A 619 11.96 1.59 -13.73
N LEU A 620 13.18 1.31 -14.20
CA LEU A 620 13.41 1.21 -15.64
C LEU A 620 12.61 0.08 -16.27
N ASP A 621 12.17 -0.89 -15.47
CA ASP A 621 11.40 -1.98 -16.03
C ASP A 621 9.99 -1.58 -16.42
N ARG A 622 9.51 -0.41 -15.97
CA ARG A 622 8.22 0.05 -16.44
C ARG A 622 8.30 0.58 -17.87
N TYR A 623 9.45 1.16 -18.24
CA TYR A 623 9.70 1.57 -19.60
C TYR A 623 10.06 0.34 -20.43
N LYS A 624 9.41 0.17 -21.57
CA LYS A 624 9.43 -1.09 -22.28
C LYS A 624 10.01 -0.92 -23.69
N LYS A 625 10.77 -1.92 -24.13
CA LYS A 625 11.62 -1.85 -25.33
C LYS A 625 12.51 -0.61 -25.26
N LEU B 8 26.69 2.20 59.18
CA LEU B 8 26.42 2.05 57.73
C LEU B 8 26.01 3.40 57.14
N PRO B 9 26.75 3.95 56.16
CA PRO B 9 26.39 5.24 55.59
C PRO B 9 24.99 5.22 54.98
N GLY B 10 24.14 6.18 55.33
CA GLY B 10 22.78 6.28 54.76
C GLY B 10 21.77 5.37 55.43
N GLU B 11 22.17 4.62 56.46
CA GLU B 11 21.29 3.68 57.18
C GLU B 11 19.99 4.38 57.56
N GLY B 12 20.11 5.64 57.97
CA GLY B 12 18.95 6.40 58.42
C GLY B 12 17.96 6.68 57.31
N ALA B 13 18.44 6.77 56.07
CA ALA B 13 17.54 7.00 54.95
C ALA B 13 16.64 5.80 54.67
N VAL B 14 17.13 4.59 54.94
CA VAL B 14 16.37 3.39 54.64
C VAL B 14 15.15 3.29 55.55
N ARG B 15 14.08 2.69 55.03
CA ARG B 15 12.84 2.54 55.76
C ARG B 15 13.05 1.66 56.99
N GLU B 16 12.25 1.88 58.03
CA GLU B 16 12.40 1.16 59.29
C GLU B 16 12.32 -0.35 59.08
N VAL B 17 11.39 -0.81 58.23
CA VAL B 17 11.18 -2.24 58.08
C VAL B 17 12.38 -2.93 57.45
N LEU B 18 13.14 -2.22 56.62
CA LEU B 18 14.25 -2.83 55.88
C LEU B 18 15.56 -2.88 56.65
N ARG B 19 15.65 -2.18 57.78
CA ARG B 19 16.94 -2.04 58.45
C ARG B 19 17.53 -3.35 58.95
N PRO B 20 16.80 -4.24 59.63
CA PRO B 20 17.43 -5.51 60.06
C PRO B 20 17.92 -6.35 58.90
N LEU B 21 17.11 -6.47 57.84
CA LEU B 21 17.53 -7.18 56.64
C LEU B 21 18.78 -6.53 56.06
N LEU B 22 18.82 -5.20 56.06
CA LEU B 22 19.98 -4.47 55.56
C LEU B 22 21.24 -4.84 56.34
N LYS B 23 21.17 -4.79 57.68
CA LYS B 23 22.34 -5.08 58.50
C LYS B 23 22.81 -6.51 58.29
N GLN B 24 21.88 -7.46 58.31
CA GLN B 24 22.28 -8.86 58.22
C GLN B 24 22.81 -9.19 56.83
N ALA B 25 22.22 -8.60 55.79
CA ALA B 25 22.76 -8.76 54.45
C ALA B 25 24.16 -8.18 54.35
N ALA B 26 24.38 -7.00 54.95
CA ALA B 26 25.73 -6.42 54.92
C ALA B 26 26.72 -7.33 55.61
N GLU B 27 26.36 -7.87 56.77
CA GLU B 27 27.25 -8.79 57.48
C GLU B 27 27.57 -10.02 56.64
N LYS B 28 26.53 -10.67 56.12
CA LYS B 28 26.72 -11.90 55.36
C LYS B 28 27.56 -11.66 54.10
N THR B 29 27.33 -10.54 53.41
CA THR B 29 28.11 -10.25 52.21
C THR B 29 29.55 -9.86 52.53
N ALA B 30 29.76 -9.14 53.64
CA ALA B 30 31.12 -8.88 54.07
C ALA B 30 31.86 -10.17 54.37
N ALA B 31 31.14 -11.15 54.95
CA ALA B 31 31.76 -12.45 55.20
C ALA B 31 32.18 -13.12 53.89
N GLY B 32 31.35 -13.06 52.87
CA GLY B 32 31.69 -13.63 51.57
C GLY B 32 30.62 -14.52 50.98
N LYS B 33 29.44 -14.52 51.57
CA LYS B 33 28.34 -15.37 51.11
C LYS B 33 27.53 -14.66 50.02
N ILE B 34 26.73 -15.45 49.32
CA ILE B 34 25.83 -14.95 48.28
C ILE B 34 24.45 -14.86 48.89
N VAL B 35 23.97 -13.64 49.10
CA VAL B 35 22.82 -13.38 49.95
C VAL B 35 21.57 -13.11 49.10
N PHE B 36 20.47 -13.72 49.51
CA PHE B 36 19.18 -13.57 48.84
C PHE B 36 18.32 -12.69 49.74
N ALA B 37 18.25 -11.40 49.43
CA ALA B 37 17.51 -10.42 50.24
C ALA B 37 16.21 -10.06 49.52
N GLU B 38 15.08 -10.47 50.08
CA GLU B 38 13.78 -10.29 49.47
C GLU B 38 12.96 -9.27 50.27
N ALA B 39 12.45 -8.26 49.58
CA ALA B 39 11.59 -7.25 50.17
C ALA B 39 10.51 -6.87 49.16
N ALA B 40 9.35 -6.48 49.66
CA ALA B 40 8.24 -6.14 48.79
C ALA B 40 8.52 -4.86 48.01
N THR B 41 7.92 -4.76 46.83
CA THR B 41 8.05 -3.56 46.03
C THR B 41 7.47 -2.36 46.77
N GLY B 42 8.15 -1.23 46.66
CA GLY B 42 7.73 -0.02 47.34
C GLY B 42 8.18 0.10 48.78
N THR B 43 9.09 -0.77 49.23
CA THR B 43 9.62 -0.72 50.59
C THR B 43 10.90 0.10 50.72
N GLY B 44 11.43 0.61 49.61
CA GLY B 44 12.64 1.42 49.68
C GLY B 44 13.89 0.59 49.55
N LYS B 45 13.88 -0.40 48.64
CA LYS B 45 15.04 -1.24 48.45
C LYS B 45 16.23 -0.45 47.94
N GLY B 46 16.00 0.62 47.17
CA GLY B 46 17.10 1.38 46.62
C GLY B 46 17.96 2.05 47.68
N ARG B 47 17.35 2.51 48.76
CA ARG B 47 18.14 3.07 49.85
C ARG B 47 19.00 2.00 50.51
N MET B 48 18.45 0.79 50.62
CA MET B 48 19.25 -0.35 51.05
C MET B 48 20.39 -0.63 50.07
N ILE B 49 20.13 -0.46 48.77
CA ILE B 49 21.15 -0.76 47.77
C ILE B 49 22.31 0.23 47.94
N ALA B 50 21.99 1.49 48.21
CA ALA B 50 23.00 2.51 48.43
C ALA B 50 23.76 2.25 49.72
N SER B 51 23.04 1.87 50.78
CA SER B 51 23.68 1.60 52.06
C SER B 51 24.68 0.46 51.93
N LEU B 52 24.28 -0.65 51.31
CA LEU B 52 25.21 -1.77 51.11
C LEU B 52 26.38 -1.35 50.22
N ALA B 53 26.11 -0.61 49.14
CA ALA B 53 27.17 -0.22 48.23
C ALA B 53 28.22 0.63 48.94
N ALA B 54 27.77 1.61 49.75
CA ALA B 54 28.71 2.47 50.46
C ALA B 54 29.43 1.71 51.57
N ALA B 55 28.71 0.85 52.29
CA ALA B 55 29.32 0.08 53.36
C ALA B 55 30.45 -0.80 52.82
N ALA B 56 30.27 -1.33 51.61
CA ALA B 56 31.36 -2.06 50.98
C ALA B 56 32.43 -1.13 50.42
N ALA B 57 32.03 0.02 49.89
CA ALA B 57 32.98 0.92 49.23
C ALA B 57 34.00 1.50 50.20
N ILE B 58 33.55 1.88 51.41
CA ILE B 58 34.47 2.52 52.35
C ILE B 58 35.59 1.57 52.75
N LYS B 59 35.34 0.26 52.71
CA LYS B 59 36.36 -0.73 53.00
C LYS B 59 37.39 -0.88 51.88
N GLY B 60 37.34 -0.05 50.84
CA GLY B 60 38.21 -0.22 49.69
C GLY B 60 37.77 -1.30 48.73
N ASP B 61 36.62 -1.92 48.96
CA ASP B 61 36.14 -2.98 48.10
C ASP B 61 35.70 -2.43 46.75
N THR B 62 35.91 -3.22 45.71
CA THR B 62 35.47 -2.88 44.36
C THR B 62 33.99 -3.21 44.26
N VAL B 63 33.14 -2.21 44.43
CA VAL B 63 31.70 -2.41 44.52
C VAL B 63 31.09 -2.27 43.13
N VAL B 64 30.29 -3.27 42.74
CA VAL B 64 29.59 -3.24 41.46
C VAL B 64 28.11 -3.46 41.73
N VAL B 65 27.28 -2.49 41.34
CA VAL B 65 25.83 -2.59 41.43
C VAL B 65 25.31 -2.88 40.03
N SER B 66 24.84 -4.11 39.82
CA SER B 66 24.32 -4.54 38.53
C SER B 66 22.80 -4.49 38.60
N ALA B 67 22.22 -3.47 37.98
CA ALA B 67 20.78 -3.27 37.96
C ALA B 67 20.34 -2.94 36.55
N PRO B 68 19.09 -3.22 36.19
CA PRO B 68 18.59 -2.79 34.88
C PRO B 68 18.61 -1.28 34.76
N LEU B 69 18.89 -0.80 33.54
CA LEU B 69 18.98 0.63 33.31
C LEU B 69 17.66 1.35 33.55
N ALA B 70 16.55 0.61 33.64
CA ALA B 70 15.25 1.23 33.92
C ALA B 70 15.23 1.87 35.31
N VAL B 71 15.80 1.20 36.31
CA VAL B 71 15.80 1.68 37.69
C VAL B 71 17.13 2.31 38.09
N THR B 72 18.06 2.41 37.14
CA THR B 72 19.37 3.00 37.44
C THR B 72 19.24 4.45 37.87
N TRP B 73 18.30 5.19 37.27
CA TRP B 73 18.07 6.58 37.67
C TRP B 73 17.73 6.67 39.15
N GLN B 74 16.79 5.84 39.61
CA GLN B 74 16.41 5.85 41.01
C GLN B 74 17.58 5.43 41.90
N LEU B 75 18.37 4.45 41.45
CA LEU B 75 19.50 4.01 42.26
C LEU B 75 20.55 5.12 42.42
N VAL B 76 20.84 5.83 41.33
CA VAL B 76 21.76 6.96 41.41
C VAL B 76 21.20 8.06 42.32
N ASN B 77 19.89 8.31 42.22
CA ASN B 77 19.29 9.32 43.10
C ASN B 77 19.45 8.95 44.56
N ASP B 78 19.20 7.67 44.89
CA ASP B 78 19.32 7.24 46.29
C ASP B 78 20.77 7.28 46.77
N MET B 79 21.72 6.93 45.90
CA MET B 79 23.12 6.99 46.32
C MET B 79 23.58 8.43 46.52
N LYS B 80 23.27 9.32 45.58
CA LYS B 80 23.80 10.68 45.60
C LYS B 80 23.42 11.47 46.83
N ASP B 81 22.51 10.96 47.67
CA ASP B 81 22.14 11.69 48.88
C ASP B 81 23.13 11.45 50.01
N ILE B 82 23.55 10.20 50.20
CA ILE B 82 24.44 9.85 51.31
C ILE B 82 25.81 10.44 51.06
N PRO B 83 26.55 10.82 52.13
CA PRO B 83 27.76 11.63 51.92
C PRO B 83 28.94 10.85 51.38
N GLU B 84 29.10 9.57 51.71
CA GLU B 84 30.35 8.88 51.47
C GLU B 84 30.43 8.19 50.12
N VAL B 85 29.42 8.34 49.26
CA VAL B 85 29.57 7.91 47.87
C VAL B 85 30.25 9.01 47.06
N ARG B 86 29.96 10.26 47.39
CA ARG B 86 30.70 11.38 46.82
C ARG B 86 32.20 11.23 47.08
N ARG B 87 32.54 10.63 48.22
CA ARG B 87 33.94 10.46 48.61
C ARG B 87 34.65 9.45 47.71
N VAL B 88 34.02 8.29 47.49
CA VAL B 88 34.70 7.19 46.81
C VAL B 88 34.50 7.24 45.29
N GLY B 89 33.41 7.81 44.81
CA GLY B 89 33.18 7.88 43.39
C GLY B 89 32.09 6.92 42.93
N LEU B 90 31.24 7.38 42.02
CA LEU B 90 30.13 6.59 41.51
C LEU B 90 30.09 6.77 40.00
N THR B 91 30.30 5.68 39.26
CA THR B 91 30.31 5.74 37.81
C THR B 91 29.31 4.74 37.26
N LEU B 92 29.12 4.78 35.94
CA LEU B 92 28.21 3.88 35.27
C LEU B 92 28.91 3.29 34.06
N SER B 93 28.93 1.97 33.97
CA SER B 93 29.66 1.25 32.92
C SER B 93 28.70 0.91 31.79
N LEU B 94 28.62 1.81 30.79
CA LEU B 94 27.81 1.59 29.60
C LEU B 94 28.66 0.98 28.50
N GLY B 95 28.81 -0.33 28.55
CA GLY B 95 29.42 -1.05 27.46
C GLY B 95 28.50 -1.17 26.28
N ARG B 96 29.06 -1.61 25.16
CA ARG B 96 28.28 -1.79 23.94
C ARG B 96 27.08 -2.72 24.13
N PRO B 97 27.15 -3.84 24.89
CA PRO B 97 25.96 -4.69 25.05
C PRO B 97 24.71 -3.99 25.56
N ASN B 98 24.82 -2.74 25.97
CA ASN B 98 23.66 -1.94 26.35
C ASN B 98 23.03 -1.21 25.17
N PHE B 99 23.62 -1.30 23.98
CA PHE B 99 23.20 -0.51 22.84
C PHE B 99 22.92 -1.40 21.63
N ILE B 100 21.85 -1.09 20.93
CA ILE B 100 21.53 -1.74 19.67
C ILE B 100 22.18 -0.96 18.54
N SER B 101 22.29 -1.60 17.38
CA SER B 101 22.63 -0.86 16.16
C SER B 101 21.36 -0.28 15.56
N PRO B 102 21.23 1.04 15.46
CA PRO B 102 20.00 1.61 14.91
C PRO B 102 19.68 1.12 13.52
N GLN B 103 20.69 1.00 12.67
CA GLN B 103 20.48 0.53 11.30
C GLN B 103 19.94 -0.90 11.29
N ARG B 104 20.63 -1.80 12.00
CA ARG B 104 20.21 -3.21 12.01
C ARG B 104 18.89 -3.39 12.73
N THR B 105 18.67 -2.67 13.83
CA THR B 105 17.41 -2.81 14.55
C THR B 105 16.23 -2.31 13.72
N LEU B 106 16.39 -1.18 13.03
CA LEU B 106 15.33 -0.70 12.15
C LEU B 106 15.11 -1.67 10.99
N GLU B 107 16.19 -2.23 10.43
CA GLU B 107 16.03 -3.24 9.39
C GLU B 107 15.21 -4.43 9.89
N TRP B 108 15.50 -4.90 11.10
CA TRP B 108 14.73 -5.99 11.67
C TRP B 108 13.28 -5.60 11.88
N ALA B 109 13.04 -4.39 12.38
CA ALA B 109 11.67 -3.95 12.65
C ALA B 109 10.84 -3.87 11.38
N ILE B 110 11.44 -3.40 10.29
CA ILE B 110 10.72 -3.33 9.02
C ILE B 110 10.34 -4.72 8.54
N ASP B 111 11.27 -5.67 8.62
CA ASP B 111 11.02 -7.01 8.09
C ASP B 111 9.96 -7.76 8.89
N ASN B 112 9.87 -7.51 10.20
CA ASN B 112 8.90 -8.18 11.05
C ASN B 112 7.69 -7.31 11.37
N GLU B 113 7.53 -6.18 10.67
CA GLU B 113 6.37 -5.30 10.83
C GLU B 113 6.20 -4.86 12.28
N ARG B 114 7.30 -4.36 12.87
CA ARG B 114 7.27 -3.82 14.23
C ARG B 114 7.23 -2.30 14.11
N ALA B 115 6.03 -1.78 13.90
CA ALA B 115 5.87 -0.35 13.66
C ALA B 115 6.24 0.47 14.89
N ASP B 116 5.95 -0.03 16.09
CA ASP B 116 6.30 0.69 17.30
C ASP B 116 7.81 0.80 17.45
N LEU B 117 8.52 -0.33 17.31
CA LEU B 117 9.97 -0.32 17.40
C LEU B 117 10.57 0.51 16.28
N ALA B 118 10.01 0.41 15.08
CA ALA B 118 10.52 1.20 13.95
C ALA B 118 10.35 2.70 14.20
N ALA B 119 9.22 3.09 14.77
CA ALA B 119 9.02 4.50 15.10
C ALA B 119 9.98 4.97 16.18
N TRP B 120 10.21 4.13 17.19
CA TRP B 120 11.15 4.50 18.25
C TRP B 120 12.56 4.66 17.71
N ILE B 121 12.97 3.77 16.81
CA ILE B 121 14.35 3.81 16.32
C ILE B 121 14.50 4.91 15.26
N GLU B 122 13.42 5.21 14.53
CA GLU B 122 13.45 6.29 13.55
C GLU B 122 13.49 7.67 14.20
N GLY B 123 13.00 7.79 15.42
CA GLY B 123 12.94 9.05 16.13
C GLY B 123 14.17 9.41 16.92
N GLY B 124 15.26 8.67 16.76
CA GLY B 124 16.48 8.93 17.50
C GLY B 124 16.72 8.03 18.69
N GLY B 125 15.89 7.01 18.90
CA GLY B 125 16.09 6.10 20.01
C GLY B 125 15.98 6.75 21.38
N LYS B 126 15.09 7.73 21.51
CA LYS B 126 14.96 8.44 22.78
C LYS B 126 14.48 7.47 23.86
N PRO B 127 14.95 7.60 25.10
CA PRO B 127 14.61 6.61 26.12
C PRO B 127 13.14 6.63 26.51
N LEU B 128 12.57 5.43 26.65
CA LEU B 128 11.22 5.31 27.17
C LEU B 128 11.20 5.59 28.67
N SER B 129 12.23 5.18 29.39
CA SER B 129 12.28 5.37 30.83
C SER B 129 12.47 6.85 31.18
N LEU B 130 12.01 7.21 32.37
CA LEU B 130 12.06 8.59 32.84
C LEU B 130 12.97 8.74 34.05
N LEU B 143 21.19 6.61 28.14
CA LEU B 143 20.62 7.68 27.32
C LEU B 143 19.73 7.10 26.21
N CYS B 144 20.30 6.94 25.02
CA CYS B 144 19.56 6.52 23.84
C CYS B 144 20.10 5.20 23.31
N TRP B 145 19.32 4.61 22.40
CA TRP B 145 19.65 3.36 21.73
C TRP B 145 19.77 2.20 22.71
N LEU B 146 19.16 2.32 23.88
CA LEU B 146 19.28 1.29 24.91
C LEU B 146 18.59 0.01 24.45
N LEU B 147 19.30 -1.11 24.56
CA LEU B 147 18.72 -2.39 24.20
C LEU B 147 17.52 -2.74 25.08
N GLU B 148 17.50 -2.23 26.32
CA GLU B 148 16.39 -2.48 27.21
C GLU B 148 15.09 -1.88 26.67
N ASP B 149 15.17 -0.66 26.14
CA ASP B 149 13.98 -0.05 25.52
C ASP B 149 13.54 -0.82 24.29
N ALA B 150 14.49 -1.26 23.46
CA ALA B 150 14.14 -2.04 22.29
C ALA B 150 13.44 -3.34 22.68
N LEU B 151 13.93 -3.99 23.74
CA LEU B 151 13.26 -5.17 24.27
C LEU B 151 11.89 -4.81 24.83
N LEU B 152 11.75 -3.60 25.37
CA LEU B 152 10.45 -3.14 25.84
C LEU B 152 9.45 -3.08 24.70
N LEU B 153 9.88 -2.63 23.52
CA LEU B 153 8.99 -2.55 22.38
C LEU B 153 8.96 -3.82 21.53
N ALA B 154 9.87 -4.76 21.77
CA ALA B 154 9.87 -6.01 21.01
C ALA B 154 10.48 -7.09 21.89
N GLU B 155 9.62 -7.98 22.42
CA GLU B 155 10.10 -9.03 23.31
C GLU B 155 11.00 -10.02 22.58
N ASP B 156 10.73 -10.28 21.31
CA ASP B 156 11.32 -11.41 20.58
C ASP B 156 12.53 -11.04 19.75
N LEU B 157 13.02 -9.81 19.84
CA LEU B 157 14.10 -9.40 18.95
C LEU B 157 15.37 -10.18 19.25
N PRO B 158 16.12 -10.56 18.23
CA PRO B 158 17.39 -11.28 18.42
C PRO B 158 18.52 -10.35 18.86
N ALA B 159 18.57 -10.11 20.17
CA ALA B 159 19.51 -9.13 20.70
C ALA B 159 20.95 -9.47 20.39
N ASP B 160 21.25 -10.74 20.09
CA ASP B 160 22.61 -11.11 19.75
C ASP B 160 23.10 -10.39 18.50
N SER B 161 22.27 -10.34 17.46
CA SER B 161 22.67 -9.78 16.18
C SER B 161 22.22 -8.34 15.99
N LEU B 162 21.44 -7.78 16.90
CA LEU B 162 21.06 -6.37 16.85
C LEU B 162 21.91 -5.50 17.75
N LEU B 163 22.82 -6.10 18.52
CA LEU B 163 23.61 -5.38 19.50
C LEU B 163 24.67 -4.54 18.82
N LEU B 164 25.09 -3.47 19.50
CA LEU B 164 26.16 -2.61 18.99
C LEU B 164 27.48 -3.37 19.08
N THR B 165 28.03 -3.72 17.92
CA THR B 165 29.33 -4.38 17.86
C THR B 165 30.44 -3.34 17.68
N SER B 166 31.68 -3.80 17.86
CA SER B 166 32.82 -2.91 17.76
C SER B 166 33.18 -2.56 16.32
N GLU B 167 32.74 -3.36 15.34
CA GLU B 167 33.03 -3.12 13.94
C GLU B 167 31.94 -2.30 13.24
N ASP B 168 31.24 -1.47 13.98
CA ASP B 168 30.16 -0.67 13.41
C ASP B 168 30.69 0.71 13.01
N PRO B 169 30.07 1.36 12.01
CA PRO B 169 30.65 2.62 11.49
C PRO B 169 30.72 3.70 12.55
N ALA B 170 31.75 4.54 12.43
CA ALA B 170 31.99 5.59 13.42
C ALA B 170 30.84 6.59 13.45
N ASP B 171 30.17 6.82 12.33
CA ASP B 171 29.07 7.76 12.27
C ASP B 171 27.78 7.21 12.83
N CYS B 172 27.74 5.92 13.18
CA CYS B 172 26.54 5.33 13.75
C CYS B 172 26.19 6.05 15.06
N PRO B 173 24.96 6.55 15.21
CA PRO B 173 24.64 7.32 16.42
C PRO B 173 24.87 6.54 17.71
N ALA B 174 24.54 5.25 17.72
CA ALA B 174 24.82 4.43 18.90
C ALA B 174 26.31 4.33 19.15
N GLN B 175 27.10 4.13 18.09
CA GLN B 175 28.55 4.11 18.23
C GLN B 175 29.08 5.44 18.75
N GLN B 176 28.53 6.55 18.23
CA GLN B 176 28.94 7.87 18.70
C GLN B 176 28.67 8.05 20.18
N LEU B 177 27.45 7.70 20.60
CA LEU B 177 27.09 7.84 22.00
C LEU B 177 27.93 6.93 22.89
N TYR B 178 28.21 5.71 22.42
CA TYR B 178 29.06 4.81 23.19
C TYR B 178 30.46 5.37 23.36
N VAL B 179 31.05 5.91 22.30
CA VAL B 179 32.40 6.45 22.41
C VAL B 179 32.43 7.65 23.33
N ALA B 180 31.46 8.55 23.19
CA ALA B 180 31.40 9.72 24.07
C ALA B 180 31.24 9.30 25.53
N MET B 181 30.39 8.30 25.78
CA MET B 181 30.21 7.79 27.13
C MET B 181 31.49 7.14 27.64
N ARG B 182 32.19 6.41 26.76
CA ARG B 182 33.41 5.71 27.13
C ARG B 182 34.52 6.66 27.55
N SER B 183 34.56 7.85 26.93
CA SER B 183 35.59 8.82 27.32
C SER B 183 35.51 9.13 28.81
N ASN B 184 34.31 9.30 29.35
CA ASN B 184 34.12 9.64 30.76
C ASN B 184 33.84 8.39 31.60
N TYR B 185 34.76 7.44 31.54
CA TYR B 185 34.70 6.23 32.37
C TYR B 185 35.87 6.27 33.33
N THR B 186 35.57 6.40 34.63
CA THR B 186 36.59 6.62 35.64
C THR B 186 36.83 5.42 36.55
N GLU B 187 36.08 4.33 36.36
CA GLU B 187 36.33 3.07 37.08
C GLU B 187 36.45 3.29 38.59
N ALA B 188 35.50 4.03 39.15
CA ALA B 188 35.59 4.42 40.55
C ALA B 188 35.17 3.28 41.46
N GLY B 189 35.04 3.60 42.76
CA GLY B 189 34.76 2.57 43.75
C GLY B 189 33.42 1.89 43.53
N ILE B 190 32.38 2.66 43.21
CA ILE B 190 31.07 2.10 42.93
C ILE B 190 30.83 2.18 41.43
N ILE B 191 30.59 1.03 40.81
CA ILE B 191 30.40 0.91 39.38
C ILE B 191 28.99 0.39 39.14
N LEU B 192 28.13 1.20 38.56
CA LEU B 192 26.81 0.77 38.16
C LEU B 192 26.86 0.16 36.77
N CYS B 193 26.17 -0.96 36.60
CA CYS B 193 26.14 -1.67 35.34
C CYS B 193 24.82 -2.42 35.22
N SER B 194 24.60 -3.03 34.07
CA SER B 194 23.38 -3.76 33.79
C SER B 194 23.65 -5.25 33.76
N HIS B 195 22.59 -6.03 33.90
CA HIS B 195 22.72 -7.48 33.86
C HIS B 195 23.29 -7.94 32.53
N PHE B 196 22.91 -7.27 31.44
CA PHE B 196 23.51 -7.59 30.14
C PHE B 196 25.00 -7.27 30.14
N MET B 197 25.37 -6.12 30.69
CA MET B 197 26.78 -5.78 30.82
C MET B 197 27.54 -6.84 31.62
N LEU B 198 26.96 -7.22 32.76
CA LEU B 198 27.60 -8.20 33.64
C LEU B 198 27.78 -9.53 32.94
N ALA B 199 26.72 -10.02 32.28
CA ALA B 199 26.77 -11.33 31.65
C ALA B 199 27.71 -11.34 30.44
N ALA B 200 27.70 -10.26 29.65
CA ALA B 200 28.62 -10.19 28.52
C ALA B 200 30.07 -10.17 28.99
N HIS B 201 30.36 -9.43 30.06
CA HIS B 201 31.71 -9.40 30.60
C HIS B 201 32.11 -10.77 31.15
N THR B 202 31.17 -11.46 31.80
CA THR B 202 31.44 -12.80 32.30
C THR B 202 31.75 -13.77 31.17
N ARG B 203 30.99 -13.70 30.08
CA ARG B 203 31.26 -14.56 28.93
C ARG B 203 32.61 -14.23 28.30
N MET B 204 32.95 -12.93 28.23
CA MET B 204 34.28 -12.54 27.78
C MET B 204 35.36 -13.19 28.63
N MET B 205 35.17 -13.22 29.95
CA MET B 205 36.12 -13.90 30.81
C MET B 205 36.17 -15.39 30.51
N GLN B 206 35.01 -16.00 30.25
CA GLN B 206 34.96 -17.43 29.94
C GLN B 206 35.79 -17.76 28.72
N MET B 207 35.62 -17.00 27.64
CA MET B 207 36.35 -17.30 26.40
C MET B 207 37.84 -17.09 26.56
N ARG B 208 38.23 -16.06 27.31
CA ARG B 208 39.65 -15.73 27.50
C ARG B 208 40.27 -16.60 28.59
N LEU B 224 34.64 -1.83 26.52
CA LEU B 224 35.38 -1.65 27.77
C LEU B 224 35.34 -2.97 28.55
N SER B 225 35.72 -2.95 29.82
CA SER B 225 35.65 -4.13 30.67
C SER B 225 35.27 -3.73 32.09
N LEU B 226 34.79 -4.73 32.84
CA LEU B 226 34.48 -4.65 34.26
C LEU B 226 35.63 -5.25 35.07
N PRO B 227 35.74 -4.91 36.36
CA PRO B 227 36.83 -5.47 37.16
C PRO B 227 36.80 -6.99 37.18
N HIS B 228 37.98 -7.58 37.15
CA HIS B 228 38.09 -9.04 37.05
C HIS B 228 37.61 -9.73 38.33
N PHE B 229 37.76 -9.09 39.48
CA PHE B 229 37.27 -9.61 40.74
C PHE B 229 36.43 -8.53 41.42
N ILE B 230 35.13 -8.78 41.54
CA ILE B 230 34.22 -7.86 42.20
C ILE B 230 34.18 -8.22 43.68
N ASP B 231 34.70 -7.33 44.53
CA ASP B 231 34.69 -7.60 45.97
C ASP B 231 33.26 -7.69 46.50
N THR B 232 32.40 -6.75 46.10
CA THR B 232 31.01 -6.74 46.53
C THR B 232 30.12 -6.48 45.32
N LEU B 233 29.41 -7.52 44.88
CA LEU B 233 28.45 -7.43 43.80
C LEU B 233 27.06 -7.34 44.41
N ILE B 234 26.35 -6.26 44.10
CA ILE B 234 24.97 -6.09 44.54
C ILE B 234 24.12 -6.10 43.28
N VAL B 235 23.18 -7.05 43.20
CA VAL B 235 22.40 -7.27 41.98
C VAL B 235 20.94 -6.94 42.32
N ASP B 236 20.47 -5.81 41.79
CA ASP B 236 19.07 -5.42 41.92
C ASP B 236 18.23 -6.10 40.85
N GLU B 237 17.00 -6.44 41.22
CA GLU B 237 16.09 -7.19 40.36
C GLU B 237 16.76 -8.47 39.86
N ALA B 238 17.30 -9.24 40.81
CA ALA B 238 18.10 -10.41 40.49
C ALA B 238 17.29 -11.47 39.74
N HIS B 239 15.97 -11.49 39.91
CA HIS B 239 15.11 -12.44 39.20
C HIS B 239 15.23 -12.31 37.69
N LEU B 240 15.92 -11.28 37.19
CA LEU B 240 16.14 -11.09 35.77
C LEU B 240 17.54 -11.52 35.34
N LEU B 241 18.50 -11.54 36.26
CA LEU B 241 19.89 -11.78 35.90
C LEU B 241 20.05 -13.06 35.10
N GLU B 242 19.36 -14.12 35.50
CA GLU B 242 19.43 -15.39 34.77
C GLU B 242 19.08 -15.19 33.30
N GLN B 243 17.93 -14.56 33.02
CA GLN B 243 17.53 -14.34 31.64
C GLN B 243 18.52 -13.46 30.90
N ALA B 244 19.32 -12.65 31.62
CA ALA B 244 20.38 -11.90 30.96
C ALA B 244 21.44 -12.85 30.42
N PHE B 245 21.92 -13.78 31.25
CA PHE B 245 22.99 -14.68 30.83
C PHE B 245 22.57 -15.51 29.62
N ALA B 246 21.36 -16.08 29.67
CA ALA B 246 20.83 -16.79 28.52
C ALA B 246 20.85 -15.91 27.28
N SER B 247 20.44 -14.65 27.43
CA SER B 247 20.46 -13.73 26.29
C SER B 247 21.87 -13.56 25.75
N VAL B 248 22.85 -13.48 26.64
CA VAL B 248 24.24 -13.34 26.21
C VAL B 248 24.74 -14.62 25.53
N TYR B 249 24.12 -15.77 25.83
CA TYR B 249 24.52 -17.03 25.23
C TYR B 249 23.55 -17.51 24.15
N THR B 250 22.61 -16.66 23.73
CA THR B 250 21.75 -16.98 22.60
C THR B 250 22.40 -16.48 21.31
N HIS B 251 22.20 -17.24 20.23
CA HIS B 251 22.84 -16.94 18.96
C HIS B 251 21.83 -17.14 17.83
N THR B 252 21.51 -16.06 17.13
CA THR B 252 20.52 -16.09 16.07
C THR B 252 21.21 -15.87 14.73
N LEU B 253 21.04 -16.83 13.82
CA LEU B 253 21.41 -16.67 12.42
C LEU B 253 20.15 -16.27 11.68
N ARG B 254 20.12 -15.02 11.21
CA ARG B 254 19.00 -14.45 10.49
C ARG B 254 19.30 -14.49 9.00
N LEU B 255 18.47 -15.22 8.25
CA LEU B 255 18.82 -15.52 6.86
C LEU B 255 18.60 -14.33 5.95
N ARG B 256 17.51 -13.57 6.14
CA ARG B 256 17.22 -12.50 5.19
C ARG B 256 18.24 -11.38 5.25
N PRO B 257 18.55 -10.77 6.41
CA PRO B 257 19.60 -9.74 6.42
C PRO B 257 20.96 -10.26 5.96
N LEU B 258 21.29 -11.50 6.31
CA LEU B 258 22.59 -12.05 5.90
C LEU B 258 22.67 -12.20 4.39
N MET B 259 21.66 -12.84 3.79
CA MET B 259 21.65 -12.96 2.33
C MET B 259 21.64 -11.60 1.66
N ARG B 260 20.90 -10.65 2.24
CA ARG B 260 20.82 -9.31 1.66
C ARG B 260 22.20 -8.65 1.65
N THR B 261 22.93 -8.76 2.76
CA THR B 261 24.27 -8.21 2.85
C THR B 261 25.23 -8.91 1.90
N ILE B 262 25.13 -10.24 1.79
CA ILE B 262 25.98 -10.99 0.86
C ILE B 262 25.74 -10.53 -0.57
N GLU B 263 24.46 -10.37 -0.96
CA GLU B 263 24.13 -9.89 -2.30
C GLU B 263 24.68 -8.50 -2.52
N GLY B 264 24.48 -7.59 -1.55
CA GLY B 264 25.01 -6.24 -1.69
C GLY B 264 26.52 -6.21 -1.76
N LEU B 265 27.19 -7.11 -1.04
CA LEU B 265 28.65 -7.15 -1.02
C LEU B 265 29.12 -7.88 -2.28
N GLY B 266 29.24 -7.11 -3.36
CA GLY B 266 29.77 -7.64 -4.60
C GLY B 266 31.20 -8.12 -4.42
N SER B 267 31.46 -9.40 -4.69
CA SER B 267 32.78 -9.95 -4.44
C SER B 267 32.93 -11.25 -5.23
N ARG B 268 34.05 -11.94 -5.02
CA ARG B 268 34.28 -13.19 -5.74
C ARG B 268 33.48 -14.35 -5.17
N GLY B 269 33.23 -14.37 -3.87
CA GLY B 269 32.60 -15.50 -3.23
C GLY B 269 31.09 -15.42 -3.06
N ARG B 270 30.42 -14.52 -3.77
CA ARG B 270 28.97 -14.38 -3.56
C ARG B 270 28.22 -15.64 -3.96
N LYS B 271 28.55 -16.24 -5.09
CA LYS B 271 27.80 -17.44 -5.51
C LYS B 271 27.95 -18.58 -4.52
N PRO B 272 29.16 -19.01 -4.12
CA PRO B 272 29.23 -20.08 -3.10
C PRO B 272 28.54 -19.73 -1.80
N ALA B 273 28.71 -18.49 -1.31
CA ALA B 273 28.13 -18.11 -0.02
C ALA B 273 26.61 -18.10 -0.09
N LEU B 274 26.05 -17.48 -1.12
CA LEU B 274 24.61 -17.39 -1.26
C LEU B 274 23.98 -18.78 -1.45
N ASP B 275 24.61 -19.63 -2.26
CA ASP B 275 24.03 -20.96 -2.45
C ASP B 275 24.20 -21.83 -1.21
N ALA B 276 25.27 -21.65 -0.43
CA ALA B 276 25.39 -22.34 0.84
C ALA B 276 24.30 -21.88 1.81
N LEU B 277 24.01 -20.58 1.83
CA LEU B 277 22.93 -20.07 2.66
C LEU B 277 21.58 -20.65 2.23
N LYS B 278 21.37 -20.78 0.92
CA LYS B 278 20.12 -21.36 0.43
C LYS B 278 20.01 -22.84 0.81
N GLU B 279 21.12 -23.58 0.71
CA GLU B 279 21.14 -24.96 1.16
C GLU B 279 20.77 -25.06 2.64
N LEU B 280 21.35 -24.17 3.45
CA LEU B 280 21.02 -24.14 4.87
C LEU B 280 19.54 -23.85 5.09
N PHE B 281 18.99 -22.91 4.32
CA PHE B 281 17.58 -22.57 4.47
C PHE B 281 16.69 -23.76 4.15
N THR B 282 16.99 -24.48 3.06
CA THR B 282 16.19 -25.66 2.71
C THR B 282 16.28 -26.74 3.79
N GLN B 283 17.49 -27.01 4.28
CA GLN B 283 17.64 -27.97 5.36
C GLN B 283 16.87 -27.55 6.59
N MET B 284 16.77 -26.24 6.84
CA MET B 284 15.94 -25.75 7.94
C MET B 284 14.46 -26.00 7.67
N GLN B 285 14.00 -25.76 6.45
CA GLN B 285 12.59 -26.00 6.12
C GLN B 285 12.20 -27.46 6.31
N VAL B 286 13.16 -28.38 6.15
CA VAL B 286 12.85 -29.80 6.37
C VAL B 286 12.34 -30.04 7.79
N ALA B 287 13.04 -29.49 8.78
CA ALA B 287 12.81 -29.86 10.18
C ALA B 287 11.51 -29.32 10.75
N SER B 288 10.99 -28.21 10.21
CA SER B 288 9.74 -27.66 10.74
C SER B 288 8.58 -28.62 10.51
N ALA B 289 8.44 -29.11 9.28
CA ALA B 289 7.40 -30.11 9.02
C ALA B 289 7.79 -31.47 9.57
N ARG B 290 9.08 -31.76 9.70
CA ARG B 290 9.49 -33.03 10.29
C ARG B 290 9.05 -33.14 11.74
N SER B 291 9.20 -32.06 12.51
CA SER B 291 9.04 -32.12 13.95
C SER B 291 7.56 -32.15 14.35
N THR B 292 7.29 -32.78 15.50
CA THR B 292 5.95 -32.75 16.07
C THR B 292 5.56 -31.36 16.54
N ASN B 293 6.54 -30.58 17.00
CA ASN B 293 6.30 -29.20 17.42
C ASN B 293 7.54 -28.40 17.05
N THR B 294 7.35 -27.35 16.25
CA THR B 294 8.48 -26.55 15.81
C THR B 294 9.12 -25.75 16.93
N SER B 295 8.41 -25.55 18.05
CA SER B 295 8.95 -24.81 19.18
C SER B 295 9.85 -25.66 20.07
N LEU B 296 9.80 -26.99 19.93
CA LEU B 296 10.69 -27.85 20.71
C LEU B 296 12.14 -27.58 20.34
N ASN B 297 12.99 -27.46 21.35
CA ASN B 297 14.40 -27.14 21.14
C ASN B 297 15.20 -28.43 21.08
N VAL B 298 15.82 -28.69 19.94
CA VAL B 298 16.49 -29.96 19.68
C VAL B 298 18.01 -29.75 19.65
N PRO B 299 18.79 -30.77 20.01
CA PRO B 299 20.24 -30.68 19.83
C PRO B 299 20.64 -30.90 18.38
N LEU B 300 21.88 -30.51 18.07
CA LEU B 300 22.37 -30.66 16.70
C LEU B 300 22.43 -32.13 16.30
N SER B 301 22.79 -33.02 17.24
CA SER B 301 22.89 -34.44 16.91
C SER B 301 21.53 -34.99 16.47
N ASP B 302 20.45 -34.51 17.08
CA ASP B 302 19.12 -34.99 16.73
C ASP B 302 18.81 -34.74 15.25
N VAL B 303 19.20 -33.57 14.74
CA VAL B 303 19.03 -33.25 13.33
C VAL B 303 20.39 -33.01 12.68
N PRO B 304 20.99 -34.04 12.07
CA PRO B 304 22.33 -33.89 11.49
C PRO B 304 22.36 -33.40 10.04
N GLU B 305 21.19 -33.21 9.41
CA GLU B 305 21.17 -32.69 8.05
C GLU B 305 21.57 -31.22 7.99
N LEU B 306 21.55 -30.51 9.12
CA LEU B 306 21.98 -29.13 9.14
C LEU B 306 23.50 -29.01 9.07
N ILE B 307 24.22 -30.04 9.51
CA ILE B 307 25.68 -29.92 9.64
C ILE B 307 26.37 -29.66 8.31
N PRO B 308 26.06 -30.37 7.21
CA PRO B 308 26.74 -30.03 5.94
C PRO B 308 26.58 -28.57 5.56
N ALA B 309 25.34 -28.07 5.62
CA ALA B 309 25.07 -26.69 5.25
C ALA B 309 25.76 -25.72 6.18
N LEU B 310 25.80 -26.02 7.48
CA LEU B 310 26.44 -25.12 8.43
C LEU B 310 27.94 -25.07 8.23
N LYS B 311 28.57 -26.22 8.01
CA LYS B 311 30.00 -26.25 7.72
C LYS B 311 30.30 -25.44 6.46
N ASP B 312 29.52 -25.66 5.40
CA ASP B 312 29.74 -24.93 4.16
C ASP B 312 29.51 -23.43 4.35
N THR B 313 28.49 -23.07 5.14
CA THR B 313 28.19 -21.66 5.37
C THR B 313 29.34 -20.98 6.10
N VAL B 314 29.89 -21.62 7.13
CA VAL B 314 31.03 -21.04 7.83
C VAL B 314 32.21 -20.88 6.88
N LYS B 315 32.49 -21.91 6.08
CA LYS B 315 33.62 -21.83 5.15
C LYS B 315 33.44 -20.70 4.15
N THR B 316 32.25 -20.59 3.55
CA THR B 316 32.00 -19.54 2.56
C THR B 316 32.03 -18.15 3.18
N LEU B 317 31.50 -18.00 4.39
CA LEU B 317 31.61 -16.72 5.08
C LEU B 317 33.07 -16.35 5.32
N GLY B 318 33.90 -17.35 5.65
CA GLY B 318 35.33 -17.09 5.72
C GLY B 318 35.93 -16.69 4.39
N ALA B 319 35.40 -17.24 3.29
CA ALA B 319 35.98 -16.96 1.98
C ALA B 319 35.81 -15.50 1.55
N LEU B 320 34.76 -14.84 2.01
CA LEU B 320 34.44 -13.50 1.51
C LEU B 320 35.51 -12.50 1.94
N PRO B 321 36.05 -11.70 1.01
CA PRO B 321 37.12 -10.77 1.38
C PRO B 321 36.61 -9.65 2.28
N THR B 322 37.50 -9.16 3.13
CA THR B 322 37.13 -8.17 4.14
C THR B 322 37.59 -6.75 3.79
N LYS B 323 38.46 -6.58 2.79
CA LYS B 323 38.87 -5.23 2.38
C LYS B 323 37.80 -4.60 1.51
N GLY B 324 37.42 -3.37 1.84
CA GLY B 324 36.35 -2.69 1.16
C GLY B 324 34.97 -3.10 1.63
N MET B 325 34.88 -4.08 2.52
CA MET B 325 33.61 -4.49 3.09
C MET B 325 33.01 -3.33 3.88
N SER B 326 31.72 -3.07 3.67
CA SER B 326 31.03 -2.10 4.50
C SER B 326 31.18 -2.50 5.96
N ARG B 327 31.48 -1.53 6.82
CA ARG B 327 31.74 -1.87 8.22
C ARG B 327 30.55 -2.57 8.84
N ASP B 328 29.33 -2.18 8.42
CA ASP B 328 28.15 -2.95 8.75
C ASP B 328 28.22 -4.36 8.19
N ALA B 329 28.73 -4.52 6.97
CA ALA B 329 28.87 -5.87 6.41
C ALA B 329 29.85 -6.71 7.21
N ARG B 330 30.96 -6.11 7.66
CA ARG B 330 31.86 -6.84 8.54
C ARG B 330 31.15 -7.28 9.80
N SER B 331 30.36 -6.39 10.40
CA SER B 331 29.59 -6.77 11.59
C SER B 331 28.65 -7.94 11.31
N VAL B 332 27.92 -7.85 10.19
CA VAL B 332 26.92 -8.86 9.86
C VAL B 332 27.59 -10.22 9.67
N ILE B 333 28.71 -10.25 8.92
CA ILE B 333 29.36 -11.52 8.64
C ILE B 333 30.02 -12.10 9.89
N ARG B 334 30.63 -11.24 10.72
CA ARG B 334 31.22 -11.75 11.95
C ARG B 334 30.17 -12.36 12.86
N ILE B 335 29.03 -11.69 13.01
CA ILE B 335 27.97 -12.20 13.86
C ILE B 335 27.39 -13.50 13.29
N ALA B 336 27.20 -13.56 11.97
CA ALA B 336 26.67 -14.76 11.36
C ALA B 336 27.60 -15.95 11.54
N THR B 337 28.90 -15.72 11.34
CA THR B 337 29.89 -16.78 11.57
C THR B 337 29.85 -17.24 13.02
N ARG B 338 29.76 -16.29 13.95
CA ARG B 338 29.71 -16.64 15.37
C ARG B 338 28.49 -17.51 15.67
N ALA B 339 27.33 -17.11 15.14
CA ALA B 339 26.10 -17.86 15.41
C ALA B 339 26.16 -19.27 14.80
N ALA B 340 26.64 -19.38 13.56
CA ALA B 340 26.75 -20.69 12.95
C ALA B 340 27.73 -21.58 13.70
N ASN B 341 28.85 -21.00 14.16
CA ASN B 341 29.82 -21.78 14.92
C ASN B 341 29.23 -22.27 16.24
N ASP B 342 28.46 -21.41 16.92
CA ASP B 342 27.77 -21.86 18.12
C ASP B 342 26.76 -22.95 17.81
N ALA B 343 26.15 -22.89 16.62
CA ALA B 343 25.26 -23.97 16.21
C ALA B 343 26.02 -25.28 16.00
N LEU B 344 27.27 -25.21 15.54
CA LEU B 344 28.08 -26.40 15.30
C LEU B 344 28.89 -26.86 16.51
N SER B 345 28.79 -26.17 17.64
CA SER B 345 29.64 -26.51 18.78
C SER B 345 29.30 -27.86 19.39
N GLY B 346 28.01 -28.23 19.39
CA GLY B 346 27.57 -29.43 20.05
C GLY B 346 27.11 -29.24 21.49
N HIS B 347 27.47 -28.12 22.11
CA HIS B 347 27.01 -27.76 23.44
C HIS B 347 25.73 -26.94 23.40
N SER B 348 25.06 -26.88 22.26
CA SER B 348 23.96 -25.97 22.04
C SER B 348 22.70 -26.73 21.64
N ARG B 349 21.56 -26.25 22.14
CA ARG B 349 20.25 -26.69 21.69
C ARG B 349 19.73 -25.71 20.65
N LEU B 350 19.24 -26.24 19.54
CA LEU B 350 18.80 -25.44 18.40
C LEU B 350 17.29 -25.28 18.39
N ARG B 351 16.85 -24.29 17.63
CA ARG B 351 15.43 -24.05 17.39
C ARG B 351 15.32 -23.36 16.03
N ILE B 352 14.27 -23.69 15.29
CA ILE B 352 14.13 -23.24 13.90
C ILE B 352 12.79 -22.55 13.73
N GLU B 353 12.78 -21.46 12.95
CA GLU B 353 11.51 -20.87 12.51
C GLU B 353 11.66 -20.47 11.05
N VAL B 354 10.86 -21.10 10.19
CA VAL B 354 11.00 -20.97 8.74
C VAL B 354 9.66 -20.68 8.08
N THR B 355 9.66 -20.66 6.75
CA THR B 355 8.56 -20.07 5.98
C THR B 355 7.16 -20.57 6.32
N PRO B 356 6.89 -21.88 6.50
CA PRO B 356 5.49 -22.30 6.69
C PRO B 356 4.79 -21.63 7.85
N VAL B 357 5.50 -21.34 8.94
CA VAL B 357 4.91 -20.77 10.14
C VAL B 357 5.42 -19.36 10.42
N HIS B 358 6.71 -19.11 10.20
CA HIS B 358 7.29 -17.79 10.44
C HIS B 358 7.77 -17.19 9.12
N SER B 359 7.45 -15.93 8.90
CA SER B 359 7.85 -15.23 7.67
C SER B 359 9.27 -14.67 7.73
N TYR B 360 9.93 -14.79 8.89
CA TYR B 360 11.31 -14.31 9.06
C TYR B 360 12.19 -15.51 9.39
N PRO B 361 12.91 -16.05 8.41
CA PRO B 361 13.65 -17.30 8.64
C PRO B 361 14.80 -17.09 9.62
N MET B 362 14.82 -17.91 10.67
CA MET B 362 15.80 -17.74 11.74
C MET B 362 16.17 -19.08 12.34
N LEU B 363 17.47 -19.22 12.63
CA LEU B 363 18.00 -20.34 13.38
C LEU B 363 18.52 -19.84 14.73
N LEU B 364 18.06 -20.44 15.82
CA LEU B 364 18.43 -20.03 17.16
C LEU B 364 19.26 -21.13 17.81
N SER B 365 20.29 -20.72 18.54
CA SER B 365 21.20 -21.65 19.22
C SER B 365 21.41 -21.13 20.64
N GLY B 366 20.92 -21.88 21.63
CA GLY B 366 21.06 -21.48 23.00
C GLY B 366 21.73 -22.56 23.83
N ARG B 367 22.20 -22.16 25.00
CA ARG B 367 22.77 -23.09 25.96
C ARG B 367 21.71 -23.46 26.98
N SER B 368 21.44 -24.76 27.12
CA SER B 368 20.48 -25.24 28.11
C SER B 368 21.08 -25.33 29.51
N ASN B 369 22.38 -25.06 29.65
CA ASN B 369 23.06 -25.10 30.94
C ASN B 369 23.95 -23.88 31.04
N LEU B 370 23.77 -23.10 32.11
CA LEU B 370 24.54 -21.89 32.33
C LEU B 370 25.46 -22.00 33.53
N GLN B 371 25.78 -23.23 33.98
CA GLN B 371 26.61 -23.42 35.17
C GLN B 371 28.03 -22.92 34.98
N ARG B 372 28.62 -23.16 33.81
CA ARG B 372 30.02 -22.78 33.62
C ARG B 372 30.20 -21.27 33.78
N ALA B 373 29.39 -20.49 33.05
CA ALA B 373 29.54 -19.04 33.07
C ALA B 373 29.11 -18.45 34.41
N LEU B 374 27.98 -18.90 34.95
CA LEU B 374 27.50 -18.34 36.21
C LEU B 374 28.45 -18.69 37.35
N LEU B 375 29.01 -19.90 37.33
CA LEU B 375 30.01 -20.28 38.32
C LEU B 375 31.28 -19.45 38.19
N GLY B 376 31.69 -19.15 36.96
CA GLY B 376 32.79 -18.22 36.78
C GLY B 376 32.49 -16.86 37.39
N LEU B 377 31.27 -16.36 37.16
CA LEU B 377 30.85 -15.10 37.77
C LEU B 377 30.96 -15.16 39.28
N TRP B 378 30.38 -16.18 39.90
CA TRP B 378 30.38 -16.26 41.36
C TRP B 378 31.78 -16.47 41.92
N ASN B 379 32.64 -17.19 41.20
CA ASN B 379 34.03 -17.32 41.61
C ASN B 379 34.80 -16.02 41.43
N ALA B 380 34.29 -15.09 40.63
CA ALA B 380 34.90 -13.78 40.49
C ALA B 380 34.35 -12.74 41.47
N THR B 381 33.48 -13.14 42.39
CA THR B 381 32.92 -12.22 43.38
C THR B 381 33.25 -12.70 44.79
N GLY B 382 33.60 -11.74 45.65
CA GLY B 382 33.79 -12.03 47.07
C GLY B 382 32.47 -12.26 47.76
N GLY B 383 31.61 -11.26 47.75
CA GLY B 383 30.26 -11.40 48.27
C GLY B 383 29.27 -10.75 47.32
N ALA B 384 28.00 -11.16 47.46
CA ALA B 384 26.97 -10.65 46.58
C ALA B 384 25.63 -10.58 47.32
N THR B 385 24.89 -9.51 47.06
CA THR B 385 23.54 -9.32 47.59
C THR B 385 22.56 -9.35 46.43
N LEU B 386 21.72 -10.37 46.37
CA LEU B 386 20.66 -10.45 45.38
C LEU B 386 19.41 -9.83 45.99
N VAL B 387 18.99 -8.68 45.46
CA VAL B 387 17.85 -7.93 45.99
C VAL B 387 16.74 -7.94 44.94
N SER B 388 15.54 -8.34 45.36
CA SER B 388 14.38 -8.39 44.49
C SER B 388 13.13 -8.55 45.35
N ALA B 389 11.97 -8.29 44.74
CA ALA B 389 10.68 -8.52 45.38
C ALA B 389 10.28 -9.98 45.35
N THR B 390 10.81 -10.74 44.41
CA THR B 390 10.48 -12.16 44.27
C THR B 390 11.82 -12.89 44.12
N LEU B 391 12.28 -13.49 45.20
CA LEU B 391 13.44 -14.36 45.17
C LEU B 391 13.12 -15.79 45.58
N PHE B 392 12.23 -15.96 46.56
CA PHE B 392 11.84 -17.27 47.06
C PHE B 392 10.45 -17.63 46.51
N THR B 393 10.18 -18.93 46.47
CA THR B 393 8.88 -19.38 46.00
C THR B 393 7.86 -19.36 47.14
N THR B 394 8.16 -20.05 48.23
CA THR B 394 7.32 -20.05 49.43
C THR B 394 8.18 -19.72 50.64
N GLY B 395 7.72 -18.78 51.45
CA GLY B 395 8.48 -18.39 52.62
C GLY B 395 9.84 -17.84 52.22
N ASP B 396 10.90 -18.47 52.74
CA ASP B 396 12.27 -18.09 52.42
C ASP B 396 12.97 -19.13 51.56
N ASN B 397 12.21 -20.05 50.95
CA ASN B 397 12.79 -21.13 50.17
C ASN B 397 13.38 -20.56 48.87
N GLY B 398 14.70 -20.43 48.84
CA GLY B 398 15.38 -19.89 47.67
C GLY B 398 16.02 -20.97 46.83
N SER B 399 15.46 -22.18 46.86
CA SER B 399 16.05 -23.29 46.13
C SER B 399 16.02 -23.05 44.63
N LEU B 400 14.86 -22.67 44.09
CA LEU B 400 14.73 -22.54 42.65
C LEU B 400 15.55 -21.37 42.11
N THR B 401 15.61 -20.27 42.85
CA THR B 401 16.43 -19.14 42.42
C THR B 401 17.91 -19.49 42.50
N ARG B 402 18.31 -20.23 43.53
CA ARG B 402 19.69 -20.70 43.62
C ARG B 402 20.06 -21.57 42.44
N TRP B 403 19.16 -22.49 42.07
CA TRP B 403 19.43 -23.37 40.93
C TRP B 403 19.43 -22.60 39.63
N LYS B 404 18.58 -21.57 39.52
CA LYS B 404 18.53 -20.75 38.31
C LYS B 404 19.86 -20.06 38.07
N LEU B 405 20.37 -19.35 39.06
CA LEU B 405 21.62 -18.59 38.96
C LEU B 405 22.83 -19.43 39.31
N GLU B 406 22.62 -20.70 39.64
CA GLU B 406 23.70 -21.68 39.86
C GLU B 406 24.62 -21.22 40.99
N VAL B 407 24.02 -20.67 42.03
CA VAL B 407 24.76 -20.24 43.21
C VAL B 407 25.30 -21.46 43.96
N PRO B 408 26.58 -21.53 44.25
CA PRO B 408 27.10 -22.64 45.06
C PRO B 408 26.43 -22.69 46.42
N THR B 409 26.17 -23.91 46.90
CA THR B 409 25.27 -24.09 48.03
C THR B 409 25.90 -23.58 49.34
N GLU B 410 27.21 -23.76 49.50
CA GLU B 410 27.86 -23.30 50.72
C GLU B 410 27.74 -21.78 50.86
N ARG B 411 27.91 -21.04 49.75
CA ARG B 411 27.84 -19.59 49.82
C ARG B 411 26.42 -19.08 49.96
N ALA B 412 25.44 -19.82 49.43
CA ALA B 412 24.06 -19.34 49.42
C ALA B 412 23.56 -19.10 50.83
N ALA B 413 22.91 -17.96 51.04
CA ALA B 413 22.38 -17.58 52.34
C ALA B 413 21.07 -16.84 52.11
N PHE B 414 19.98 -17.41 52.59
CA PHE B 414 18.64 -16.87 52.37
C PHE B 414 18.19 -16.11 53.61
N LEU B 415 17.90 -14.82 53.45
CA LEU B 415 17.40 -14.10 54.61
C LEU B 415 15.89 -14.14 54.70
N PRO B 416 15.32 -13.82 55.87
CA PRO B 416 13.86 -13.77 55.99
C PRO B 416 13.28 -12.69 55.10
N PRO B 417 12.13 -12.97 54.46
CA PRO B 417 11.52 -11.97 53.59
C PRO B 417 10.91 -10.82 54.38
N VAL B 418 10.69 -9.72 53.67
CA VAL B 418 10.05 -8.53 54.22
C VAL B 418 8.81 -8.27 53.38
N HIS B 419 7.64 -8.63 53.93
CA HIS B 419 6.35 -8.39 53.29
C HIS B 419 5.44 -7.70 54.29
N PRO B 420 5.45 -6.37 54.34
CA PRO B 420 4.58 -5.65 55.28
C PRO B 420 3.11 -5.89 54.98
N ALA B 421 2.28 -5.70 56.00
CA ALA B 421 0.85 -5.92 55.87
C ALA B 421 0.19 -4.99 54.86
N TRP B 422 0.79 -3.83 54.60
CA TRP B 422 0.19 -2.90 53.66
C TRP B 422 0.19 -3.42 52.23
N THR B 423 0.99 -4.44 51.94
CA THR B 423 0.93 -5.07 50.62
C THR B 423 -0.32 -5.93 50.46
N THR B 424 -0.99 -6.27 51.56
CA THR B 424 -2.19 -7.09 51.52
C THR B 424 -3.40 -6.42 52.16
N ALA B 425 -3.24 -5.24 52.74
CA ALA B 425 -4.33 -4.60 53.48
C ALA B 425 -5.36 -3.98 52.54
N PRO B 426 -4.99 -3.07 51.61
CA PRO B 426 -6.02 -2.43 50.79
C PRO B 426 -6.41 -3.24 49.57
N VAL B 427 -6.61 -4.55 49.73
CA VAL B 427 -6.96 -5.41 48.61
C VAL B 427 -7.86 -6.53 49.12
N LEU B 428 -8.95 -6.76 48.40
CA LEU B 428 -9.94 -7.77 48.75
C LEU B 428 -9.96 -8.83 47.67
N LEU B 429 -9.76 -10.09 48.06
CA LEU B 429 -9.88 -11.21 47.13
C LEU B 429 -11.35 -11.58 47.06
N HIS B 430 -11.97 -11.37 45.90
CA HIS B 430 -13.39 -11.62 45.73
C HIS B 430 -13.63 -13.07 45.33
N LYS B 431 -14.63 -13.68 45.94
CA LYS B 431 -14.94 -15.11 45.76
C LYS B 431 -15.28 -15.44 44.33
N GLU B 432 -15.45 -14.43 43.49
CA GLU B 432 -15.98 -14.59 42.16
C GLU B 432 -14.96 -15.27 41.25
N PHE B 433 -15.43 -16.19 40.41
CA PHE B 433 -14.50 -16.88 39.50
C PHE B 433 -15.26 -17.51 38.35
N CYS B 434 -14.57 -17.67 37.22
CA CYS B 434 -15.13 -18.32 36.05
C CYS B 434 -15.25 -19.82 36.31
N ALA B 435 -16.45 -20.36 36.20
CA ALA B 435 -16.68 -21.76 36.56
C ALA B 435 -16.05 -22.72 35.57
N HIS B 436 -16.00 -22.36 34.29
CA HIS B 436 -15.49 -23.27 33.28
C HIS B 436 -13.97 -23.38 33.34
N GLU B 437 -13.47 -24.58 33.17
CA GLU B 437 -12.02 -24.81 33.20
C GLU B 437 -11.35 -24.15 32.00
N PRO B 438 -10.24 -23.44 32.19
CA PRO B 438 -9.55 -22.84 31.05
C PRO B 438 -8.87 -23.89 30.18
N ASP B 439 -9.44 -24.14 29.01
CA ASP B 439 -8.91 -25.10 28.06
C ASP B 439 -8.72 -24.46 26.69
N ASP B 440 -8.54 -23.13 26.66
CA ASP B 440 -8.28 -22.38 25.44
C ASP B 440 -9.35 -22.62 24.37
N SER B 441 -10.61 -22.61 24.80
CA SER B 441 -11.74 -22.86 23.93
C SER B 441 -12.61 -21.63 23.79
N PRO B 442 -13.37 -21.52 22.71
CA PRO B 442 -14.42 -20.49 22.66
C PRO B 442 -15.38 -20.59 23.83
N GLU B 443 -15.68 -21.81 24.24
CA GLU B 443 -16.51 -22.03 25.42
C GLU B 443 -15.94 -21.30 26.63
N TRP B 444 -14.70 -21.62 27.00
CA TRP B 444 -14.05 -20.92 28.11
C TRP B 444 -14.05 -19.42 27.88
N ALA B 445 -13.87 -19.00 26.64
CA ALA B 445 -13.82 -17.58 26.33
C ALA B 445 -15.10 -16.87 26.72
N THR B 446 -16.26 -17.51 26.47
CA THR B 446 -17.53 -16.86 26.79
C THR B 446 -17.67 -16.60 28.29
N GLU B 447 -17.49 -17.64 29.11
CA GLU B 447 -17.64 -17.48 30.56
C GLU B 447 -16.59 -16.53 31.13
N CYS B 448 -15.33 -16.70 30.73
CA CYS B 448 -14.29 -15.82 31.23
C CYS B 448 -14.56 -14.37 30.84
N ALA B 449 -14.98 -14.15 29.59
CA ALA B 449 -15.32 -12.82 29.12
C ALA B 449 -16.43 -12.21 29.96
N GLN B 450 -17.49 -12.98 30.22
CA GLN B 450 -18.59 -12.46 31.04
C GLN B 450 -18.10 -12.07 32.43
N THR B 451 -17.21 -12.89 33.00
CA THR B 451 -16.65 -12.54 34.30
C THR B 451 -15.84 -11.24 34.23
N ILE B 452 -15.06 -11.07 33.16
CA ILE B 452 -14.27 -9.84 33.03
C ILE B 452 -15.17 -8.62 32.90
N GLN B 453 -16.26 -8.73 32.12
CA GLN B 453 -17.21 -7.62 32.03
C GLN B 453 -17.83 -7.32 33.38
N GLY B 454 -18.18 -8.35 34.15
CA GLY B 454 -18.69 -8.13 35.48
C GLY B 454 -17.69 -7.40 36.36
N VAL B 455 -16.41 -7.73 36.25
CA VAL B 455 -15.38 -7.03 37.01
C VAL B 455 -15.28 -5.58 36.57
N ALA B 456 -15.27 -5.34 35.26
CA ALA B 456 -15.05 -4.00 34.72
C ALA B 456 -16.26 -3.09 34.88
N SER B 457 -17.41 -3.63 35.30
CA SER B 457 -18.61 -2.83 35.47
C SER B 457 -18.63 -2.07 36.79
N THR B 458 -17.72 -2.38 37.72
CA THR B 458 -17.67 -1.72 39.00
C THR B 458 -16.29 -1.12 39.30
N ALA B 459 -15.32 -1.29 38.40
CA ALA B 459 -13.96 -0.81 38.65
C ALA B 459 -13.94 0.71 38.75
N GLN B 460 -13.47 1.21 39.89
CA GLN B 460 -13.31 2.66 40.06
C GLN B 460 -12.29 3.21 39.08
N GLY B 461 -11.20 2.48 38.86
CA GLY B 461 -10.19 2.89 37.91
C GLY B 461 -9.90 1.82 36.87
N GLY B 462 -8.71 1.89 36.27
CA GLY B 462 -8.35 0.94 35.24
C GLY B 462 -8.14 -0.46 35.80
N THR B 463 -8.43 -1.45 34.96
CA THR B 463 -8.32 -2.84 35.36
C THR B 463 -7.38 -3.61 34.43
N LEU B 464 -6.60 -4.51 35.02
CA LEU B 464 -5.62 -5.32 34.34
C LEU B 464 -6.07 -6.77 34.36
N VAL B 465 -5.94 -7.46 33.23
CA VAL B 465 -6.42 -8.82 33.05
C VAL B 465 -5.22 -9.60 32.52
N LEU B 466 -4.57 -10.37 33.39
CA LEU B 466 -3.40 -11.14 32.99
C LEU B 466 -3.82 -12.49 32.41
N CYS B 467 -3.31 -12.80 31.23
CA CYS B 467 -3.49 -14.09 30.58
C CYS B 467 -2.12 -14.69 30.31
N THR B 468 -2.11 -15.90 29.76
CA THR B 468 -0.90 -16.66 29.52
C THR B 468 -0.52 -16.72 28.05
N SER B 469 -1.46 -17.05 27.17
CA SER B 469 -1.17 -17.22 25.76
C SER B 469 -1.82 -16.11 24.94
N TYR B 470 -1.17 -15.76 23.83
CA TYR B 470 -1.75 -14.80 22.89
C TYR B 470 -3.09 -15.27 22.37
N GLN B 471 -3.26 -16.59 22.20
CA GLN B 471 -4.52 -17.15 21.73
C GLN B 471 -5.66 -16.85 22.71
N ASN B 472 -5.38 -16.98 24.02
CA ASN B 472 -6.37 -16.64 25.03
C ASN B 472 -6.84 -15.19 24.87
N THR B 473 -5.88 -14.26 24.80
CA THR B 473 -6.23 -12.85 24.69
C THR B 473 -6.93 -12.54 23.38
N GLU B 474 -6.60 -13.25 22.31
CA GLU B 474 -7.27 -13.02 21.03
C GLU B 474 -8.74 -13.43 21.11
N LEU B 475 -9.01 -14.61 21.67
CA LEU B 475 -10.41 -15.02 21.85
C LEU B 475 -11.15 -14.05 22.76
N LEU B 476 -10.50 -13.62 23.85
CA LEU B 476 -11.14 -12.69 24.76
C LEU B 476 -11.41 -11.35 24.08
N ALA B 477 -10.47 -10.86 23.27
CA ALA B 477 -10.71 -9.62 22.54
C ALA B 477 -11.89 -9.77 21.59
N GLY B 478 -11.97 -10.92 20.92
CA GLY B 478 -13.12 -11.17 20.05
C GLY B 478 -14.44 -11.12 20.81
N ARG B 479 -14.46 -11.62 22.04
CA ARG B 479 -15.70 -11.62 22.82
C ARG B 479 -15.88 -10.41 23.72
N LEU B 480 -14.92 -9.48 23.75
CA LEU B 480 -15.03 -8.27 24.56
C LEU B 480 -15.08 -6.98 23.75
N GLY B 481 -14.79 -7.03 22.45
CA GLY B 481 -14.81 -5.81 21.65
C GLY B 481 -16.18 -5.15 21.58
N ALA B 482 -17.25 -5.94 21.63
CA ALA B 482 -18.58 -5.37 21.56
C ALA B 482 -18.90 -4.52 22.78
N ALA B 483 -18.65 -5.06 23.98
CA ALA B 483 -19.02 -4.34 25.19
C ALA B 483 -18.02 -3.24 25.53
N LEU B 484 -16.73 -3.58 25.57
CA LEU B 484 -15.74 -2.60 26.02
C LEU B 484 -15.53 -1.51 24.97
N GLY B 485 -15.33 -1.89 23.71
CA GLY B 485 -15.33 -0.94 22.63
C GLY B 485 -14.09 -0.07 22.56
N ASP B 486 -13.98 0.87 23.49
CA ASP B 486 -12.82 1.74 23.58
C ASP B 486 -12.13 1.67 24.93
N ARG B 487 -12.73 1.01 25.93
CA ARG B 487 -12.03 0.70 27.17
C ARG B 487 -10.97 -0.37 26.96
N LEU B 488 -11.03 -1.11 25.86
CA LEU B 488 -10.24 -2.31 25.67
C LEU B 488 -8.89 -1.97 25.03
N ILE B 489 -7.82 -2.36 25.72
CA ILE B 489 -6.48 -2.44 25.16
C ILE B 489 -6.12 -3.92 25.09
N VAL B 490 -5.69 -4.36 23.91
CA VAL B 490 -5.34 -5.77 23.69
C VAL B 490 -3.87 -5.83 23.28
N GLN B 491 -3.11 -6.68 23.96
CA GLN B 491 -1.67 -6.78 23.74
C GLN B 491 -1.38 -7.86 22.71
N SER B 492 -0.34 -7.63 21.91
CA SER B 492 0.02 -8.54 20.84
C SER B 492 1.51 -8.41 20.57
N LYS B 493 1.99 -9.10 19.52
CA LYS B 493 3.37 -8.94 19.10
C LYS B 493 3.62 -7.53 18.56
N THR B 494 2.69 -7.02 17.76
CA THR B 494 2.83 -5.67 17.20
C THR B 494 2.55 -4.58 18.21
N SER B 495 1.86 -4.90 19.30
CA SER B 495 1.55 -3.94 20.36
C SER B 495 2.23 -4.40 21.64
N SER B 496 3.39 -3.81 21.93
CA SER B 496 4.19 -4.22 23.09
C SER B 496 3.43 -3.96 24.38
N ALA B 497 3.89 -4.61 25.46
CA ALA B 497 3.28 -4.41 26.77
C ALA B 497 3.50 -3.00 27.27
N ALA B 498 4.66 -2.41 26.98
CA ALA B 498 4.92 -1.03 27.40
C ALA B 498 4.05 -0.04 26.64
N THR B 499 3.81 -0.29 25.35
CA THR B 499 2.87 0.53 24.60
C THR B 499 1.48 0.46 25.19
N CYS B 500 1.05 -0.74 25.58
CA CYS B 500 -0.24 -0.89 26.24
C CYS B 500 -0.26 -0.17 27.58
N LEU B 501 0.88 -0.16 28.28
CA LEU B 501 0.99 0.59 29.53
C LEU B 501 0.79 2.08 29.30
N ALA B 502 1.43 2.62 28.26
CA ALA B 502 1.28 4.03 27.94
C ALA B 502 -0.17 4.36 27.56
N GLN B 503 -0.79 3.50 26.75
CA GLN B 503 -2.19 3.69 26.40
C GLN B 503 -3.08 3.63 27.63
N PHE B 504 -2.78 2.70 28.54
CA PHE B 504 -3.57 2.53 29.76
C PHE B 504 -3.51 3.79 30.62
N LYS B 505 -2.29 4.34 30.79
CA LYS B 505 -2.13 5.55 31.59
C LYS B 505 -2.82 6.74 30.92
N ALA B 506 -2.69 6.88 29.60
CA ALA B 506 -3.34 7.98 28.91
C ALA B 506 -4.86 7.89 29.02
N LYS B 507 -5.40 6.68 28.86
CA LYS B 507 -6.84 6.49 28.96
C LYS B 507 -7.32 6.78 30.39
N HIS B 508 -6.54 6.38 31.39
CA HIS B 508 -6.89 6.74 32.76
C HIS B 508 -6.88 8.26 32.96
N LYS B 509 -5.92 8.94 32.34
CA LYS B 509 -5.92 10.40 32.38
C LYS B 509 -7.19 10.97 31.76
N ALA B 510 -7.64 10.40 30.64
CA ALA B 510 -8.86 10.87 30.00
C ALA B 510 -10.09 10.70 30.88
N GLY B 511 -10.02 9.86 31.91
CA GLY B 511 -11.13 9.60 32.79
C GLY B 511 -11.86 8.29 32.53
N ILE B 512 -11.66 7.70 31.37
CA ILE B 512 -12.28 6.41 31.07
C ILE B 512 -11.53 5.32 31.82
N ARG B 513 -12.27 4.26 32.20
CA ARG B 513 -11.71 3.16 32.98
C ARG B 513 -11.25 2.03 32.05
N PRO B 514 -9.96 1.92 31.79
CA PRO B 514 -9.47 0.95 30.80
C PRO B 514 -9.48 -0.48 31.33
N VAL B 515 -9.69 -1.40 30.39
CA VAL B 515 -9.47 -2.84 30.58
C VAL B 515 -8.30 -3.25 29.69
N TRP B 516 -7.30 -3.89 30.28
CA TRP B 516 -6.08 -4.26 29.57
C TRP B 516 -5.94 -5.77 29.57
N LEU B 517 -6.05 -6.38 28.38
CA LEU B 517 -5.77 -7.80 28.19
C LEU B 517 -4.26 -7.95 28.01
N GLY B 518 -3.56 -8.16 29.11
CA GLY B 518 -2.11 -8.23 29.10
C GLY B 518 -1.59 -9.65 29.29
N LEU B 519 -0.32 -9.82 28.97
CA LEU B 519 0.39 -11.09 29.14
C LEU B 519 1.88 -10.81 28.99
N GLY B 520 2.68 -11.86 29.12
CA GLY B 520 4.12 -11.74 29.01
C GLY B 520 4.71 -10.87 30.11
N ALA B 521 5.23 -9.71 29.74
CA ALA B 521 5.77 -8.77 30.71
C ALA B 521 4.68 -8.11 31.55
N ALA B 522 3.41 -8.34 31.23
CA ALA B 522 2.32 -7.80 32.04
C ALA B 522 2.35 -8.40 33.44
N TRP B 523 2.70 -9.68 33.56
CA TRP B 523 2.82 -10.30 34.88
C TRP B 523 4.02 -9.73 35.64
N THR B 524 5.16 -9.61 34.97
CA THR B 524 6.42 -9.29 35.62
C THR B 524 7.01 -8.02 35.01
N GLY B 525 7.19 -7.00 35.85
CA GLY B 525 7.98 -5.85 35.44
C GLY B 525 7.25 -4.73 34.73
N ILE B 526 5.98 -4.50 35.05
CA ILE B 526 5.29 -3.28 34.63
C ILE B 526 4.73 -2.62 35.88
N ASP B 527 4.91 -1.30 35.98
CA ASP B 527 4.50 -0.53 37.14
C ASP B 527 3.21 0.19 36.81
N LEU B 528 2.18 -0.03 37.63
CA LEU B 528 0.88 0.63 37.45
C LEU B 528 0.62 1.65 38.56
N SER B 529 1.66 2.34 38.99
CA SER B 529 1.51 3.45 39.91
C SER B 529 1.16 4.72 39.15
N ASP B 530 0.41 5.60 39.81
CA ASP B 530 0.04 6.89 39.22
C ASP B 530 1.14 7.89 39.54
N HIS B 531 1.88 8.30 38.51
CA HIS B 531 2.96 9.26 38.70
C HIS B 531 2.47 10.70 38.75
N SER B 532 1.21 10.95 38.40
CA SER B 532 0.60 12.26 38.64
C SER B 532 0.33 12.51 40.11
N LEU B 533 0.45 11.48 40.95
CA LEU B 533 0.18 11.58 42.39
C LEU B 533 1.34 10.96 43.17
N PRO B 534 2.53 11.58 43.10
CA PRO B 534 3.69 10.99 43.82
C PRO B 534 3.50 10.91 45.32
N ASP B 535 2.73 11.83 45.89
CA ASP B 535 2.55 11.89 47.35
C ASP B 535 1.11 11.63 47.76
N ASN B 536 0.29 11.06 46.87
CA ASN B 536 -1.12 10.79 47.14
C ASN B 536 -1.45 9.35 46.79
N PRO B 537 -0.99 8.40 47.60
CA PRO B 537 -1.30 6.98 47.29
C PRO B 537 -2.78 6.64 47.41
N GLU B 538 -3.50 7.27 48.34
CA GLU B 538 -4.92 6.97 48.50
C GLU B 538 -5.72 7.39 47.28
N LEU B 539 -5.31 8.47 46.62
CA LEU B 539 -5.99 8.91 45.40
C LEU B 539 -5.70 7.99 44.22
N ASP B 540 -4.64 7.19 44.30
CA ASP B 540 -4.22 6.35 43.18
C ASP B 540 -5.34 5.41 42.75
N ARG B 541 -5.88 5.65 41.56
CA ARG B 541 -6.96 4.83 41.01
C ARG B 541 -6.56 4.19 39.69
N LEU B 542 -5.29 4.27 39.32
CA LEU B 542 -4.85 3.80 38.00
C LEU B 542 -5.13 2.31 37.83
N LEU B 543 -4.73 1.51 38.82
CA LEU B 543 -5.05 0.08 38.86
C LEU B 543 -6.02 -0.14 40.01
N SER B 544 -7.25 -0.54 39.67
CA SER B 544 -8.27 -0.83 40.68
C SER B 544 -8.50 -2.32 40.86
N ASP B 545 -8.73 -3.04 39.76
CA ASP B 545 -8.99 -4.49 39.81
C ASP B 545 -7.94 -5.22 39.01
N LEU B 546 -7.39 -6.28 39.59
CA LEU B 546 -6.44 -7.16 38.91
C LEU B 546 -7.13 -8.50 38.69
N VAL B 547 -6.97 -9.07 37.51
CA VAL B 547 -7.71 -10.26 37.09
C VAL B 547 -6.73 -11.32 36.60
N ILE B 548 -6.72 -12.47 37.24
CA ILE B 548 -5.94 -13.63 36.82
C ILE B 548 -6.90 -14.58 36.11
N THR B 549 -6.85 -14.60 34.78
CA THR B 549 -7.70 -15.53 34.03
C THR B 549 -7.28 -16.97 34.25
N ARG B 550 -5.98 -17.22 34.27
CA ARG B 550 -5.45 -18.58 34.22
C ARG B 550 -4.22 -18.68 35.11
N ILE B 551 -4.01 -19.86 35.68
CA ILE B 551 -2.77 -20.11 36.42
C ILE B 551 -1.59 -20.05 35.46
N PRO B 552 -0.55 -19.27 35.75
CA PRO B 552 0.58 -19.12 34.81
C PRO B 552 1.49 -20.34 34.75
N VAL B 553 0.95 -21.43 34.22
CA VAL B 553 1.71 -22.65 34.02
C VAL B 553 2.30 -22.61 32.62
N GLY B 554 3.59 -22.95 32.49
CA GLY B 554 4.25 -22.94 31.20
C GLY B 554 4.59 -21.56 30.69
N GLN B 555 4.63 -20.55 31.56
CA GLN B 555 4.99 -19.21 31.10
C GLN B 555 6.46 -19.11 30.75
N ASN B 556 7.32 -19.80 31.50
CA ASN B 556 8.75 -19.75 31.26
C ASN B 556 9.12 -20.68 30.11
N ARG B 557 9.70 -20.12 29.05
CA ARG B 557 10.05 -20.87 27.85
C ARG B 557 11.55 -20.98 27.65
N SER B 558 12.35 -20.70 28.68
CA SER B 558 13.80 -20.69 28.54
C SER B 558 14.36 -22.11 28.47
N LEU B 559 15.52 -22.23 27.82
CA LEU B 559 16.21 -23.52 27.74
C LEU B 559 16.62 -24.01 29.11
N THR B 560 17.14 -23.11 29.95
CA THR B 560 17.52 -23.47 31.31
C THR B 560 16.33 -24.02 32.08
N HIS B 561 15.16 -23.42 31.90
CA HIS B 561 13.96 -23.94 32.54
C HIS B 561 13.67 -25.36 32.04
N GLU B 562 13.62 -25.53 30.71
CA GLU B 562 13.46 -26.85 30.11
C GLU B 562 14.33 -27.90 30.79
N ARG B 563 15.62 -27.60 30.95
CA ARG B 563 16.51 -28.53 31.66
C ARG B 563 16.07 -28.74 33.10
N ARG B 564 15.71 -27.65 33.79
CA ARG B 564 15.34 -27.75 35.20
C ARG B 564 14.11 -28.63 35.39
N THR B 565 13.11 -28.47 34.54
CA THR B 565 11.93 -29.32 34.59
C THR B 565 12.26 -30.77 34.26
N ALA B 566 13.04 -30.98 33.19
CA ALA B 566 13.42 -32.34 32.82
C ALA B 566 14.10 -33.06 33.98
N ILE B 567 14.90 -32.32 34.76
CA ILE B 567 15.57 -32.94 35.90
C ILE B 567 14.61 -33.12 37.08
N GLY B 568 13.90 -32.06 37.47
CA GLY B 568 13.18 -32.02 38.72
C GLY B 568 11.72 -32.41 38.73
N GLY B 569 11.11 -32.69 37.57
CA GLY B 569 9.72 -33.11 37.57
C GLY B 569 8.74 -31.95 37.71
N PHE B 570 7.49 -32.33 37.96
CA PHE B 570 6.41 -31.34 38.06
C PHE B 570 6.58 -30.42 39.26
N ARG B 571 7.44 -30.78 40.21
CA ARG B 571 7.71 -29.87 41.32
C ARG B 571 8.28 -28.55 40.81
N ILE B 572 9.21 -28.61 39.87
CA ILE B 572 9.78 -27.40 39.28
C ILE B 572 8.72 -26.64 38.49
N ILE B 573 7.87 -27.36 37.75
CA ILE B 573 6.83 -26.71 36.96
C ILE B 573 5.89 -25.93 37.86
N SER B 574 5.40 -26.57 38.92
CA SER B 574 4.49 -25.90 39.85
C SER B 574 5.18 -24.77 40.59
N GLN B 575 6.45 -24.96 40.96
CA GLN B 575 7.18 -23.90 41.64
C GLN B 575 7.34 -22.67 40.76
N GLU B 576 7.69 -22.88 39.48
CA GLU B 576 7.81 -21.76 38.55
C GLU B 576 6.46 -21.10 38.30
N ALA B 577 5.40 -21.90 38.22
CA ALA B 577 4.06 -21.34 38.01
C ALA B 577 3.66 -20.45 39.19
N ALA B 578 3.90 -20.93 40.42
CA ALA B 578 3.59 -20.12 41.59
C ALA B 578 4.50 -18.90 41.68
N TRP B 579 5.74 -19.03 41.22
CA TRP B 579 6.66 -17.90 41.14
C TRP B 579 6.10 -16.80 40.24
N HIS B 580 5.70 -17.17 39.03
CA HIS B 580 5.13 -16.21 38.09
C HIS B 580 3.80 -15.67 38.61
N PHE B 581 3.02 -16.51 39.29
CA PHE B 581 1.75 -16.08 39.86
C PHE B 581 1.96 -15.03 40.95
N ARG B 582 2.96 -15.23 41.81
CA ARG B 582 3.28 -14.25 42.83
C ARG B 582 3.78 -12.95 42.20
N GLN B 583 4.61 -13.05 41.15
CA GLN B 583 5.04 -11.85 40.44
C GLN B 583 3.84 -11.09 39.88
N GLY B 584 2.91 -11.80 39.27
CA GLY B 584 1.72 -11.15 38.71
C GLY B 584 0.85 -10.51 39.79
N LEU B 585 0.70 -11.19 40.93
CA LEU B 585 0.00 -10.58 42.05
C LEU B 585 0.70 -9.31 42.52
N GLY B 586 2.03 -9.28 42.45
CA GLY B 586 2.78 -8.10 42.85
C GLY B 586 2.57 -6.86 41.99
N ARG B 587 1.77 -6.95 40.93
CA ARG B 587 1.50 -5.81 40.08
C ARG B 587 0.54 -4.81 40.71
N LEU B 588 -0.16 -5.20 41.78
CA LEU B 588 -1.26 -4.41 42.33
C LEU B 588 -0.80 -3.32 43.28
N VAL B 589 -0.13 -3.72 44.37
CA VAL B 589 0.22 -2.80 45.45
C VAL B 589 1.70 -2.46 45.30
N ARG B 590 1.98 -1.25 44.85
CA ARG B 590 3.35 -0.83 44.57
C ARG B 590 3.94 0.12 45.61
N ARG B 591 3.14 0.60 46.56
CA ARG B 591 3.62 1.49 47.61
C ARG B 591 2.56 1.57 48.70
N PRO B 592 2.95 1.91 49.92
CA PRO B 592 1.96 1.99 51.02
C PRO B 592 0.98 3.12 50.83
N GLY B 593 -0.21 2.94 51.39
CA GLY B 593 -1.22 3.98 51.43
C GLY B 593 -2.27 3.93 50.35
N VAL B 594 -2.14 3.03 49.37
CA VAL B 594 -3.19 2.91 48.35
C VAL B 594 -4.45 2.33 48.99
N THR B 595 -5.58 2.49 48.27
CA THR B 595 -6.88 2.09 48.80
C THR B 595 -7.71 1.42 47.72
N HIS B 596 -8.68 0.62 48.18
CA HIS B 596 -9.75 0.08 47.34
C HIS B 596 -9.22 -0.69 46.14
N LYS B 597 -8.21 -1.52 46.37
CA LYS B 597 -7.73 -2.43 45.33
C LYS B 597 -8.46 -3.77 45.46
N ASN B 598 -8.62 -4.46 44.33
CA ASN B 598 -9.40 -5.67 44.28
C ASN B 598 -8.68 -6.73 43.45
N LEU B 599 -8.73 -7.97 43.90
CA LEU B 599 -8.07 -9.08 43.23
C LEU B 599 -9.12 -10.12 42.86
N TRP B 600 -9.07 -10.57 41.62
CA TRP B 600 -9.97 -11.60 41.10
C TRP B 600 -9.12 -12.70 40.50
N VAL B 601 -9.42 -13.95 40.86
CA VAL B 601 -8.72 -15.10 40.30
C VAL B 601 -9.78 -16.02 39.70
N LEU B 602 -9.77 -16.14 38.37
CA LEU B 602 -10.86 -16.76 37.65
C LEU B 602 -10.61 -18.21 37.27
N ASP B 603 -9.48 -18.79 37.67
CA ASP B 603 -9.22 -20.19 37.34
C ASP B 603 -10.12 -21.10 38.15
N ALA B 604 -10.87 -21.97 37.46
CA ALA B 604 -11.75 -22.91 38.14
C ALA B 604 -10.96 -23.91 38.97
N ARG B 605 -9.76 -24.27 38.49
CA ARG B 605 -8.98 -25.31 39.14
C ARG B 605 -8.56 -24.91 40.55
N ILE B 606 -8.36 -23.60 40.80
CA ILE B 606 -8.04 -23.16 42.16
C ILE B 606 -9.21 -23.45 43.11
N TYR B 607 -10.43 -23.17 42.68
CA TYR B 607 -11.59 -23.40 43.54
C TYR B 607 -12.07 -24.85 43.50
N GLY B 608 -11.68 -25.61 42.49
CA GLY B 608 -11.79 -27.05 42.59
C GLY B 608 -10.81 -27.59 43.61
N GLY B 609 -11.25 -28.56 44.39
CA GLY B 609 -10.45 -29.08 45.49
C GLY B 609 -9.36 -30.03 45.05
N ALA B 610 -8.33 -29.50 44.41
CA ALA B 610 -7.23 -30.29 43.88
C ALA B 610 -5.96 -30.05 44.69
N ALA B 611 -5.12 -31.09 44.73
CA ALA B 611 -3.91 -31.04 45.55
C ALA B 611 -2.87 -30.08 44.97
N TRP B 612 -2.71 -30.07 43.65
CA TRP B 612 -1.61 -29.33 43.04
C TRP B 612 -1.74 -27.82 43.20
N VAL B 613 -2.97 -27.30 43.29
CA VAL B 613 -3.16 -25.85 43.46
C VAL B 613 -2.85 -25.38 44.87
N ALA B 614 -2.36 -26.25 45.74
CA ALA B 614 -2.07 -25.86 47.12
C ALA B 614 -1.13 -24.67 47.26
N PRO B 615 0.02 -24.60 46.56
CA PRO B 615 0.86 -23.40 46.72
C PRO B 615 0.15 -22.11 46.32
N PHE B 616 -0.72 -22.16 45.32
CA PHE B 616 -1.46 -20.95 44.94
C PHE B 616 -2.48 -20.57 45.99
N ARG B 617 -3.29 -21.54 46.44
CA ARG B 617 -4.23 -21.29 47.53
C ARG B 617 -3.51 -20.74 48.75
N GLN B 618 -2.42 -21.39 49.14
CA GLN B 618 -1.66 -20.96 50.30
C GLN B 618 -1.14 -19.54 50.15
N ILE B 619 -1.01 -19.05 48.91
CA ILE B 619 -0.69 -17.65 48.70
C ILE B 619 -1.92 -16.78 48.91
N LEU B 620 -3.02 -17.14 48.26
CA LEU B 620 -4.18 -16.26 48.17
C LEU B 620 -4.80 -15.95 49.53
N ASP B 621 -4.59 -16.82 50.52
CA ASP B 621 -5.16 -16.58 51.84
C ASP B 621 -4.40 -15.52 52.64
N ARG B 622 -3.42 -14.84 52.04
CA ARG B 622 -2.88 -13.64 52.68
C ARG B 622 -3.96 -12.57 52.82
N TYR B 623 -4.80 -12.42 51.80
CA TYR B 623 -5.80 -11.36 51.75
C TYR B 623 -7.08 -11.80 52.45
N LYS B 624 -7.68 -10.88 53.20
CA LYS B 624 -8.97 -11.14 53.83
C LYS B 624 -10.10 -10.64 52.94
N LYS B 625 -11.31 -11.10 53.25
CA LYS B 625 -12.50 -10.82 52.45
C LYS B 625 -12.30 -11.27 51.00
N ASP C 6 1.75 8.35 -39.83
CA ASP C 6 0.58 8.38 -38.96
C ASP C 6 -0.25 7.10 -39.11
N ALA C 7 0.30 6.14 -39.86
CA ALA C 7 -0.38 4.86 -40.03
C ALA C 7 -0.49 4.13 -38.71
N LEU C 8 -1.64 3.51 -38.49
CA LEU C 8 -1.91 2.89 -37.20
C LEU C 8 -1.05 1.63 -37.04
N PRO C 9 -0.77 1.22 -35.80
CA PRO C 9 -0.02 -0.03 -35.61
C PRO C 9 -0.80 -1.22 -36.17
N GLY C 10 -0.08 -2.09 -36.89
CA GLY C 10 -0.72 -3.22 -37.52
C GLY C 10 -1.72 -2.87 -38.59
N GLU C 11 -1.64 -1.65 -39.15
CA GLU C 11 -2.58 -1.24 -40.17
C GLU C 11 -2.35 -1.98 -41.48
N GLY C 12 -1.11 -2.38 -41.76
CA GLY C 12 -0.82 -3.13 -42.98
C GLY C 12 -1.54 -4.47 -43.01
N ALA C 13 -1.74 -5.09 -41.86
CA ALA C 13 -2.48 -6.35 -41.81
C ALA C 13 -3.96 -6.14 -42.06
N VAL C 14 -4.50 -4.98 -41.69
CA VAL C 14 -5.92 -4.72 -41.88
C VAL C 14 -6.25 -4.68 -43.37
N ARG C 15 -7.36 -5.33 -43.73
CA ARG C 15 -7.76 -5.38 -45.12
C ARG C 15 -8.01 -3.97 -45.66
N GLU C 16 -7.58 -3.73 -46.91
CA GLU C 16 -7.66 -2.40 -47.49
C GLU C 16 -9.09 -1.89 -47.53
N VAL C 17 -10.06 -2.79 -47.69
CA VAL C 17 -11.46 -2.40 -47.73
C VAL C 17 -11.88 -1.75 -46.41
N LEU C 18 -11.22 -2.11 -45.31
CA LEU C 18 -11.55 -1.59 -43.99
C LEU C 18 -10.73 -0.37 -43.58
N ARG C 19 -9.67 -0.03 -44.31
CA ARG C 19 -8.75 1.02 -43.86
C ARG C 19 -9.42 2.37 -43.65
N PRO C 20 -10.23 2.91 -44.59
CA PRO C 20 -10.90 4.18 -44.29
C PRO C 20 -11.76 4.12 -43.04
N LEU C 21 -12.48 3.02 -42.85
CA LEU C 21 -13.28 2.84 -41.64
C LEU C 21 -12.40 2.83 -40.41
N LEU C 22 -11.26 2.15 -40.48
CA LEU C 22 -10.33 2.09 -39.35
C LEU C 22 -9.84 3.49 -38.98
N LYS C 23 -9.39 4.26 -39.98
CA LYS C 23 -8.85 5.59 -39.69
C LYS C 23 -9.92 6.50 -39.11
N GLN C 24 -11.13 6.47 -39.69
CA GLN C 24 -12.22 7.30 -39.18
C GLN C 24 -12.57 6.92 -37.76
N ALA C 25 -12.70 5.63 -37.48
CA ALA C 25 -13.07 5.17 -36.16
C ALA C 25 -12.00 5.55 -35.13
N ALA C 26 -10.72 5.39 -35.50
CA ALA C 26 -9.65 5.77 -34.57
C ALA C 26 -9.67 7.25 -34.27
N GLU C 27 -9.82 8.09 -35.30
CA GLU C 27 -9.80 9.53 -35.09
C GLU C 27 -11.00 9.98 -34.25
N LYS C 28 -12.16 9.36 -34.44
CA LYS C 28 -13.33 9.76 -33.65
C LYS C 28 -13.28 9.18 -32.23
N THR C 29 -12.67 8.01 -32.04
CA THR C 29 -12.52 7.47 -30.70
C THR C 29 -11.54 8.30 -29.88
N ALA C 30 -10.46 8.77 -30.52
CA ALA C 30 -9.57 9.71 -29.85
C ALA C 30 -10.30 11.00 -29.49
N ALA C 31 -11.29 11.39 -30.29
CA ALA C 31 -12.10 12.57 -30.02
C ALA C 31 -13.08 12.37 -28.88
N GLY C 32 -13.30 11.14 -28.43
CA GLY C 32 -14.17 10.88 -27.30
C GLY C 32 -15.62 10.58 -27.64
N LYS C 33 -15.86 9.90 -28.74
CA LYS C 33 -17.22 9.59 -29.19
C LYS C 33 -17.43 8.09 -29.24
N ILE C 34 -18.70 7.69 -29.13
CA ILE C 34 -19.09 6.29 -29.27
C ILE C 34 -19.34 6.03 -30.75
N VAL C 35 -18.41 5.33 -31.39
CA VAL C 35 -18.40 5.19 -32.84
C VAL C 35 -19.06 3.88 -33.23
N PHE C 36 -19.98 3.95 -34.19
CA PHE C 36 -20.66 2.78 -34.73
C PHE C 36 -19.99 2.41 -36.05
N ALA C 37 -19.34 1.26 -36.08
CA ALA C 37 -18.60 0.79 -37.25
C ALA C 37 -19.18 -0.54 -37.70
N GLU C 38 -19.77 -0.55 -38.89
CA GLU C 38 -20.38 -1.75 -39.46
C GLU C 38 -19.54 -2.23 -40.62
N ALA C 39 -19.07 -3.47 -40.55
CA ALA C 39 -18.34 -4.11 -41.63
C ALA C 39 -18.91 -5.49 -41.88
N ALA C 40 -19.05 -5.85 -43.15
CA ALA C 40 -19.63 -7.13 -43.50
C ALA C 40 -18.82 -8.28 -42.90
N THR C 41 -19.51 -9.31 -42.44
CA THR C 41 -18.83 -10.46 -41.86
C THR C 41 -17.91 -11.10 -42.89
N GLY C 42 -16.65 -11.27 -42.51
CA GLY C 42 -15.63 -11.78 -43.40
C GLY C 42 -14.73 -10.73 -44.01
N THR C 43 -14.88 -9.46 -43.64
CA THR C 43 -14.03 -8.40 -44.15
C THR C 43 -12.80 -8.14 -43.31
N GLY C 44 -12.59 -8.92 -42.25
CA GLY C 44 -11.40 -8.79 -41.42
C GLY C 44 -11.54 -7.80 -40.28
N LYS C 45 -12.66 -7.88 -39.56
CA LYS C 45 -12.89 -6.95 -38.45
C LYS C 45 -11.91 -7.18 -37.31
N GLY C 46 -11.38 -8.40 -37.18
CA GLY C 46 -10.44 -8.68 -36.11
C GLY C 46 -9.17 -7.87 -36.23
N ARG C 47 -8.63 -7.76 -37.43
CA ARG C 47 -7.42 -6.97 -37.64
C ARG C 47 -7.67 -5.49 -37.40
N MET C 48 -8.85 -5.00 -37.80
CA MET C 48 -9.22 -3.62 -37.53
C MET C 48 -9.30 -3.36 -36.03
N ILE C 49 -9.91 -4.29 -35.29
CA ILE C 49 -10.01 -4.15 -33.83
C ILE C 49 -8.63 -4.18 -33.20
N ALA C 50 -7.75 -5.07 -33.69
CA ALA C 50 -6.38 -5.14 -33.19
C ALA C 50 -5.66 -3.82 -33.41
N SER C 51 -5.80 -3.25 -34.61
CA SER C 51 -5.15 -1.97 -34.91
C SER C 51 -5.67 -0.87 -34.00
N LEU C 52 -7.00 -0.81 -33.81
CA LEU C 52 -7.59 0.21 -32.95
C LEU C 52 -7.06 0.09 -31.52
N ALA C 53 -7.09 -1.13 -30.98
CA ALA C 53 -6.67 -1.34 -29.59
C ALA C 53 -5.19 -1.02 -29.40
N ALA C 54 -4.35 -1.46 -30.34
CA ALA C 54 -2.92 -1.19 -30.24
C ALA C 54 -2.64 0.30 -30.35
N ALA C 55 -3.35 0.99 -31.25
CA ALA C 55 -3.16 2.44 -31.38
C ALA C 55 -3.53 3.16 -30.10
N ALA C 56 -4.64 2.76 -29.47
CA ALA C 56 -5.01 3.40 -28.21
C ALA C 56 -4.04 3.01 -27.09
N ALA C 57 -3.46 1.82 -27.15
CA ALA C 57 -2.55 1.37 -26.10
C ALA C 57 -1.21 2.11 -26.14
N ILE C 58 -0.64 2.28 -27.35
CA ILE C 58 0.65 2.95 -27.46
C ILE C 58 0.56 4.41 -27.04
N LYS C 59 -0.63 5.01 -27.10
CA LYS C 59 -0.82 6.34 -26.56
C LYS C 59 -0.83 6.36 -25.03
N GLY C 60 -0.90 5.19 -24.39
CA GLY C 60 -0.95 5.13 -22.95
C GLY C 60 -2.35 5.13 -22.35
N ASP C 61 -3.36 4.78 -23.13
CA ASP C 61 -4.73 4.76 -22.64
C ASP C 61 -5.07 3.41 -22.04
N THR C 62 -6.00 3.42 -21.09
CA THR C 62 -6.61 2.17 -20.63
C THR C 62 -7.52 1.64 -21.72
N VAL C 63 -7.25 0.43 -22.19
CA VAL C 63 -7.91 -0.13 -23.37
C VAL C 63 -8.57 -1.45 -23.00
N VAL C 64 -9.87 -1.55 -23.27
CA VAL C 64 -10.63 -2.76 -23.01
C VAL C 64 -11.30 -3.20 -24.31
N VAL C 65 -11.01 -4.42 -24.74
CA VAL C 65 -11.68 -5.03 -25.89
C VAL C 65 -12.72 -5.99 -25.31
N SER C 66 -13.97 -5.59 -25.33
CA SER C 66 -15.08 -6.41 -24.85
C SER C 66 -15.66 -7.19 -26.03
N ALA C 67 -15.36 -8.48 -26.08
CA ALA C 67 -15.80 -9.35 -27.16
C ALA C 67 -16.29 -10.65 -26.57
N PRO C 68 -17.23 -11.33 -27.23
CA PRO C 68 -17.62 -12.67 -26.78
C PRO C 68 -16.43 -13.61 -26.82
N LEU C 69 -16.39 -14.53 -25.84
CA LEU C 69 -15.26 -15.45 -25.73
C LEU C 69 -15.16 -16.34 -26.96
N ALA C 70 -16.28 -16.65 -27.60
CA ALA C 70 -16.27 -17.47 -28.81
C ALA C 70 -15.47 -16.83 -29.93
N VAL C 71 -15.26 -15.50 -29.87
CA VAL C 71 -14.42 -14.81 -30.85
C VAL C 71 -13.01 -14.58 -30.32
N THR C 72 -12.80 -14.66 -29.00
CA THR C 72 -11.53 -14.26 -28.41
C THR C 72 -10.35 -15.01 -29.01
N TRP C 73 -10.51 -16.33 -29.23
CA TRP C 73 -9.43 -17.12 -29.82
C TRP C 73 -8.91 -16.47 -31.10
N GLN C 74 -9.80 -15.98 -31.96
CA GLN C 74 -9.37 -15.27 -33.15
C GLN C 74 -8.66 -13.97 -32.77
N LEU C 75 -9.30 -13.15 -31.94
CA LEU C 75 -8.84 -11.78 -31.71
C LEU C 75 -7.42 -11.76 -31.20
N VAL C 76 -7.10 -12.62 -30.22
CA VAL C 76 -5.75 -12.67 -29.67
C VAL C 76 -4.74 -12.91 -30.78
N ASN C 77 -5.02 -13.89 -31.65
CA ASN C 77 -4.08 -14.19 -32.73
C ASN C 77 -3.91 -13.00 -33.67
N ASP C 78 -4.95 -12.18 -33.83
CA ASP C 78 -4.82 -10.99 -34.65
C ASP C 78 -4.02 -9.90 -33.94
N MET C 79 -4.10 -9.85 -32.60
CA MET C 79 -3.38 -8.81 -31.87
C MET C 79 -1.94 -9.21 -31.61
N LYS C 80 -1.74 -10.42 -31.06
CA LYS C 80 -0.49 -10.76 -30.37
C LYS C 80 0.75 -10.64 -31.25
N ASP C 81 0.62 -10.66 -32.57
CA ASP C 81 1.81 -10.70 -33.42
C ASP C 81 2.38 -9.32 -33.74
N ILE C 82 1.58 -8.27 -33.75
CA ILE C 82 2.12 -6.95 -34.10
C ILE C 82 2.96 -6.43 -32.95
N PRO C 83 4.06 -5.72 -33.21
CA PRO C 83 5.02 -5.41 -32.13
C PRO C 83 4.46 -4.59 -30.98
N GLU C 84 3.55 -3.66 -31.27
CA GLU C 84 3.16 -2.67 -30.28
C GLU C 84 2.42 -3.29 -29.09
N VAL C 85 1.52 -4.24 -29.35
CA VAL C 85 0.82 -4.89 -28.24
C VAL C 85 1.79 -5.75 -27.44
N ARG C 86 2.75 -6.39 -28.13
CA ARG C 86 3.79 -7.11 -27.41
C ARG C 86 4.58 -6.17 -26.50
N ARG C 87 4.75 -4.92 -26.91
CA ARG C 87 5.35 -3.93 -26.02
C ARG C 87 4.46 -3.66 -24.81
N VAL C 88 3.18 -3.34 -25.04
CA VAL C 88 2.33 -2.94 -23.93
C VAL C 88 1.71 -4.12 -23.21
N GLY C 89 1.73 -5.31 -23.81
CA GLY C 89 1.16 -6.48 -23.16
C GLY C 89 -0.32 -6.65 -23.46
N LEU C 90 -0.75 -7.90 -23.49
CA LEU C 90 -2.13 -8.27 -23.77
C LEU C 90 -2.58 -9.28 -22.74
N THR C 91 -3.63 -8.96 -21.98
CA THR C 91 -4.14 -9.85 -20.95
C THR C 91 -5.61 -10.14 -21.18
N LEU C 92 -6.03 -11.34 -20.79
CA LEU C 92 -7.43 -11.74 -20.84
C LEU C 92 -7.99 -11.69 -19.42
N SER C 93 -9.00 -10.85 -19.21
CA SER C 93 -9.58 -10.66 -17.87
C SER C 93 -10.77 -11.59 -17.72
N LEU C 94 -10.48 -12.84 -17.39
CA LEU C 94 -11.51 -13.85 -17.16
C LEU C 94 -11.98 -13.75 -15.72
N GLY C 95 -13.24 -13.36 -15.54
CA GLY C 95 -13.84 -13.25 -14.23
C GLY C 95 -14.87 -14.36 -13.99
N ARG C 96 -15.28 -14.46 -12.73
CA ARG C 96 -16.29 -15.44 -12.35
C ARG C 96 -17.59 -15.34 -13.15
N PRO C 97 -18.11 -14.14 -13.46
CA PRO C 97 -19.34 -14.07 -14.30
C PRO C 97 -19.24 -14.82 -15.61
N ASN C 98 -18.04 -15.16 -16.07
CA ASN C 98 -17.88 -15.93 -17.30
C ASN C 98 -18.13 -17.42 -17.11
N PHE C 99 -18.17 -17.90 -15.87
CA PHE C 99 -18.17 -19.32 -15.59
C PHE C 99 -19.43 -19.72 -14.82
N ILE C 100 -19.94 -20.90 -15.13
CA ILE C 100 -21.01 -21.51 -14.36
C ILE C 100 -20.40 -22.38 -13.28
N SER C 101 -21.22 -22.74 -12.29
CA SER C 101 -20.85 -23.80 -11.35
C SER C 101 -21.39 -25.12 -11.89
N PRO C 102 -20.54 -26.09 -12.20
CA PRO C 102 -21.03 -27.32 -12.83
C PRO C 102 -22.04 -28.08 -12.00
N GLN C 103 -21.95 -28.05 -10.67
CA GLN C 103 -22.88 -28.83 -9.86
C GLN C 103 -24.28 -28.23 -9.90
N ARG C 104 -24.40 -26.91 -9.70
CA ARG C 104 -25.71 -26.29 -9.73
C ARG C 104 -26.30 -26.30 -11.14
N THR C 105 -25.46 -26.08 -12.16
CA THR C 105 -25.94 -26.14 -13.53
C THR C 105 -26.40 -27.55 -13.88
N LEU C 106 -25.68 -28.57 -13.38
CA LEU C 106 -26.07 -29.95 -13.64
C LEU C 106 -27.36 -30.32 -12.90
N GLU C 107 -27.50 -29.85 -11.66
CA GLU C 107 -28.74 -30.08 -10.92
C GLU C 107 -29.92 -29.38 -11.60
N TRP C 108 -29.68 -28.19 -12.15
CA TRP C 108 -30.69 -27.52 -12.95
C TRP C 108 -30.92 -28.21 -14.29
N ALA C 109 -29.95 -29.00 -14.76
CA ALA C 109 -30.09 -29.65 -16.06
C ALA C 109 -30.85 -30.97 -15.96
N ILE C 110 -30.63 -31.73 -14.89
CA ILE C 110 -31.40 -32.97 -14.72
C ILE C 110 -32.87 -32.67 -14.56
N ASP C 111 -33.21 -31.65 -13.77
CA ASP C 111 -34.52 -31.05 -13.86
C ASP C 111 -34.59 -30.22 -15.15
N ASN C 112 -35.81 -30.01 -15.65
CA ASN C 112 -36.08 -29.42 -16.96
C ASN C 112 -35.72 -30.33 -18.13
N GLU C 113 -35.14 -31.51 -17.87
CA GLU C 113 -34.85 -32.49 -18.91
C GLU C 113 -33.93 -31.90 -19.98
N ARG C 114 -32.84 -31.28 -19.54
CA ARG C 114 -31.85 -30.71 -20.45
C ARG C 114 -30.72 -31.73 -20.60
N ALA C 115 -30.99 -32.75 -21.42
CA ALA C 115 -30.04 -33.86 -21.56
C ALA C 115 -28.73 -33.41 -22.18
N ASP C 116 -28.79 -32.58 -23.23
CA ASP C 116 -27.57 -32.15 -23.90
C ASP C 116 -26.70 -31.29 -22.98
N LEU C 117 -27.31 -30.36 -22.24
CA LEU C 117 -26.56 -29.57 -21.28
C LEU C 117 -25.94 -30.45 -20.20
N ALA C 118 -26.70 -31.42 -19.69
CA ALA C 118 -26.19 -32.31 -18.66
C ALA C 118 -25.02 -33.14 -19.18
N ALA C 119 -25.12 -33.64 -20.41
CA ALA C 119 -24.02 -34.40 -21.00
C ALA C 119 -22.80 -33.52 -21.20
N TRP C 120 -23.00 -32.27 -21.60
CA TRP C 120 -21.88 -31.33 -21.70
C TRP C 120 -21.21 -31.14 -20.34
N ILE C 121 -21.99 -30.98 -19.28
CA ILE C 121 -21.42 -30.80 -17.95
C ILE C 121 -20.65 -32.03 -17.54
N GLU C 122 -21.24 -33.22 -17.73
CA GLU C 122 -20.61 -34.45 -17.32
C GLU C 122 -19.37 -34.78 -18.14
N GLY C 123 -19.28 -34.26 -19.37
CA GLY C 123 -18.10 -34.47 -20.18
C GLY C 123 -16.93 -33.58 -19.84
N GLY C 124 -17.12 -32.62 -18.93
CA GLY C 124 -16.07 -31.71 -18.54
C GLY C 124 -16.26 -30.27 -18.96
N GLY C 125 -17.41 -29.93 -19.55
CA GLY C 125 -17.64 -28.57 -20.01
C GLY C 125 -16.69 -28.13 -21.10
N LYS C 126 -16.30 -29.04 -21.99
CA LYS C 126 -15.35 -28.70 -23.02
C LYS C 126 -15.95 -27.67 -23.97
N PRO C 127 -15.15 -26.72 -24.47
CA PRO C 127 -15.72 -25.66 -25.31
C PRO C 127 -16.32 -26.22 -26.60
N LEU C 128 -17.47 -25.67 -26.98
CA LEU C 128 -18.19 -26.16 -28.14
C LEU C 128 -17.57 -25.69 -29.45
N SER C 129 -17.01 -24.48 -29.47
CA SER C 129 -16.45 -23.89 -30.69
C SER C 129 -14.93 -23.88 -30.54
N LEU C 130 -14.29 -24.91 -31.08
CA LEU C 130 -12.84 -25.00 -31.07
C LEU C 130 -12.23 -23.95 -31.99
N HIS C 141 -5.53 -24.40 -18.88
CA HIS C 141 -5.56 -23.22 -19.75
C HIS C 141 -6.62 -23.36 -20.84
N GLU C 142 -7.27 -24.53 -20.87
CA GLU C 142 -8.43 -24.71 -21.74
C GLU C 142 -9.67 -24.16 -21.06
N LEU C 143 -10.40 -23.30 -21.76
CA LEU C 143 -11.54 -22.61 -21.16
C LEU C 143 -12.75 -23.53 -21.15
N CYS C 144 -13.14 -23.98 -19.97
CA CYS C 144 -14.29 -24.85 -19.76
C CYS C 144 -15.29 -24.16 -18.84
N TRP C 145 -16.48 -24.77 -18.74
CA TRP C 145 -17.55 -24.26 -17.89
C TRP C 145 -17.92 -22.83 -18.27
N LEU C 146 -17.91 -22.55 -19.57
CA LEU C 146 -18.17 -21.20 -20.06
C LEU C 146 -19.66 -20.93 -20.11
N LEU C 147 -20.08 -19.79 -19.56
CA LEU C 147 -21.50 -19.43 -19.56
C LEU C 147 -22.02 -19.31 -20.99
N GLU C 148 -21.19 -18.86 -21.92
CA GLU C 148 -21.61 -18.74 -23.31
C GLU C 148 -21.98 -20.09 -23.90
N ASP C 149 -21.17 -21.12 -23.63
CA ASP C 149 -21.49 -22.46 -24.11
C ASP C 149 -22.76 -22.99 -23.48
N ALA C 150 -22.94 -22.77 -22.18
CA ALA C 150 -24.15 -23.22 -21.49
C ALA C 150 -25.38 -22.57 -22.11
N LEU C 151 -25.30 -21.27 -22.44
CA LEU C 151 -26.41 -20.60 -23.11
C LEU C 151 -26.60 -21.17 -24.52
N LEU C 152 -25.51 -21.51 -25.20
CA LEU C 152 -25.64 -22.19 -26.49
C LEU C 152 -26.38 -23.51 -26.35
N LEU C 153 -26.34 -24.11 -25.17
CA LEU C 153 -27.13 -25.31 -24.92
C LEU C 153 -28.45 -25.04 -24.22
N ALA C 154 -28.57 -23.94 -23.48
CA ALA C 154 -29.81 -23.63 -22.77
C ALA C 154 -29.96 -22.11 -22.73
N GLU C 155 -30.76 -21.56 -23.65
CA GLU C 155 -30.96 -20.12 -23.70
C GLU C 155 -31.71 -19.62 -22.47
N ASP C 156 -32.72 -20.36 -22.02
CA ASP C 156 -33.59 -19.94 -20.93
C ASP C 156 -33.08 -20.36 -19.56
N LEU C 157 -31.77 -20.63 -19.43
CA LEU C 157 -31.23 -20.99 -18.13
C LEU C 157 -31.05 -19.76 -17.27
N PRO C 158 -31.28 -19.86 -15.96
CA PRO C 158 -31.13 -18.71 -15.07
C PRO C 158 -29.67 -18.40 -14.76
N ALA C 159 -29.04 -17.60 -15.62
CA ALA C 159 -27.60 -17.34 -15.52
C ALA C 159 -27.21 -16.83 -14.14
N ASP C 160 -27.96 -15.85 -13.61
CA ASP C 160 -27.60 -15.23 -12.35
C ASP C 160 -27.44 -16.27 -11.24
N SER C 161 -28.16 -17.37 -11.34
CA SER C 161 -28.15 -18.38 -10.30
C SER C 161 -27.13 -19.47 -10.53
N LEU C 162 -26.88 -19.83 -11.79
CA LEU C 162 -25.94 -20.89 -12.12
C LEU C 162 -24.53 -20.37 -12.30
N LEU C 163 -24.29 -19.09 -12.06
CA LEU C 163 -22.95 -18.52 -12.21
C LEU C 163 -22.04 -18.97 -11.08
N LEU C 164 -20.75 -18.99 -11.37
CA LEU C 164 -19.74 -19.29 -10.36
C LEU C 164 -19.63 -18.15 -9.36
N THR C 165 -19.47 -18.50 -8.09
CA THR C 165 -19.35 -17.54 -7.01
C THR C 165 -18.02 -17.74 -6.28
N SER C 166 -17.53 -16.66 -5.66
CA SER C 166 -16.35 -16.77 -4.82
C SER C 166 -16.59 -17.66 -3.60
N GLU C 167 -17.85 -17.90 -3.25
CA GLU C 167 -18.22 -18.74 -2.12
C GLU C 167 -18.31 -20.21 -2.48
N ASP C 168 -18.12 -20.56 -3.76
CA ASP C 168 -18.18 -21.95 -4.20
C ASP C 168 -16.91 -22.69 -3.78
N PRO C 169 -17.00 -24.02 -3.59
CA PRO C 169 -15.84 -24.77 -3.09
C PRO C 169 -14.65 -24.68 -4.03
N ALA C 170 -13.45 -24.71 -3.43
CA ALA C 170 -12.21 -24.66 -4.21
C ALA C 170 -12.00 -25.93 -5.03
N ASP C 171 -12.60 -27.05 -4.62
CA ASP C 171 -12.48 -28.28 -5.40
C ASP C 171 -13.33 -28.28 -6.65
N CYS C 172 -14.15 -27.24 -6.84
CA CYS C 172 -14.95 -27.13 -8.05
C CYS C 172 -14.05 -26.95 -9.26
N PRO C 173 -14.26 -27.71 -10.35
CA PRO C 173 -13.40 -27.54 -11.53
C PRO C 173 -13.46 -26.14 -12.12
N ALA C 174 -14.64 -25.52 -12.13
CA ALA C 174 -14.76 -24.16 -12.65
C ALA C 174 -14.02 -23.17 -11.77
N GLN C 175 -14.14 -23.31 -10.45
CA GLN C 175 -13.41 -22.43 -9.54
C GLN C 175 -11.90 -22.64 -9.67
N GLN C 176 -11.48 -23.90 -9.83
CA GLN C 176 -10.06 -24.18 -10.04
C GLN C 176 -9.55 -23.50 -11.31
N LEU C 177 -10.32 -23.59 -12.39
CA LEU C 177 -9.93 -22.95 -13.65
C LEU C 177 -9.87 -21.44 -13.48
N TYR C 178 -10.85 -20.86 -12.77
CA TYR C 178 -10.84 -19.42 -12.56
C TYR C 178 -9.62 -18.98 -11.77
N VAL C 179 -9.26 -19.71 -10.72
CA VAL C 179 -8.07 -19.36 -9.93
C VAL C 179 -6.82 -19.47 -10.79
N ALA C 180 -6.72 -20.55 -11.59
CA ALA C 180 -5.55 -20.70 -12.45
C ALA C 180 -5.44 -19.57 -13.46
N MET C 181 -6.57 -19.17 -14.05
CA MET C 181 -6.55 -18.07 -15.01
C MET C 181 -6.22 -16.74 -14.33
N ARG C 182 -6.78 -16.50 -13.13
CA ARG C 182 -6.51 -15.27 -12.41
C ARG C 182 -5.04 -15.17 -12.01
N SER C 183 -4.40 -16.29 -11.70
CA SER C 183 -2.98 -16.26 -11.36
C SER C 183 -2.10 -15.84 -12.51
N ASN C 184 -2.65 -15.69 -13.71
CA ASN C 184 -1.89 -15.29 -14.90
C ASN C 184 -2.39 -13.97 -15.48
N TYR C 185 -2.82 -13.04 -14.62
CA TYR C 185 -3.49 -11.83 -15.12
C TYR C 185 -2.51 -10.87 -15.79
N THR C 186 -1.31 -10.72 -15.21
CA THR C 186 -0.18 -9.98 -15.78
C THR C 186 -0.33 -8.46 -15.84
N GLU C 187 -1.52 -7.93 -15.51
CA GLU C 187 -1.71 -6.48 -15.38
C GLU C 187 -1.26 -5.73 -16.63
N ALA C 188 -1.71 -6.19 -17.79
CA ALA C 188 -1.18 -5.69 -19.05
C ALA C 188 -1.89 -4.41 -19.50
N GLY C 189 -1.44 -3.88 -20.63
CA GLY C 189 -1.95 -2.63 -21.16
C GLY C 189 -3.27 -2.75 -21.89
N ILE C 190 -3.47 -3.86 -22.62
CA ILE C 190 -4.70 -4.13 -23.33
C ILE C 190 -5.43 -5.26 -22.61
N ILE C 191 -6.60 -4.96 -22.06
CA ILE C 191 -7.40 -5.93 -21.33
C ILE C 191 -8.53 -6.39 -22.23
N LEU C 192 -8.65 -7.71 -22.41
CA LEU C 192 -9.73 -8.29 -23.19
C LEU C 192 -10.72 -8.97 -22.25
N CYS C 193 -12.00 -8.75 -22.49
CA CYS C 193 -13.03 -9.30 -21.62
C CYS C 193 -14.26 -9.66 -22.46
N SER C 194 -15.21 -10.31 -21.81
CA SER C 194 -16.46 -10.68 -22.43
C SER C 194 -17.52 -9.61 -22.20
N HIS C 195 -18.61 -9.72 -22.95
CA HIS C 195 -19.74 -8.80 -22.76
C HIS C 195 -20.33 -8.97 -21.37
N PHE C 196 -20.44 -10.22 -20.90
CA PHE C 196 -20.97 -10.47 -19.57
C PHE C 196 -20.07 -9.90 -18.50
N MET C 197 -18.75 -10.02 -18.67
CA MET C 197 -17.82 -9.40 -17.73
C MET C 197 -17.95 -7.89 -17.74
N LEU C 198 -18.12 -7.29 -18.92
CA LEU C 198 -18.31 -5.85 -19.01
C LEU C 198 -19.56 -5.42 -18.26
N ALA C 199 -20.67 -6.13 -18.48
CA ALA C 199 -21.91 -5.77 -17.80
C ALA C 199 -21.81 -5.96 -16.29
N ALA C 200 -21.17 -7.05 -15.85
CA ALA C 200 -21.01 -7.28 -14.42
C ALA C 200 -20.12 -6.21 -13.77
N HIS C 201 -19.05 -5.81 -14.46
CA HIS C 201 -18.20 -4.74 -13.95
C HIS C 201 -18.97 -3.42 -13.87
N THR C 202 -19.77 -3.13 -14.90
CA THR C 202 -20.58 -1.92 -14.88
C THR C 202 -21.57 -1.95 -13.72
N ARG C 203 -22.18 -3.10 -13.45
CA ARG C 203 -23.16 -3.19 -12.37
C ARG C 203 -22.48 -3.13 -11.01
N MET C 204 -21.27 -3.68 -10.88
CA MET C 204 -20.51 -3.51 -9.64
C MET C 204 -20.19 -2.05 -9.39
N MET C 205 -19.75 -1.33 -10.43
CA MET C 205 -19.45 0.09 -10.27
C MET C 205 -20.71 0.87 -9.95
N GLN C 206 -21.84 0.48 -10.54
CA GLN C 206 -23.10 1.19 -10.30
C GLN C 206 -23.56 1.09 -8.85
N MET C 207 -23.23 -0.02 -8.18
CA MET C 207 -23.70 -0.27 -6.83
C MET C 207 -22.77 0.27 -5.75
N ARG C 208 -21.69 0.95 -6.14
CA ARG C 208 -20.78 1.54 -5.17
C ARG C 208 -20.61 3.04 -5.43
N SER C 225 -11.33 -7.47 -11.72
CA SER C 225 -12.05 -6.23 -12.02
C SER C 225 -11.45 -5.54 -13.24
N LEU C 226 -12.23 -4.66 -13.84
CA LEU C 226 -11.83 -3.84 -14.97
C LEU C 226 -11.43 -2.45 -14.50
N PRO C 227 -10.74 -1.67 -15.33
CA PRO C 227 -10.46 -0.28 -14.97
C PRO C 227 -11.75 0.48 -14.67
N HIS C 228 -11.74 1.25 -13.59
CA HIS C 228 -12.92 2.01 -13.20
C HIS C 228 -13.31 3.03 -14.26
N PHE C 229 -12.35 3.49 -15.05
CA PHE C 229 -12.61 4.34 -16.20
C PHE C 229 -11.81 3.80 -17.38
N ILE C 230 -12.51 3.38 -18.42
CA ILE C 230 -11.88 2.85 -19.63
C ILE C 230 -11.70 4.00 -20.61
N ASP C 231 -10.45 4.22 -21.04
CA ASP C 231 -10.20 5.29 -22.00
C ASP C 231 -10.67 4.91 -23.39
N THR C 232 -10.45 3.66 -23.80
CA THR C 232 -10.83 3.19 -25.13
C THR C 232 -11.51 1.83 -24.99
N LEU C 233 -12.80 1.79 -25.34
CA LEU C 233 -13.59 0.57 -25.30
C LEU C 233 -13.89 0.12 -26.72
N ILE C 234 -13.37 -1.04 -27.11
CA ILE C 234 -13.66 -1.65 -28.40
C ILE C 234 -14.62 -2.80 -28.15
N VAL C 235 -15.88 -2.64 -28.57
CA VAL C 235 -16.91 -3.64 -28.32
C VAL C 235 -17.11 -4.42 -29.62
N ASP C 236 -16.59 -5.64 -29.65
CA ASP C 236 -16.76 -6.52 -30.80
C ASP C 236 -18.11 -7.21 -30.74
N GLU C 237 -18.72 -7.38 -31.91
CA GLU C 237 -20.08 -7.90 -32.05
C GLU C 237 -21.02 -7.17 -31.09
N ALA C 238 -21.04 -5.83 -31.25
CA ALA C 238 -21.74 -4.97 -30.32
C ALA C 238 -23.23 -5.25 -30.25
N HIS C 239 -23.79 -5.85 -31.30
CA HIS C 239 -25.22 -6.14 -31.33
C HIS C 239 -25.63 -7.04 -30.17
N LEU C 240 -24.71 -7.88 -29.69
CA LEU C 240 -25.01 -8.76 -28.56
C LEU C 240 -24.94 -8.05 -27.21
N LEU C 241 -24.21 -6.93 -27.14
CA LEU C 241 -23.84 -6.34 -25.85
C LEU C 241 -25.05 -6.13 -24.95
N GLU C 242 -26.12 -5.56 -25.50
CA GLU C 242 -27.30 -5.26 -24.70
C GLU C 242 -27.82 -6.51 -24.00
N GLN C 243 -27.93 -7.63 -24.72
CA GLN C 243 -28.43 -8.85 -24.11
C GLN C 243 -27.61 -9.23 -22.89
N ALA C 244 -26.28 -9.05 -22.98
CA ALA C 244 -25.42 -9.33 -21.83
C ALA C 244 -25.91 -8.56 -20.61
N PHE C 245 -26.10 -7.25 -20.76
CA PHE C 245 -26.61 -6.45 -19.65
C PHE C 245 -27.92 -7.01 -19.14
N ALA C 246 -28.83 -7.39 -20.04
CA ALA C 246 -30.09 -7.95 -19.63
C ALA C 246 -29.87 -9.17 -18.75
N SER C 247 -28.98 -10.07 -19.18
CA SER C 247 -28.72 -11.27 -18.38
C SER C 247 -28.13 -10.90 -17.03
N VAL C 248 -27.31 -9.86 -16.98
CA VAL C 248 -26.72 -9.45 -15.71
C VAL C 248 -27.78 -8.87 -14.79
N TYR C 249 -28.84 -8.28 -15.35
CA TYR C 249 -29.88 -7.64 -14.56
C TYR C 249 -31.14 -8.49 -14.45
N THR C 250 -31.05 -9.78 -14.74
CA THR C 250 -32.16 -10.70 -14.59
C THR C 250 -31.97 -11.52 -13.32
N HIS C 251 -33.00 -11.59 -12.49
CA HIS C 251 -32.96 -12.38 -11.28
C HIS C 251 -34.09 -13.40 -11.29
N THR C 252 -33.85 -14.55 -10.66
CA THR C 252 -34.82 -15.62 -10.64
C THR C 252 -34.92 -16.18 -9.23
N LEU C 253 -36.04 -16.86 -8.98
CA LEU C 253 -36.28 -17.56 -7.73
C LEU C 253 -36.66 -18.99 -8.12
N ARG C 254 -35.66 -19.81 -8.38
CA ARG C 254 -35.90 -21.22 -8.65
C ARG C 254 -36.36 -21.85 -7.35
N LEU C 255 -37.48 -22.57 -7.38
CA LEU C 255 -38.03 -23.03 -6.12
C LEU C 255 -37.71 -24.48 -5.80
N ARG C 256 -37.76 -25.37 -6.79
CA ARG C 256 -37.36 -26.75 -6.55
C ARG C 256 -35.96 -26.85 -5.93
N PRO C 257 -34.92 -26.20 -6.47
CA PRO C 257 -33.63 -26.23 -5.76
C PRO C 257 -33.64 -25.41 -4.48
N LEU C 258 -34.43 -24.34 -4.40
CA LEU C 258 -34.48 -23.57 -3.16
C LEU C 258 -35.24 -24.35 -2.09
N MET C 259 -36.27 -25.11 -2.48
CA MET C 259 -36.89 -26.04 -1.54
C MET C 259 -35.92 -27.13 -1.12
N ARG C 260 -35.10 -27.63 -2.06
CA ARG C 260 -34.08 -28.62 -1.73
C ARG C 260 -33.08 -28.06 -0.72
N THR C 261 -32.70 -26.80 -0.89
CA THR C 261 -31.61 -26.20 -0.14
C THR C 261 -32.03 -25.66 1.22
N ILE C 262 -33.25 -25.16 1.35
CA ILE C 262 -33.71 -24.66 2.66
C ILE C 262 -33.76 -25.79 3.67
N GLU C 263 -33.95 -27.02 3.22
CA GLU C 263 -33.95 -28.18 4.10
C GLU C 263 -32.51 -28.60 4.38
N GLY C 264 -32.17 -28.75 5.66
CA GLY C 264 -30.85 -29.20 6.03
C GLY C 264 -30.23 -28.47 7.21
N LEU C 265 -30.98 -27.52 7.77
CA LEU C 265 -30.51 -26.83 8.99
C LEU C 265 -31.66 -26.79 10.02
N GLY C 266 -31.39 -27.19 11.26
CA GLY C 266 -32.42 -27.19 12.31
C GLY C 266 -32.28 -26.05 13.29
N SER C 267 -31.24 -25.22 13.17
CA SER C 267 -31.05 -24.09 14.12
C SER C 267 -32.27 -23.18 14.00
N ARG C 268 -32.67 -22.89 12.77
CA ARG C 268 -33.95 -22.18 12.53
C ARG C 268 -34.87 -23.33 12.14
N GLY C 269 -36.06 -23.39 12.73
CA GLY C 269 -36.96 -24.52 12.43
C GLY C 269 -37.25 -24.65 10.95
N ARG C 270 -37.28 -25.89 10.46
CA ARG C 270 -37.60 -26.12 9.03
C ARG C 270 -39.06 -25.70 8.79
N LYS C 271 -39.97 -25.96 9.74
CA LYS C 271 -41.39 -25.59 9.52
C LYS C 271 -41.51 -24.08 9.29
N PRO C 272 -40.89 -23.21 10.11
CA PRO C 272 -40.91 -21.76 9.86
C PRO C 272 -40.25 -21.31 8.54
N ALA C 273 -39.11 -21.87 8.17
CA ALA C 273 -38.56 -21.45 6.85
C ALA C 273 -39.44 -21.97 5.69
N LEU C 274 -39.88 -23.22 5.82
CA LEU C 274 -40.70 -23.90 4.78
C LEU C 274 -42.01 -23.16 4.63
N ASP C 275 -42.59 -22.74 5.76
CA ASP C 275 -43.90 -22.06 5.74
C ASP C 275 -43.73 -20.76 4.96
N ALA C 276 -42.64 -20.03 5.19
CA ALA C 276 -42.45 -18.78 4.43
C ALA C 276 -42.35 -19.12 2.92
N LEU C 277 -41.59 -20.16 2.59
CA LEU C 277 -41.33 -20.62 1.18
C LEU C 277 -42.60 -21.12 0.48
N LYS C 278 -43.43 -21.93 1.14
CA LYS C 278 -44.66 -22.55 0.61
C LYS C 278 -45.72 -21.50 0.26
N GLU C 279 -45.87 -20.43 1.05
CA GLU C 279 -46.99 -19.48 0.80
C GLU C 279 -46.88 -18.92 -0.63
N LEU C 280 -45.65 -18.63 -1.04
CA LEU C 280 -45.31 -18.08 -2.35
C LEU C 280 -45.74 -18.98 -3.49
N PHE C 281 -45.58 -20.31 -3.34
CA PHE C 281 -45.99 -21.19 -4.42
C PHE C 281 -47.50 -21.07 -4.65
N THR C 282 -48.27 -21.06 -3.57
CA THR C 282 -49.70 -20.83 -3.68
C THR C 282 -50.01 -19.46 -4.28
N GLN C 283 -49.20 -18.46 -3.97
CA GLN C 283 -49.47 -17.10 -4.44
C GLN C 283 -49.16 -16.96 -5.94
N MET C 284 -48.10 -17.63 -6.40
CA MET C 284 -47.87 -17.75 -7.83
C MET C 284 -49.00 -18.49 -8.50
N GLN C 285 -49.57 -19.48 -7.80
CA GLN C 285 -50.76 -20.16 -8.31
C GLN C 285 -51.94 -19.20 -8.49
N VAL C 286 -52.21 -18.34 -7.49
CA VAL C 286 -53.35 -17.44 -7.68
C VAL C 286 -53.05 -16.45 -8.81
N ALA C 287 -51.79 -16.05 -8.96
CA ALA C 287 -51.41 -15.17 -10.05
C ALA C 287 -51.72 -15.79 -11.41
N SER C 288 -51.39 -17.08 -11.59
CA SER C 288 -51.57 -17.69 -12.91
C SER C 288 -53.04 -17.70 -13.33
N ALA C 289 -53.94 -18.05 -12.41
CA ALA C 289 -55.36 -18.02 -12.72
C ALA C 289 -55.85 -16.60 -12.92
N ARG C 290 -55.37 -15.65 -12.11
CA ARG C 290 -55.79 -14.26 -12.26
C ARG C 290 -55.39 -13.69 -13.62
N SER C 291 -54.15 -13.93 -14.04
CA SER C 291 -53.62 -13.28 -15.23
C SER C 291 -54.30 -13.79 -16.51
N THR C 292 -54.57 -12.86 -17.42
CA THR C 292 -55.08 -13.26 -18.73
C THR C 292 -54.07 -14.13 -19.47
N ASN C 293 -52.80 -13.73 -19.43
CA ASN C 293 -51.71 -14.53 -19.97
C ASN C 293 -50.53 -14.47 -19.00
N THR C 294 -49.96 -15.63 -18.70
CA THR C 294 -48.85 -15.70 -17.77
C THR C 294 -47.60 -15.04 -18.35
N SER C 295 -47.48 -15.02 -19.68
CA SER C 295 -46.26 -14.52 -20.30
C SER C 295 -46.07 -13.01 -20.14
N LEU C 296 -47.15 -12.26 -19.90
CA LEU C 296 -46.99 -10.82 -19.71
C LEU C 296 -46.08 -10.53 -18.53
N ASN C 297 -45.10 -9.69 -18.78
CA ASN C 297 -44.23 -9.15 -17.74
C ASN C 297 -44.96 -8.00 -17.06
N VAL C 298 -45.16 -8.10 -15.76
CA VAL C 298 -46.03 -7.16 -15.06
C VAL C 298 -45.27 -6.46 -13.94
N PRO C 299 -45.57 -5.18 -13.68
CA PRO C 299 -44.87 -4.46 -12.62
C PRO C 299 -45.32 -4.91 -11.24
N LEU C 300 -44.57 -4.44 -10.23
CA LEU C 300 -44.92 -4.73 -8.84
C LEU C 300 -46.30 -4.19 -8.50
N SER C 301 -46.65 -3.01 -9.04
CA SER C 301 -47.95 -2.43 -8.76
C SER C 301 -49.08 -3.28 -9.31
N ASP C 302 -48.87 -3.91 -10.46
CA ASP C 302 -49.94 -4.63 -11.15
C ASP C 302 -50.47 -5.77 -10.28
N VAL C 303 -49.58 -6.60 -9.75
CA VAL C 303 -49.98 -7.74 -8.93
C VAL C 303 -49.59 -7.44 -7.48
N PRO C 304 -50.56 -7.21 -6.58
CA PRO C 304 -50.27 -7.15 -5.14
C PRO C 304 -50.47 -8.47 -4.39
N GLU C 305 -50.85 -9.55 -5.10
CA GLU C 305 -51.01 -10.85 -4.44
C GLU C 305 -49.68 -11.33 -3.85
N LEU C 306 -48.61 -11.15 -4.59
CA LEU C 306 -47.32 -11.75 -4.27
C LEU C 306 -46.46 -10.94 -3.31
N ILE C 307 -46.80 -9.67 -3.07
CA ILE C 307 -46.03 -8.89 -2.09
C ILE C 307 -46.13 -9.50 -0.69
N PRO C 308 -47.30 -9.86 -0.16
CA PRO C 308 -47.33 -10.43 1.20
C PRO C 308 -46.52 -11.71 1.36
N ALA C 309 -46.57 -12.60 0.36
CA ALA C 309 -45.82 -13.85 0.47
C ALA C 309 -44.33 -13.60 0.58
N LEU C 310 -43.83 -12.65 -0.21
CA LEU C 310 -42.40 -12.41 -0.31
C LEU C 310 -41.91 -11.29 0.60
N LYS C 311 -42.82 -10.45 1.11
CA LYS C 311 -42.40 -9.47 2.12
C LYS C 311 -41.77 -10.16 3.33
N ASP C 312 -42.37 -11.26 3.77
CA ASP C 312 -41.85 -11.98 4.92
C ASP C 312 -40.48 -12.58 4.64
N THR C 313 -40.25 -13.04 3.41
CA THR C 313 -39.05 -13.84 3.13
C THR C 313 -37.76 -13.09 3.41
N VAL C 314 -37.73 -11.77 3.23
CA VAL C 314 -36.52 -11.03 3.56
C VAL C 314 -36.21 -11.16 5.06
N LYS C 315 -37.23 -10.96 5.91
CA LYS C 315 -37.06 -11.16 7.35
C LYS C 315 -36.70 -12.61 7.64
N THR C 316 -37.45 -13.55 7.05
CA THR C 316 -37.32 -14.95 7.40
C THR C 316 -35.95 -15.50 7.04
N LEU C 317 -35.43 -15.10 5.88
CA LEU C 317 -34.15 -15.56 5.38
C LEU C 317 -32.98 -14.69 5.86
N GLY C 318 -33.27 -13.59 6.53
CA GLY C 318 -32.18 -12.88 7.17
C GLY C 318 -31.74 -13.42 8.52
N ALA C 319 -32.33 -14.52 8.99
CA ALA C 319 -32.09 -15.00 10.34
C ALA C 319 -31.24 -16.27 10.41
N LEU C 320 -30.78 -16.80 9.27
CA LEU C 320 -30.02 -18.05 9.27
C LEU C 320 -28.54 -17.77 9.48
N PRO C 321 -27.92 -18.31 10.52
CA PRO C 321 -26.48 -18.08 10.72
C PRO C 321 -25.66 -18.95 9.78
N THR C 322 -24.37 -18.63 9.76
CA THR C 322 -23.39 -19.36 8.91
C THR C 322 -22.88 -20.57 9.69
N LYS C 323 -23.30 -20.73 10.95
CA LYS C 323 -22.89 -21.93 11.72
C LYS C 323 -23.58 -23.12 11.04
N GLY C 324 -22.84 -24.17 10.71
CA GLY C 324 -23.45 -25.33 10.03
C GLY C 324 -24.20 -24.91 8.80
N MET C 325 -23.57 -24.08 7.95
CA MET C 325 -24.20 -23.56 6.71
C MET C 325 -23.56 -24.27 5.51
N SER C 326 -24.38 -24.73 4.56
CA SER C 326 -23.82 -25.42 3.38
C SER C 326 -23.20 -24.39 2.43
N ARG C 327 -22.01 -24.67 1.91
CA ARG C 327 -21.36 -23.68 1.02
C ARG C 327 -22.25 -23.43 -0.18
N ASP C 328 -22.79 -24.49 -0.79
CA ASP C 328 -23.70 -24.27 -1.95
C ASP C 328 -24.95 -23.51 -1.49
N ALA C 329 -25.47 -23.84 -0.30
CA ALA C 329 -26.68 -23.21 0.30
C ALA C 329 -26.43 -21.73 0.61
N ARG C 330 -25.23 -21.43 1.09
CA ARG C 330 -24.91 -20.04 1.45
C ARG C 330 -25.18 -19.09 0.31
N SER C 331 -24.57 -19.37 -0.86
CA SER C 331 -24.83 -18.57 -2.05
C SER C 331 -26.29 -18.64 -2.47
N VAL C 332 -26.97 -19.76 -2.20
CA VAL C 332 -28.38 -19.87 -2.54
C VAL C 332 -29.20 -18.86 -1.75
N ILE C 333 -28.93 -18.75 -0.44
CA ILE C 333 -29.60 -17.74 0.36
C ILE C 333 -29.26 -16.34 -0.13
N ARG C 334 -27.98 -16.11 -0.45
CA ARG C 334 -27.56 -14.80 -0.95
C ARG C 334 -28.36 -14.40 -2.19
N ILE C 335 -28.41 -15.27 -3.19
CA ILE C 335 -29.08 -14.94 -4.45
C ILE C 335 -30.58 -14.90 -4.28
N ALA C 336 -31.16 -15.72 -3.40
CA ALA C 336 -32.60 -15.64 -3.16
C ALA C 336 -32.97 -14.30 -2.54
N THR C 337 -32.18 -13.83 -1.57
CA THR C 337 -32.43 -12.51 -0.99
C THR C 337 -32.25 -11.42 -2.04
N ARG C 338 -31.25 -11.56 -2.91
CA ARG C 338 -31.05 -10.56 -3.96
C ARG C 338 -32.23 -10.53 -4.93
N ALA C 339 -32.76 -11.70 -5.30
CA ALA C 339 -33.92 -11.75 -6.17
C ALA C 339 -35.15 -11.12 -5.50
N ALA C 340 -35.33 -11.39 -4.21
CA ALA C 340 -36.43 -10.77 -3.47
C ALA C 340 -36.27 -9.25 -3.44
N ASN C 341 -35.05 -8.78 -3.24
CA ASN C 341 -34.80 -7.34 -3.25
C ASN C 341 -35.11 -6.73 -4.61
N ASP C 342 -34.73 -7.42 -5.69
CA ASP C 342 -35.05 -6.94 -7.03
C ASP C 342 -36.56 -6.85 -7.23
N ALA C 343 -37.29 -7.88 -6.84
CA ALA C 343 -38.73 -7.88 -7.00
C ALA C 343 -39.38 -6.76 -6.19
N LEU C 344 -38.90 -6.56 -4.96
CA LEU C 344 -39.49 -5.57 -4.06
C LEU C 344 -39.01 -4.16 -4.31
N SER C 345 -38.01 -3.97 -5.18
CA SER C 345 -37.55 -2.62 -5.50
C SER C 345 -38.64 -1.82 -6.21
N GLY C 346 -39.46 -2.47 -7.02
CA GLY C 346 -40.49 -1.80 -7.78
C GLY C 346 -40.04 -1.26 -9.12
N HIS C 347 -38.74 -1.30 -9.42
CA HIS C 347 -38.21 -0.86 -10.70
C HIS C 347 -37.90 -2.03 -11.61
N SER C 348 -38.65 -3.12 -11.49
CA SER C 348 -38.44 -4.32 -12.28
C SER C 348 -39.78 -4.85 -12.73
N ARG C 349 -39.75 -5.71 -13.75
CA ARG C 349 -40.94 -6.35 -14.28
C ARG C 349 -40.94 -7.82 -13.89
N LEU C 350 -42.05 -8.28 -13.32
CA LEU C 350 -42.17 -9.63 -12.79
C LEU C 350 -42.86 -10.55 -13.78
N ARG C 351 -42.47 -11.82 -13.76
CA ARG C 351 -43.04 -12.82 -14.66
C ARG C 351 -43.07 -14.15 -13.93
N ILE C 352 -44.20 -14.85 -14.03
CA ILE C 352 -44.50 -16.00 -13.20
C ILE C 352 -44.74 -17.21 -14.08
N GLU C 353 -44.13 -18.34 -13.72
CA GLU C 353 -44.40 -19.60 -14.38
C GLU C 353 -44.49 -20.70 -13.33
N VAL C 354 -45.58 -21.45 -13.38
CA VAL C 354 -46.04 -22.29 -12.29
C VAL C 354 -46.66 -23.55 -12.90
N THR C 355 -47.15 -24.47 -12.06
CA THR C 355 -47.54 -25.82 -12.45
C THR C 355 -48.45 -25.96 -13.68
N PRO C 356 -49.39 -25.04 -13.97
CA PRO C 356 -50.23 -25.23 -15.16
C PRO C 356 -49.46 -25.46 -16.45
N VAL C 357 -48.33 -24.79 -16.64
CA VAL C 357 -47.53 -24.93 -17.85
C VAL C 357 -46.18 -25.57 -17.58
N HIS C 358 -45.49 -25.14 -16.52
CA HIS C 358 -44.11 -25.54 -16.26
C HIS C 358 -44.04 -26.35 -14.98
N SER C 359 -43.40 -27.52 -15.05
CA SER C 359 -43.15 -28.31 -13.86
C SER C 359 -42.04 -27.71 -13.00
N TYR C 360 -41.15 -26.94 -13.63
CA TYR C 360 -40.08 -26.25 -12.92
C TYR C 360 -40.56 -24.86 -12.54
N PRO C 361 -40.83 -24.59 -11.25
CA PRO C 361 -41.34 -23.27 -10.87
C PRO C 361 -40.23 -22.26 -10.58
N MET C 362 -40.25 -21.14 -11.30
CA MET C 362 -39.32 -20.05 -11.03
C MET C 362 -39.99 -18.72 -11.30
N LEU C 363 -39.87 -17.80 -10.35
CA LEU C 363 -40.34 -16.43 -10.52
C LEU C 363 -39.19 -15.58 -11.07
N LEU C 364 -39.49 -14.77 -12.07
CA LEU C 364 -38.47 -14.01 -12.78
C LEU C 364 -38.70 -12.52 -12.58
N SER C 365 -37.63 -11.79 -12.28
CA SER C 365 -37.63 -10.34 -12.16
C SER C 365 -36.61 -9.80 -13.15
N GLY C 366 -37.09 -9.12 -14.19
CA GLY C 366 -36.25 -8.54 -15.20
C GLY C 366 -36.27 -7.02 -15.16
N ARG C 367 -35.44 -6.43 -16.03
CA ARG C 367 -35.26 -4.99 -16.09
C ARG C 367 -35.72 -4.49 -17.45
N SER C 368 -36.76 -3.67 -17.46
CA SER C 368 -37.30 -3.13 -18.70
C SER C 368 -36.60 -1.86 -19.15
N ASN C 369 -35.89 -1.18 -18.26
CA ASN C 369 -35.15 0.04 -18.59
C ASN C 369 -33.71 -0.13 -18.13
N LEU C 370 -32.79 -0.21 -19.10
CA LEU C 370 -31.37 -0.36 -18.81
C LEU C 370 -30.60 0.94 -19.04
N GLN C 371 -31.29 2.08 -18.94
CA GLN C 371 -30.66 3.36 -19.20
C GLN C 371 -29.63 3.71 -18.13
N ARG C 372 -29.96 3.47 -16.86
CA ARG C 372 -29.05 3.83 -15.77
C ARG C 372 -27.72 3.10 -15.90
N ALA C 373 -27.78 1.77 -16.10
CA ALA C 373 -26.56 0.97 -16.17
C ALA C 373 -25.73 1.29 -17.40
N LEU C 374 -26.39 1.43 -18.56
CA LEU C 374 -25.64 1.71 -19.78
C LEU C 374 -25.05 3.11 -19.76
N LEU C 375 -25.75 4.08 -19.17
CA LEU C 375 -25.18 5.40 -18.98
C LEU C 375 -24.02 5.35 -18.00
N GLY C 376 -24.09 4.50 -16.98
CA GLY C 376 -22.93 4.30 -16.13
C GLY C 376 -21.74 3.77 -16.89
N LEU C 377 -21.98 2.83 -17.82
CA LEU C 377 -20.90 2.31 -18.64
C LEU C 377 -20.30 3.40 -19.53
N TRP C 378 -21.15 4.15 -20.22
CA TRP C 378 -20.64 5.14 -21.18
C TRP C 378 -19.99 6.33 -20.48
N ASN C 379 -20.49 6.71 -19.30
CA ASN C 379 -19.84 7.78 -18.55
C ASN C 379 -18.45 7.39 -18.10
N ALA C 380 -18.21 6.09 -17.87
CA ALA C 380 -16.89 5.58 -17.53
C ALA C 380 -16.06 5.24 -18.76
N THR C 381 -16.42 5.78 -19.92
CA THR C 381 -15.76 5.49 -21.18
C THR C 381 -15.26 6.80 -21.79
N GLY C 382 -13.95 6.88 -22.03
CA GLY C 382 -13.42 8.01 -22.77
C GLY C 382 -13.88 8.02 -24.22
N GLY C 383 -13.86 6.87 -24.86
CA GLY C 383 -14.35 6.73 -26.21
C GLY C 383 -14.50 5.27 -26.56
N ALA C 384 -15.42 4.99 -27.47
CA ALA C 384 -15.76 3.61 -27.78
C ALA C 384 -15.94 3.44 -29.27
N THR C 385 -15.58 2.25 -29.74
CA THR C 385 -15.84 1.79 -31.10
C THR C 385 -16.70 0.54 -31.02
N LEU C 386 -17.94 0.64 -31.49
CA LEU C 386 -18.86 -0.50 -31.56
C LEU C 386 -18.72 -1.15 -32.93
N VAL C 387 -18.25 -2.39 -32.97
CA VAL C 387 -17.96 -3.08 -34.22
C VAL C 387 -18.87 -4.30 -34.31
N SER C 388 -19.60 -4.41 -35.41
CA SER C 388 -20.45 -5.58 -35.65
C SER C 388 -20.80 -5.62 -37.14
N ALA C 389 -21.15 -6.82 -37.61
CA ALA C 389 -21.62 -6.95 -38.98
C ALA C 389 -22.98 -6.28 -39.17
N THR C 390 -23.74 -6.10 -38.10
CA THR C 390 -25.05 -5.47 -38.16
C THR C 390 -25.15 -4.46 -37.01
N LEU C 391 -25.23 -3.18 -37.35
CA LEU C 391 -25.50 -2.14 -36.36
C LEU C 391 -26.54 -1.13 -36.81
N PHE C 392 -26.90 -1.12 -38.08
CA PHE C 392 -27.84 -0.13 -38.63
C PHE C 392 -29.08 -0.86 -39.13
N THR C 393 -30.25 -0.25 -38.90
CA THR C 393 -31.48 -0.79 -39.46
C THR C 393 -31.45 -0.75 -40.98
N THR C 394 -31.16 0.42 -41.55
CA THR C 394 -31.00 0.58 -42.99
C THR C 394 -30.04 1.74 -43.23
N GLY C 395 -29.27 1.63 -44.31
CA GLY C 395 -28.24 2.62 -44.58
C GLY C 395 -27.25 2.67 -43.42
N ASP C 396 -26.96 3.88 -42.96
CA ASP C 396 -26.14 4.09 -41.76
C ASP C 396 -26.96 4.69 -40.63
N ASN C 397 -28.21 4.24 -40.49
CA ASN C 397 -29.09 4.69 -39.41
C ASN C 397 -28.86 3.80 -38.19
N GLY C 398 -28.10 4.30 -37.24
CA GLY C 398 -27.81 3.56 -36.02
C GLY C 398 -28.69 3.99 -34.86
N SER C 399 -29.84 4.59 -35.17
CA SER C 399 -30.71 5.11 -34.13
C SER C 399 -31.24 3.98 -33.23
N LEU C 400 -31.65 2.86 -33.82
CA LEU C 400 -32.18 1.76 -33.03
C LEU C 400 -31.11 1.17 -32.12
N THR C 401 -29.90 0.98 -32.64
CA THR C 401 -28.82 0.45 -31.80
C THR C 401 -28.42 1.46 -30.72
N ARG C 402 -28.43 2.75 -31.06
CA ARG C 402 -28.17 3.79 -30.07
C ARG C 402 -29.20 3.73 -28.94
N TRP C 403 -30.47 3.55 -29.29
CA TRP C 403 -31.51 3.40 -28.27
C TRP C 403 -31.32 2.12 -27.46
N LYS C 404 -30.94 1.03 -28.14
CA LYS C 404 -30.75 -0.24 -27.45
C LYS C 404 -29.64 -0.16 -26.41
N LEU C 405 -28.52 0.46 -26.77
CA LEU C 405 -27.38 0.59 -25.87
C LEU C 405 -27.42 1.87 -25.05
N GLU C 406 -28.45 2.71 -25.25
CA GLU C 406 -28.61 3.96 -24.51
C GLU C 406 -27.36 4.84 -24.64
N VAL C 407 -26.75 4.80 -25.81
CA VAL C 407 -25.58 5.65 -26.07
C VAL C 407 -26.03 7.10 -26.15
N PRO C 408 -25.42 8.01 -25.39
CA PRO C 408 -25.84 9.42 -25.44
C PRO C 408 -25.76 9.97 -26.87
N THR C 409 -26.81 10.66 -27.28
CA THR C 409 -26.93 11.08 -28.67
C THR C 409 -25.84 12.08 -29.06
N GLU C 410 -25.36 12.88 -28.11
CA GLU C 410 -24.30 13.83 -28.40
C GLU C 410 -22.97 13.15 -28.68
N ARG C 411 -22.78 11.93 -28.18
CA ARG C 411 -21.53 11.20 -28.37
C ARG C 411 -21.60 10.18 -29.50
N ALA C 412 -22.80 9.83 -29.98
CA ALA C 412 -22.92 8.85 -31.04
C ALA C 412 -22.33 9.39 -32.35
N ALA C 413 -21.59 8.54 -33.05
CA ALA C 413 -20.97 8.91 -34.32
C ALA C 413 -21.13 7.73 -35.27
N PHE C 414 -22.01 7.86 -36.25
CA PHE C 414 -22.31 6.78 -37.17
C PHE C 414 -21.38 6.85 -38.37
N LEU C 415 -20.63 5.77 -38.61
CA LEU C 415 -19.78 5.76 -39.78
C LEU C 415 -20.44 4.98 -40.90
N PRO C 416 -20.20 5.35 -42.16
CA PRO C 416 -20.80 4.62 -43.29
C PRO C 416 -20.38 3.16 -43.28
N PRO C 417 -21.31 2.25 -43.56
CA PRO C 417 -21.00 0.82 -43.43
C PRO C 417 -20.17 0.34 -44.60
N VAL C 418 -19.57 -0.84 -44.39
CA VAL C 418 -18.66 -1.46 -45.35
C VAL C 418 -19.23 -2.83 -45.71
N HIS C 419 -19.80 -2.93 -46.92
CA HIS C 419 -20.41 -4.17 -47.39
C HIS C 419 -20.01 -4.39 -48.84
N PRO C 420 -18.89 -5.08 -49.07
CA PRO C 420 -18.42 -5.26 -50.44
C PRO C 420 -19.38 -6.10 -51.28
N ALA C 421 -19.21 -5.98 -52.60
CA ALA C 421 -20.10 -6.67 -53.52
C ALA C 421 -19.97 -8.19 -53.43
N TRP C 422 -18.84 -8.72 -52.97
CA TRP C 422 -18.68 -10.16 -52.86
C TRP C 422 -19.57 -10.78 -51.80
N THR C 423 -20.20 -9.96 -50.94
CA THR C 423 -21.22 -10.47 -50.03
C THR C 423 -22.54 -10.76 -50.73
N THR C 424 -22.75 -10.16 -51.92
CA THR C 424 -23.96 -10.38 -52.69
C THR C 424 -23.71 -10.94 -54.08
N ALA C 425 -22.45 -11.00 -54.52
CA ALA C 425 -22.15 -11.56 -55.84
C ALA C 425 -22.51 -13.03 -55.96
N PRO C 426 -22.11 -13.93 -55.06
CA PRO C 426 -22.31 -15.37 -55.31
C PRO C 426 -23.65 -15.93 -54.86
N VAL C 427 -24.64 -15.09 -54.59
CA VAL C 427 -25.94 -15.53 -54.09
C VAL C 427 -27.01 -15.26 -55.14
N LEU C 428 -27.88 -16.24 -55.34
CA LEU C 428 -28.96 -16.16 -56.32
C LEU C 428 -30.30 -16.13 -55.59
N LEU C 429 -31.11 -15.13 -55.91
CA LEU C 429 -32.44 -14.98 -55.33
C LEU C 429 -33.48 -15.58 -56.27
N HIS C 430 -34.15 -16.63 -55.81
CA HIS C 430 -35.16 -17.32 -56.60
C HIS C 430 -36.53 -16.71 -56.31
N LYS C 431 -37.29 -16.45 -57.38
CA LYS C 431 -38.56 -15.75 -57.26
C LYS C 431 -39.69 -16.62 -56.72
N GLU C 432 -39.58 -17.95 -56.86
CA GLU C 432 -40.66 -18.83 -56.44
C GLU C 432 -40.78 -18.85 -54.91
N PHE C 433 -42.02 -18.93 -54.44
CA PHE C 433 -42.31 -18.85 -53.02
C PHE C 433 -43.57 -19.63 -52.70
N CYS C 434 -43.72 -19.99 -51.42
CA CYS C 434 -44.95 -20.60 -50.96
C CYS C 434 -46.06 -19.55 -50.95
N ALA C 435 -47.15 -19.82 -51.67
CA ALA C 435 -48.18 -18.81 -51.88
C ALA C 435 -49.13 -18.67 -50.69
N HIS C 436 -49.15 -19.63 -49.77
CA HIS C 436 -50.05 -19.56 -48.63
C HIS C 436 -49.39 -18.79 -47.50
N GLU C 437 -50.15 -17.87 -46.91
CA GLU C 437 -49.60 -17.00 -45.87
C GLU C 437 -49.28 -17.81 -44.61
N PRO C 438 -48.15 -17.56 -43.96
CA PRO C 438 -47.78 -18.33 -42.77
C PRO C 438 -48.69 -18.05 -41.60
N ASP C 439 -49.48 -19.06 -41.21
CA ASP C 439 -50.43 -18.92 -40.11
C ASP C 439 -50.26 -20.04 -39.08
N ASP C 440 -49.10 -20.68 -39.06
CA ASP C 440 -48.82 -21.85 -38.22
C ASP C 440 -49.95 -22.89 -38.27
N SER C 441 -50.27 -23.30 -39.50
CA SER C 441 -51.32 -24.26 -39.79
C SER C 441 -50.80 -25.30 -40.76
N PRO C 442 -51.39 -26.51 -40.78
CA PRO C 442 -50.88 -27.57 -41.67
C PRO C 442 -51.09 -27.34 -43.15
N GLU C 443 -52.05 -26.50 -43.55
CA GLU C 443 -52.17 -26.16 -44.96
C GLU C 443 -50.88 -25.50 -45.46
N TRP C 444 -50.43 -24.47 -44.75
CA TRP C 444 -49.13 -23.88 -45.00
C TRP C 444 -48.03 -24.91 -44.84
N ALA C 445 -48.13 -25.77 -43.81
CA ALA C 445 -47.08 -26.73 -43.55
C ALA C 445 -46.84 -27.59 -44.80
N THR C 446 -47.91 -28.10 -45.39
CA THR C 446 -47.79 -28.93 -46.59
C THR C 446 -47.29 -28.14 -47.79
N GLU C 447 -47.81 -26.92 -48.00
CA GLU C 447 -47.37 -26.17 -49.18
C GLU C 447 -45.90 -25.77 -49.09
N CYS C 448 -45.52 -25.14 -47.98
CA CYS C 448 -44.12 -24.80 -47.74
C CYS C 448 -43.25 -26.04 -47.72
N ALA C 449 -43.79 -27.17 -47.24
CA ALA C 449 -43.10 -28.44 -47.35
C ALA C 449 -42.73 -28.73 -48.79
N GLN C 450 -43.74 -28.87 -49.66
CA GLN C 450 -43.52 -29.08 -51.09
C GLN C 450 -42.42 -28.20 -51.64
N THR C 451 -42.48 -26.89 -51.33
CA THR C 451 -41.45 -25.98 -51.86
C THR C 451 -40.06 -26.32 -51.34
N ILE C 452 -39.94 -26.55 -50.02
CA ILE C 452 -38.64 -26.85 -49.43
C ILE C 452 -38.11 -28.19 -49.93
N GLN C 453 -39.02 -29.15 -50.15
CA GLN C 453 -38.66 -30.45 -50.70
C GLN C 453 -38.07 -30.29 -52.10
N GLY C 454 -38.71 -29.46 -52.92
CA GLY C 454 -38.14 -29.17 -54.23
C GLY C 454 -36.78 -28.50 -54.14
N VAL C 455 -36.61 -27.61 -53.16
CA VAL C 455 -35.30 -26.98 -52.95
C VAL C 455 -34.26 -28.03 -52.57
N ALA C 456 -34.63 -28.96 -51.68
CA ALA C 456 -33.68 -29.96 -51.22
C ALA C 456 -33.30 -30.94 -52.31
N SER C 457 -34.22 -31.24 -53.23
CA SER C 457 -33.89 -32.15 -54.32
C SER C 457 -32.80 -31.58 -55.23
N THR C 458 -32.87 -30.29 -55.51
CA THR C 458 -31.86 -29.63 -56.34
C THR C 458 -30.70 -29.07 -55.52
N ALA C 459 -30.73 -29.20 -54.20
CA ALA C 459 -29.61 -28.72 -53.39
C ALA C 459 -28.34 -29.45 -53.80
N GLN C 460 -27.20 -28.76 -53.65
CA GLN C 460 -25.89 -29.33 -53.90
C GLN C 460 -25.09 -29.52 -52.62
N GLY C 461 -25.72 -29.33 -51.47
CA GLY C 461 -25.08 -29.48 -50.17
C GLY C 461 -26.05 -29.24 -49.03
N GLY C 462 -25.54 -28.72 -47.92
CA GLY C 462 -26.41 -28.45 -46.78
C GLY C 462 -27.45 -27.40 -47.11
N THR C 463 -28.68 -27.65 -46.64
CA THR C 463 -29.80 -26.74 -46.81
C THR C 463 -30.29 -26.31 -45.44
N LEU C 464 -30.42 -25.00 -45.22
CA LEU C 464 -30.85 -24.47 -43.93
C LEU C 464 -32.11 -23.64 -44.12
N VAL C 465 -33.18 -24.03 -43.46
CA VAL C 465 -34.43 -23.27 -43.46
C VAL C 465 -34.63 -22.68 -42.08
N LEU C 466 -35.18 -21.48 -42.03
CA LEU C 466 -35.30 -20.72 -40.79
C LEU C 466 -36.77 -20.49 -40.47
N CYS C 467 -37.16 -20.83 -39.23
CA CYS C 467 -38.53 -20.70 -38.78
C CYS C 467 -38.57 -19.86 -37.51
N THR C 468 -39.75 -19.30 -37.22
CA THR C 468 -39.89 -18.39 -36.10
C THR C 468 -40.39 -19.05 -34.83
N SER C 469 -40.95 -20.26 -34.91
CA SER C 469 -41.50 -20.93 -33.73
C SER C 469 -41.25 -22.42 -33.81
N TYR C 470 -41.23 -23.05 -32.64
CA TYR C 470 -41.15 -24.51 -32.58
C TYR C 470 -42.37 -25.15 -33.22
N GLN C 471 -43.51 -24.47 -33.16
CA GLN C 471 -44.73 -24.95 -33.79
C GLN C 471 -44.52 -25.18 -35.30
N ASN C 472 -44.00 -24.16 -35.99
CA ASN C 472 -43.83 -24.25 -37.43
C ASN C 472 -42.79 -25.30 -37.81
N THR C 473 -41.70 -25.38 -37.04
CA THR C 473 -40.66 -26.35 -37.39
C THR C 473 -41.11 -27.78 -37.10
N GLU C 474 -41.95 -27.97 -36.08
CA GLU C 474 -42.55 -29.30 -35.89
C GLU C 474 -43.43 -29.67 -37.08
N LEU C 475 -44.24 -28.72 -37.57
CA LEU C 475 -45.04 -29.01 -38.75
C LEU C 475 -44.18 -29.36 -39.96
N LEU C 476 -43.15 -28.55 -40.23
CA LEU C 476 -42.31 -28.80 -41.39
C LEU C 476 -41.57 -30.13 -41.26
N ALA C 477 -41.14 -30.46 -40.04
CA ALA C 477 -40.52 -31.76 -39.81
C ALA C 477 -41.48 -32.89 -40.09
N GLY C 478 -42.73 -32.76 -39.63
CA GLY C 478 -43.69 -33.81 -39.88
C GLY C 478 -43.91 -34.06 -41.37
N ARG C 479 -43.94 -32.99 -42.16
CA ARG C 479 -44.25 -33.14 -43.59
C ARG C 479 -43.03 -33.45 -44.45
N LEU C 480 -41.80 -33.18 -43.98
CA LEU C 480 -40.60 -33.50 -44.74
C LEU C 480 -39.82 -34.71 -44.21
N GLY C 481 -40.22 -35.28 -43.07
CA GLY C 481 -39.45 -36.37 -42.50
C GLY C 481 -39.44 -37.61 -43.38
N ALA C 482 -40.58 -37.98 -43.94
CA ALA C 482 -40.61 -39.08 -44.90
C ALA C 482 -39.81 -38.72 -46.15
N ALA C 483 -39.89 -37.46 -46.58
CA ALA C 483 -39.21 -37.07 -47.81
C ALA C 483 -37.70 -37.20 -47.69
N LEU C 484 -37.14 -36.83 -46.55
CA LEU C 484 -35.69 -36.74 -46.47
C LEU C 484 -35.05 -37.66 -45.44
N GLY C 485 -35.75 -37.98 -44.35
CA GLY C 485 -35.31 -39.00 -43.41
C GLY C 485 -33.98 -38.76 -42.73
N ASP C 486 -32.98 -39.57 -43.08
CA ASP C 486 -31.64 -39.41 -42.53
C ASP C 486 -31.10 -38.01 -42.78
N ARG C 487 -31.53 -37.39 -43.87
CA ARG C 487 -31.07 -36.05 -44.24
C ARG C 487 -31.52 -35.02 -43.21
N LEU C 488 -32.70 -35.21 -42.65
CA LEU C 488 -33.38 -34.17 -41.88
C LEU C 488 -32.69 -33.91 -40.54
N ILE C 489 -32.64 -32.64 -40.16
CA ILE C 489 -32.20 -32.21 -38.83
C ILE C 489 -33.20 -31.17 -38.32
N VAL C 490 -33.67 -31.34 -37.09
CA VAL C 490 -34.74 -30.52 -36.54
C VAL C 490 -34.32 -30.02 -35.17
N GLN C 491 -34.28 -28.70 -35.00
CA GLN C 491 -34.16 -28.12 -33.67
C GLN C 491 -35.47 -28.29 -32.91
N SER C 492 -35.35 -28.49 -31.60
CA SER C 492 -36.52 -28.69 -30.75
C SER C 492 -36.19 -28.21 -29.34
N LYS C 493 -37.10 -28.45 -28.41
CA LYS C 493 -36.86 -28.10 -27.02
C LYS C 493 -35.81 -29.02 -26.38
N THR C 494 -35.57 -30.19 -26.96
CA THR C 494 -34.54 -31.09 -26.48
C THR C 494 -33.25 -31.02 -27.29
N SER C 495 -33.33 -30.67 -28.57
CA SER C 495 -32.17 -30.58 -29.44
C SER C 495 -31.79 -29.12 -29.63
N SER C 496 -30.55 -28.78 -29.29
CA SER C 496 -30.09 -27.40 -29.34
C SER C 496 -29.51 -27.07 -30.71
N ALA C 497 -29.34 -25.76 -30.97
CA ALA C 497 -28.81 -25.31 -32.24
C ALA C 497 -27.36 -25.75 -32.44
N ALA C 498 -26.57 -25.80 -31.37
CA ALA C 498 -25.20 -26.30 -31.49
C ALA C 498 -25.17 -27.78 -31.81
N THR C 499 -26.06 -28.56 -31.20
CA THR C 499 -26.15 -29.99 -31.52
C THR C 499 -26.52 -30.21 -32.98
N CYS C 500 -27.48 -29.43 -33.48
CA CYS C 500 -27.85 -29.52 -34.89
C CYS C 500 -26.73 -29.02 -35.80
N LEU C 501 -25.94 -28.05 -35.33
CA LEU C 501 -24.76 -27.64 -36.07
C LEU C 501 -23.77 -28.79 -36.22
N ALA C 502 -23.50 -29.51 -35.11
CA ALA C 502 -22.59 -30.65 -35.17
C ALA C 502 -23.15 -31.74 -36.09
N GLN C 503 -24.45 -32.02 -35.98
CA GLN C 503 -25.09 -32.98 -36.87
C GLN C 503 -24.89 -32.56 -38.33
N PHE C 504 -25.45 -31.41 -38.71
CA PHE C 504 -25.30 -30.81 -40.02
C PHE C 504 -23.89 -30.95 -40.58
N LYS C 505 -22.90 -30.61 -39.76
CA LYS C 505 -21.51 -30.67 -40.22
C LYS C 505 -21.09 -32.10 -40.52
N ALA C 506 -21.40 -33.04 -39.63
CA ALA C 506 -21.03 -34.43 -39.87
C ALA C 506 -21.75 -35.01 -41.09
N LYS C 507 -23.05 -34.72 -41.21
CA LYS C 507 -23.84 -35.23 -42.33
C LYS C 507 -23.32 -34.69 -43.65
N HIS C 508 -22.95 -33.41 -43.70
CA HIS C 508 -22.35 -32.87 -44.91
C HIS C 508 -20.95 -33.46 -45.14
N LYS C 509 -20.23 -33.77 -44.07
CA LYS C 509 -18.94 -34.45 -44.22
C LYS C 509 -19.12 -35.79 -44.91
N ALA C 510 -20.20 -36.51 -44.60
CA ALA C 510 -20.45 -37.79 -45.24
C ALA C 510 -20.64 -37.65 -46.74
N GLY C 511 -21.18 -36.52 -47.19
CA GLY C 511 -21.61 -36.34 -48.56
C GLY C 511 -23.11 -36.38 -48.74
N ILE C 512 -23.85 -36.85 -47.74
CA ILE C 512 -25.29 -36.70 -47.74
C ILE C 512 -25.63 -35.21 -47.67
N ARG C 513 -26.59 -34.77 -48.48
CA ARG C 513 -26.88 -33.34 -48.55
C ARG C 513 -27.92 -32.97 -47.50
N PRO C 514 -27.53 -32.42 -46.35
CA PRO C 514 -28.47 -32.30 -45.24
C PRO C 514 -29.46 -31.16 -45.41
N VAL C 515 -30.51 -31.21 -44.59
CA VAL C 515 -31.46 -30.11 -44.43
C VAL C 515 -31.63 -29.84 -42.94
N TRP C 516 -31.79 -28.55 -42.60
CA TRP C 516 -31.87 -28.11 -41.21
C TRP C 516 -33.08 -27.21 -41.05
N LEU C 517 -33.96 -27.56 -40.11
CA LEU C 517 -35.15 -26.75 -39.81
C LEU C 517 -34.84 -25.94 -38.55
N GLY C 518 -34.06 -24.88 -38.74
CA GLY C 518 -33.54 -24.14 -37.61
C GLY C 518 -34.41 -22.98 -37.15
N LEU C 519 -34.19 -22.59 -35.90
CA LEU C 519 -34.83 -21.41 -35.32
C LEU C 519 -33.89 -20.85 -34.26
N GLY C 520 -34.24 -19.67 -33.76
CA GLY C 520 -33.44 -19.07 -32.70
C GLY C 520 -32.04 -18.76 -33.17
N ALA C 521 -31.05 -19.42 -32.54
CA ALA C 521 -29.65 -19.14 -32.85
C ALA C 521 -29.28 -19.46 -34.29
N ALA C 522 -30.06 -20.30 -34.97
CA ALA C 522 -29.82 -20.53 -36.39
C ALA C 522 -29.95 -19.24 -37.20
N TRP C 523 -30.83 -18.34 -36.76
CA TRP C 523 -30.99 -17.05 -37.42
C TRP C 523 -29.72 -16.22 -37.32
N THR C 524 -29.11 -16.19 -36.14
CA THR C 524 -28.07 -15.23 -35.81
C THR C 524 -26.75 -15.88 -35.39
N GLY C 525 -26.80 -16.85 -34.48
CA GLY C 525 -25.56 -17.29 -33.83
C GLY C 525 -24.67 -18.14 -34.70
N ILE C 526 -25.26 -19.04 -35.49
CA ILE C 526 -24.47 -20.10 -36.11
C ILE C 526 -23.65 -19.54 -37.28
N ASP C 527 -22.43 -20.08 -37.43
CA ASP C 527 -21.56 -19.79 -38.56
C ASP C 527 -21.45 -21.05 -39.40
N LEU C 528 -21.77 -20.95 -40.68
CA LEU C 528 -21.76 -22.10 -41.59
C LEU C 528 -20.73 -21.86 -42.68
N SER C 529 -19.48 -22.16 -42.35
CA SER C 529 -18.38 -22.20 -43.29
C SER C 529 -17.48 -23.35 -42.86
N ASP C 530 -17.04 -24.15 -43.82
CA ASP C 530 -16.34 -25.38 -43.48
C ASP C 530 -14.96 -25.06 -42.91
N HIS C 531 -14.66 -25.65 -41.77
CA HIS C 531 -13.33 -25.52 -41.16
C HIS C 531 -12.32 -26.51 -41.73
N SER C 532 -12.74 -27.41 -42.61
CA SER C 532 -11.83 -28.27 -43.34
C SER C 532 -11.41 -27.69 -44.68
N LEU C 533 -11.90 -26.49 -45.02
CA LEU C 533 -11.48 -25.77 -46.22
C LEU C 533 -11.13 -24.33 -45.89
N PRO C 534 -10.08 -24.10 -45.07
CA PRO C 534 -9.73 -22.71 -44.72
C PRO C 534 -9.32 -21.87 -45.92
N ASP C 535 -8.61 -22.46 -46.89
CA ASP C 535 -8.00 -21.72 -47.98
C ASP C 535 -8.71 -21.92 -49.30
N ASN C 536 -9.81 -22.68 -49.34
CA ASN C 536 -10.54 -22.97 -50.58
C ASN C 536 -12.00 -22.60 -50.39
N PRO C 537 -12.32 -21.30 -50.38
CA PRO C 537 -13.72 -20.89 -50.24
C PRO C 537 -14.59 -21.30 -51.43
N GLU C 538 -14.00 -21.50 -52.60
CA GLU C 538 -14.79 -21.87 -53.77
C GLU C 538 -15.44 -23.23 -53.59
N LEU C 539 -14.71 -24.19 -53.02
CA LEU C 539 -15.21 -25.55 -52.83
C LEU C 539 -16.10 -25.71 -51.60
N ASP C 540 -16.58 -24.61 -51.03
CA ASP C 540 -17.39 -24.65 -49.81
C ASP C 540 -18.86 -24.72 -50.20
N ARG C 541 -19.43 -25.92 -50.10
CA ARG C 541 -20.87 -26.13 -50.26
C ARG C 541 -21.52 -26.58 -48.96
N LEU C 542 -20.91 -26.23 -47.82
CA LEU C 542 -21.47 -26.62 -46.53
C LEU C 542 -22.86 -26.01 -46.34
N LEU C 543 -23.03 -24.76 -46.73
CA LEU C 543 -24.34 -24.11 -46.79
C LEU C 543 -24.54 -23.63 -48.23
N SER C 544 -25.30 -24.39 -49.01
CA SER C 544 -25.56 -24.00 -50.39
C SER C 544 -26.87 -23.25 -50.53
N ASP C 545 -27.90 -23.62 -49.76
CA ASP C 545 -29.22 -23.02 -49.88
C ASP C 545 -29.71 -22.56 -48.52
N LEU C 546 -30.11 -21.29 -48.45
CA LEU C 546 -30.71 -20.69 -47.26
C LEU C 546 -32.15 -20.32 -47.58
N VAL C 547 -33.09 -20.86 -46.81
CA VAL C 547 -34.52 -20.68 -47.03
C VAL C 547 -35.11 -19.97 -45.82
N ILE C 548 -35.90 -18.94 -46.08
CA ILE C 548 -36.57 -18.14 -45.06
C ILE C 548 -38.06 -18.41 -45.16
N THR C 549 -38.59 -19.19 -44.23
CA THR C 549 -40.02 -19.50 -44.26
C THR C 549 -40.87 -18.28 -43.93
N ARG C 550 -40.48 -17.50 -42.94
CA ARG C 550 -41.28 -16.39 -42.46
C ARG C 550 -40.47 -15.10 -42.36
N ILE C 551 -41.18 -13.99 -42.26
CA ILE C 551 -40.58 -12.73 -41.84
C ILE C 551 -40.45 -12.73 -40.33
N PRO C 552 -39.27 -12.44 -39.79
CA PRO C 552 -39.02 -12.60 -38.34
C PRO C 552 -39.65 -11.51 -37.49
N VAL C 553 -40.97 -11.42 -37.53
CA VAL C 553 -41.69 -10.46 -36.72
C VAL C 553 -41.89 -11.04 -35.32
N GLY C 554 -41.62 -10.22 -34.31
CA GLY C 554 -41.81 -10.65 -32.93
C GLY C 554 -40.76 -11.59 -32.40
N GLN C 555 -39.63 -11.72 -33.08
CA GLN C 555 -38.57 -12.64 -32.63
C GLN C 555 -37.84 -12.13 -31.39
N ASN C 556 -38.08 -10.89 -30.98
CA ASN C 556 -37.42 -10.31 -29.81
C ASN C 556 -38.41 -10.31 -28.65
N ARG C 557 -38.09 -11.09 -27.61
CA ARG C 557 -38.94 -11.23 -26.44
C ARG C 557 -38.39 -10.46 -25.23
N SER C 558 -37.39 -9.61 -25.42
CA SER C 558 -36.75 -8.94 -24.30
C SER C 558 -37.63 -7.85 -23.71
N LEU C 559 -37.40 -7.56 -22.43
CA LEU C 559 -38.13 -6.50 -21.74
C LEU C 559 -37.86 -5.15 -22.38
N THR C 560 -36.59 -4.88 -22.70
CA THR C 560 -36.21 -3.60 -23.25
C THR C 560 -36.91 -3.35 -24.58
N HIS C 561 -37.03 -4.37 -25.42
CA HIS C 561 -37.77 -4.21 -26.67
C HIS C 561 -39.26 -4.02 -26.42
N GLU C 562 -39.80 -4.63 -25.36
CA GLU C 562 -41.20 -4.40 -25.02
C GLU C 562 -41.43 -2.92 -24.70
N ARG C 563 -40.59 -2.36 -23.83
CA ARG C 563 -40.71 -0.94 -23.51
C ARG C 563 -40.45 -0.07 -24.74
N ARG C 564 -39.47 -0.46 -25.56
CA ARG C 564 -39.14 0.30 -26.76
C ARG C 564 -40.32 0.35 -27.71
N THR C 565 -41.00 -0.78 -27.90
CA THR C 565 -42.20 -0.80 -28.73
C THR C 565 -43.31 0.04 -28.11
N ALA C 566 -43.56 -0.14 -26.81
CA ALA C 566 -44.60 0.65 -26.15
C ALA C 566 -44.36 2.14 -26.34
N ILE C 567 -43.10 2.56 -26.44
CA ILE C 567 -42.81 3.97 -26.65
C ILE C 567 -42.96 4.34 -28.12
N GLY C 568 -42.38 3.55 -29.02
CA GLY C 568 -42.21 3.98 -30.41
C GLY C 568 -43.18 3.49 -31.45
N GLY C 569 -44.07 2.56 -31.11
CA GLY C 569 -45.04 2.07 -32.07
C GLY C 569 -44.51 0.93 -32.92
N PHE C 570 -45.23 0.67 -34.01
CA PHE C 570 -44.92 -0.45 -34.90
C PHE C 570 -43.59 -0.25 -35.64
N ARG C 571 -43.05 0.96 -35.66
CA ARG C 571 -41.77 1.18 -36.32
C ARG C 571 -40.67 0.35 -35.66
N ILE C 572 -40.71 0.25 -34.33
CA ILE C 572 -39.70 -0.53 -33.61
C ILE C 572 -39.83 -2.02 -33.97
N ILE C 573 -41.05 -2.53 -34.04
CA ILE C 573 -41.25 -3.93 -34.42
C ILE C 573 -40.73 -4.17 -35.83
N SER C 574 -41.07 -3.29 -36.75
CA SER C 574 -40.63 -3.47 -38.15
C SER C 574 -39.11 -3.40 -38.25
N GLN C 575 -38.49 -2.46 -37.54
CA GLN C 575 -37.04 -2.35 -37.56
C GLN C 575 -36.37 -3.58 -36.97
N GLU C 576 -36.90 -4.09 -35.85
CA GLU C 576 -36.34 -5.29 -35.23
C GLU C 576 -36.49 -6.49 -36.16
N ALA C 577 -37.64 -6.60 -36.83
CA ALA C 577 -37.84 -7.70 -37.77
C ALA C 577 -36.88 -7.62 -38.95
N ALA C 578 -36.71 -6.43 -39.52
CA ALA C 578 -35.75 -6.27 -40.62
C ALA C 578 -34.33 -6.52 -40.15
N TRP C 579 -34.04 -6.20 -38.89
CA TRP C 579 -32.73 -6.45 -38.30
C TRP C 579 -32.47 -7.94 -38.19
N HIS C 580 -33.45 -8.69 -37.65
CA HIS C 580 -33.35 -10.14 -37.58
C HIS C 580 -33.22 -10.75 -38.97
N PHE C 581 -33.98 -10.21 -39.94
CA PHE C 581 -33.91 -10.68 -41.31
C PHE C 581 -32.55 -10.45 -41.92
N ARG C 582 -31.94 -9.29 -41.63
CA ARG C 582 -30.58 -9.01 -42.10
C ARG C 582 -29.59 -10.02 -41.53
N GLN C 583 -29.72 -10.35 -40.24
CA GLN C 583 -28.81 -11.36 -39.69
C GLN C 583 -29.03 -12.73 -40.34
N GLY C 584 -30.30 -13.10 -40.55
CA GLY C 584 -30.60 -14.35 -41.23
C GLY C 584 -29.96 -14.42 -42.60
N LEU C 585 -30.02 -13.32 -43.36
CA LEU C 585 -29.25 -13.24 -44.60
C LEU C 585 -27.76 -13.35 -44.34
N GLY C 586 -27.28 -12.78 -43.23
CA GLY C 586 -25.89 -12.88 -42.85
C GLY C 586 -25.44 -14.30 -42.57
N ARG C 587 -26.38 -15.24 -42.39
CA ARG C 587 -26.01 -16.65 -42.30
C ARG C 587 -25.35 -17.18 -43.58
N LEU C 588 -25.50 -16.48 -44.71
CA LEU C 588 -25.26 -17.10 -46.01
C LEU C 588 -23.83 -16.91 -46.52
N VAL C 589 -23.35 -15.68 -46.59
CA VAL C 589 -22.03 -15.38 -47.16
C VAL C 589 -21.11 -14.97 -46.02
N ARG C 590 -20.03 -15.73 -45.81
CA ARG C 590 -19.14 -15.55 -44.68
C ARG C 590 -17.72 -15.18 -45.05
N ARG C 591 -17.35 -15.22 -46.32
CA ARG C 591 -16.00 -14.91 -46.75
C ARG C 591 -16.01 -14.71 -48.26
N PRO C 592 -15.05 -13.96 -48.80
CA PRO C 592 -14.95 -13.84 -50.26
C PRO C 592 -14.48 -15.15 -50.89
N GLY C 593 -14.91 -15.36 -52.13
CA GLY C 593 -14.49 -16.51 -52.90
C GLY C 593 -15.49 -17.66 -52.92
N VAL C 594 -16.47 -17.67 -52.01
CA VAL C 594 -17.49 -18.70 -52.06
C VAL C 594 -18.35 -18.50 -53.30
N THR C 595 -18.99 -19.59 -53.74
CA THR C 595 -19.71 -19.56 -55.00
C THR C 595 -20.90 -20.52 -54.94
N HIS C 596 -21.86 -20.27 -55.83
CA HIS C 596 -23.04 -21.12 -56.00
C HIS C 596 -23.78 -21.32 -54.69
N LYS C 597 -24.20 -20.20 -54.10
CA LYS C 597 -25.02 -20.17 -52.91
C LYS C 597 -26.40 -19.61 -53.28
N ASN C 598 -27.45 -20.22 -52.75
CA ASN C 598 -28.80 -19.91 -53.18
C ASN C 598 -29.63 -19.37 -52.01
N LEU C 599 -30.53 -18.45 -52.33
CA LEU C 599 -31.36 -17.76 -51.35
C LEU C 599 -32.82 -17.90 -51.75
N TRP C 600 -33.60 -18.60 -50.93
CA TRP C 600 -35.03 -18.76 -51.12
C TRP C 600 -35.73 -18.04 -49.98
N VAL C 601 -36.65 -17.13 -50.30
CA VAL C 601 -37.49 -16.48 -49.30
C VAL C 601 -38.94 -16.82 -49.62
N LEU C 602 -39.58 -17.59 -48.75
CA LEU C 602 -40.85 -18.23 -49.03
C LEU C 602 -42.02 -17.59 -48.31
N ASP C 603 -41.85 -16.40 -47.73
CA ASP C 603 -42.95 -15.71 -47.09
C ASP C 603 -43.83 -15.04 -48.13
N ALA C 604 -45.14 -15.15 -47.96
CA ALA C 604 -46.07 -14.64 -48.95
C ALA C 604 -46.14 -13.11 -48.93
N ARG C 605 -46.03 -12.51 -47.75
CA ARG C 605 -46.23 -11.06 -47.64
C ARG C 605 -45.16 -10.25 -48.35
N ILE C 606 -44.00 -10.86 -48.64
CA ILE C 606 -42.95 -10.13 -49.33
C ILE C 606 -43.41 -9.70 -50.74
N TYR C 607 -44.08 -10.60 -51.44
CA TYR C 607 -44.52 -10.34 -52.81
C TYR C 607 -45.94 -9.80 -52.89
N GLY C 608 -46.62 -9.64 -51.75
CA GLY C 608 -47.99 -9.14 -51.77
C GLY C 608 -48.10 -7.67 -52.11
N GLY C 609 -47.04 -6.90 -51.93
CA GLY C 609 -47.07 -5.48 -52.17
C GLY C 609 -47.55 -4.63 -51.02
N ALA C 610 -47.69 -5.20 -49.83
CA ALA C 610 -48.11 -4.43 -48.67
C ALA C 610 -47.01 -3.44 -48.26
N ALA C 611 -47.42 -2.40 -47.54
CA ALA C 611 -46.49 -1.33 -47.17
C ALA C 611 -45.50 -1.79 -46.11
N TRP C 612 -45.97 -2.58 -45.14
CA TRP C 612 -45.13 -2.91 -43.99
C TRP C 612 -43.95 -3.82 -44.36
N VAL C 613 -44.00 -4.47 -45.53
CA VAL C 613 -42.91 -5.35 -45.95
C VAL C 613 -41.86 -4.62 -46.78
N ALA C 614 -42.01 -3.31 -46.98
CA ALA C 614 -41.09 -2.58 -47.86
C ALA C 614 -39.63 -2.66 -47.42
N PRO C 615 -39.26 -2.52 -46.14
CA PRO C 615 -37.84 -2.65 -45.78
C PRO C 615 -37.23 -4.00 -46.15
N PHE C 616 -37.98 -5.08 -46.00
CA PHE C 616 -37.47 -6.40 -46.39
C PHE C 616 -37.25 -6.47 -47.89
N ARG C 617 -38.18 -5.91 -48.67
CA ARG C 617 -37.99 -5.86 -50.12
C ARG C 617 -36.77 -5.05 -50.49
N GLN C 618 -36.55 -3.91 -49.82
CA GLN C 618 -35.37 -3.10 -50.10
C GLN C 618 -34.09 -3.86 -49.76
N ILE C 619 -34.12 -4.62 -48.67
CA ILE C 619 -32.98 -5.48 -48.33
C ILE C 619 -32.72 -6.49 -49.44
N LEU C 620 -33.78 -7.11 -49.94
CA LEU C 620 -33.62 -8.09 -51.02
C LEU C 620 -33.22 -7.45 -52.34
N ASP C 621 -33.45 -6.14 -52.51
CA ASP C 621 -33.07 -5.46 -53.75
C ASP C 621 -31.59 -5.60 -54.05
N ARG C 622 -30.76 -5.79 -53.02
CA ARG C 622 -29.32 -5.93 -53.25
C ARG C 622 -28.97 -7.16 -54.06
N TYR C 623 -29.89 -8.11 -54.20
CA TYR C 623 -29.62 -9.37 -54.86
C TYR C 623 -30.17 -9.38 -56.27
N LYS C 624 -29.54 -10.18 -57.13
CA LYS C 624 -29.99 -10.32 -58.52
C LYS C 624 -29.94 -11.78 -58.94
PG ATP D . 0.26 20.06 -9.98
O1G ATP D . 1.00 20.98 -10.90
O2G ATP D . 1.18 19.25 -9.05
O3G ATP D . -0.80 20.77 -9.14
PB ATP D . -0.40 18.04 -12.12
O1B ATP D . 1.00 17.95 -12.58
O2B ATP D . -1.09 16.71 -11.84
O3B ATP D . -0.55 18.95 -10.81
PA ATP D . -1.85 20.32 -13.36
O1A ATP D . -0.75 21.23 -13.75
O2A ATP D . -2.59 20.70 -12.07
O3A ATP D . -1.32 18.83 -13.17
O5' ATP D . -2.91 20.16 -14.51
C5' ATP D . -2.51 19.81 -15.85
C4' ATP D . -3.45 20.48 -16.83
O4' ATP D . -4.55 19.59 -17.14
C3' ATP D . -4.07 21.79 -16.35
O3' ATP D . -4.11 22.76 -17.39
C2' ATP D . -5.48 21.36 -15.92
O2' ATP D . -6.42 22.42 -16.04
C1' ATP D . -5.78 20.26 -16.94
N9 ATP D . -6.77 19.28 -16.50
C8 ATP D . -7.04 18.90 -15.21
N7 ATP D . -7.99 18.00 -15.12
C5 ATP D . -8.38 17.79 -16.42
C6 ATP D . -9.36 16.96 -17.01
N6 ATP D . -10.15 16.15 -16.32
N1 ATP D . -9.48 16.98 -18.35
C2 ATP D . -8.69 17.80 -19.06
N3 ATP D . -7.74 18.63 -18.62
C4 ATP D . -7.63 18.58 -17.29
PG ATP E . 13.01 -1.61 42.61
O1G ATP E . 12.51 -1.73 41.21
O2G ATP E . 13.00 -2.94 43.39
O3G ATP E . 14.41 -0.99 42.72
PB ATP E . 11.79 -0.26 44.99
O1B ATP E . 13.03 -0.31 45.79
O2B ATP E . 10.60 -1.09 45.46
O3B ATP E . 12.07 -0.64 43.48
PA ATP E . 11.57 2.59 45.74
O1A ATP E . 12.97 3.06 45.65
O2A ATP E . 11.09 2.29 47.16
O3A ATP E . 11.32 1.26 44.90
O5' ATP E . 10.55 3.64 45.16
C5' ATP E . 9.53 4.23 45.99
C4' ATP E . 9.87 5.68 46.28
O4' ATP E . 9.81 5.92 47.70
C3' ATP E . 11.26 6.14 45.82
O3' ATP E . 11.18 7.40 45.16
C2' ATP E . 12.05 6.23 47.13
O2' ATP E . 13.06 7.24 47.07
C1' ATP E . 10.95 6.64 48.11
N9 ATP E . 11.24 6.32 49.50
C8 ATP E . 11.18 5.09 50.10
N7 ATP E . 11.50 5.09 51.37
C5 ATP E . 11.77 6.42 51.63
C6 ATP E . 12.18 7.10 52.81
N6 ATP E . 12.37 6.49 53.98
N1 ATP E . 12.37 8.43 52.72
C2 ATP E . 12.19 9.04 51.54
N3 ATP E . 11.82 8.51 50.38
C4 ATP E . 11.63 7.19 50.49
PG ATP F . -15.20 -10.75 -36.36
O1G ATP F . -16.12 -11.91 -36.41
O2G ATP F . -15.82 -9.49 -35.73
O3G ATP F . -13.87 -11.05 -35.65
PB ATP F . -15.02 -10.70 -39.37
O1B ATP F . -15.04 -9.52 -40.25
O2B ATP F . -16.27 -11.57 -39.40
O3B ATP F . -14.76 -10.29 -37.84
PA ATP F . -12.50 -12.17 -38.86
O1A ATP F . -12.88 -12.85 -37.61
O2A ATP F . -11.54 -10.98 -38.70
O3A ATP F . -13.77 -11.65 -39.67
O5' ATP F . -11.84 -13.19 -39.87
C5' ATP F . -11.39 -12.78 -41.18
C4' ATP F . -10.48 -13.84 -41.73
O4' ATP F . -9.73 -13.31 -42.85
C3' ATP F . -9.43 -14.36 -40.76
O3' ATP F . -9.06 -15.70 -41.07
C2' ATP F . -8.26 -13.40 -40.99
O2' ATP F . -7.01 -13.99 -40.67
C1' ATP F . -8.37 -13.15 -42.50
N9 ATP F . -7.94 -11.82 -42.92
C8 ATP F . -8.15 -10.63 -42.26
N7 ATP F . -7.66 -9.58 -42.87
C5 ATP F . -7.07 -10.11 -44.01
C6 ATP F . -6.37 -9.53 -45.08
N6 ATP F . -6.13 -8.22 -45.18
N1 ATP F . -5.93 -10.34 -46.07
C2 ATP F . -6.17 -11.65 -45.98
N3 ATP F . -6.82 -12.32 -45.01
C4 ATP F . -7.25 -11.49 -44.05
#